data_9FFV
#
_entry.id   9FFV
#
_cell.length_a   1.00
_cell.length_b   1.00
_cell.length_c   1.00
_cell.angle_alpha   90.00
_cell.angle_beta   90.00
_cell.angle_gamma   90.00
#
_symmetry.space_group_name_H-M   'P 1'
#
loop_
_entity.id
_entity.type
_entity.pdbx_description
1 polymer 'Gamma-aminobutyric acid receptor subunit alpha-1'
2 polymer 'Gamma-aminobutyric acid receptor subunit beta-3'
3 polymer 'Isoform 1 of Gamma-aminobutyric acid receptor subunit gamma-2'
4 polymer Nanobody38
5 branched alpha-D-mannopyranose-(1-2)-alpha-D-mannopyranose-(1-2)-alpha-D-mannopyranose-(1-3)-[alpha-D-mannopyranose-(1-2)-alpha-D-mannopyranose-(1-6)-[alpha-D-mannopyranose-(1-3)]alpha-D-mannopyranose-(1-6)]beta-D-mannopyranose-(1-4)-2-acetamido-2-deoxy-beta-D-glucopyranose-(1-4)-2-acetamido-2-deoxy-beta-D-glucopyranose
6 branched 2-acetamido-2-deoxy-beta-D-glucopyranose-(1-4)-2-acetamido-2-deoxy-beta-D-glucopyranose
7 branched alpha-D-mannopyranose-(1-3)-alpha-D-mannopyranose-(1-6)-[alpha-D-mannopyranose-(1-3)]beta-D-mannopyranose-(1-4)-2-acetamido-2-deoxy-beta-D-glucopyranose-(1-4)-2-acetamido-2-deoxy-beta-D-glucopyranose
8 branched alpha-D-mannopyranose-(1-3)-[alpha-D-mannopyranose-(1-6)]beta-D-mannopyranose-(1-4)-2-acetamido-2-deoxy-beta-D-glucopyranose-(1-4)-2-acetamido-2-deoxy-beta-D-glucopyranose
9 non-polymer DECANE
10 non-polymer 'CHLORIDE ION'
11 water water
#
loop_
_entity_poly.entity_id
_entity_poly.type
_entity_poly.pdbx_seq_one_letter_code
_entity_poly.pdbx_strand_id
1 'polypeptide(L)'
;MDEKTTGWRGGHVVEGLAGELEQLRARLEHHPQGQREPDYDIPTTENLYFQGTGQPSQDELKDNTTVFTRILDRLLDGYD
NRLRPGLGERVTEVKTDIFVTSFGPVSDHDMEYTIDVFFRQSWKDERLKFKGPMTVLRLNNLMASKIWTPDTFFHNGKKS
VAHNMTMPNKLLRITEDGTLLYTMRLTVRAECPMHLEDFPMDAHACPLKFGSYAYTRAEVVYEWTREPARSVVVAEDGSR
LNQYDLLGQTVDSGIVQSSTGEYVVMTTHFHLKRKIGYFVIQTYLPCIMTVILSQVSFWLNRESVPARTVFGVTTVLTMT
TLSISARNSLPKVAYATAMDWFIAVCYAFVFSALIEFATVNYFTKSQPARAAKIDRLSRIAFPLLFGIFNLVYWATYLNR
EPQLKAPTPHQ
;
A,D
2 'polypeptide(L)'
;MDEKTTGWRGGHVVEGLAGELEQLRARLEHHPQGQREPDYDIPTTENLYFQGTGQSVNDPGNMSFVKETVDKLLKGYDIR
LRPDFGGPPVCVGMNIDIASIDMVSEVNMDYTLTMYFQQYWRDKRLAYSGIPLNLTLDNRVADQLWVPDTYFLNDKKSFV
HGVTVKNRMIRLHPDGTVLYGLRITTTAACMMDLRRYPLDEQNCTLEIESYGYTTDDIEFYWRGGDKAVTGVERIELPQF
SIVEHRLVSRNVVFATGAYPRLSLSFRLKRNIGYFILQTYMPSILITILSWVSFWINYDASAARVALGITTVLTMTTINT
HLRETLPKIPYVKAIDMYLMGCFVFVFLALLEYAFVNYIFFSQPARAAAIDRWSRIVFPFTFSLFNLVYWLYYVN
;
B,E
3 'polypeptide(L)'
;TGQKSDDDYEDYTSNKTWVLTPKVPEGDVTVILNNLLEGYDNKLRPDIGVKPTLIHTDMYVNSIGPVNAINMEYTIDIFF
AQTWYDRRLKFNSTIKVLRLNSNMVGKIWIPDTFFRNSKKADAHWITTPNRMLRIWNDGRVLYTLRLTIDAECQLQLHNF
PMDEHSCPLEFSSYGYPREEIVYQWKRSSVEVGDTRSWRLYQFSFVGLRNTTEVVKTTSGDYVVMSVYFDLSRRMGYFTI
QTYIPCTLIVVLSWVSFWINKDAVPARTSLGITTVLTMTTLSTIARKSLPKVSYVTAMDLFVSVCFIFVFSALVEYGTLH
YFVSSQPARAAKMDSYARIFFPTAFCLFNLVYWVSYLYLGTGGTTETSQVAPA
;
C
4 'polypeptide(L)'
;QVQLQESGGGLVQAGGSLRVSCAASGRTFTTYIMAWFRQAPGKEREFLAAMDQGRIQYYGDSVRGRFTISRDYAKNSVDL
QLDGLRPEDTAVYYCAAGAGFWGLRTASSYHYWGQGTQVTVSSHHHHHHEPEA
;
F
#
loop_
_chem_comp.id
_chem_comp.type
_chem_comp.name
_chem_comp.formula
BMA D-saccharide, beta linking beta-D-mannopyranose 'C6 H12 O6'
CL non-polymer 'CHLORIDE ION' 'Cl -1'
D10 non-polymer DECANE 'C10 H22'
MAN D-saccharide, alpha linking alpha-D-mannopyranose 'C6 H12 O6'
NAG D-saccharide, beta linking 2-acetamido-2-deoxy-beta-D-glucopyranose 'C8 H15 N O6'
#
# COMPACT_ATOMS: atom_id res chain seq x y z
N ASP A 63 -18.51 29.30 -47.79
CA ASP A 63 -19.71 28.91 -47.06
C ASP A 63 -19.54 27.55 -46.40
N ASN A 64 -18.36 26.95 -46.58
CA ASN A 64 -18.09 25.64 -45.98
C ASN A 64 -18.12 25.71 -44.46
N THR A 65 -17.57 26.79 -43.88
CA THR A 65 -17.61 26.95 -42.44
C THR A 65 -19.04 27.10 -41.94
N THR A 66 -19.87 27.86 -42.66
CA THR A 66 -21.27 28.03 -42.26
C THR A 66 -22.03 26.72 -42.41
N VAL A 67 -21.71 25.93 -43.44
CA VAL A 67 -22.37 24.64 -43.63
C VAL A 67 -22.11 23.72 -42.45
N PHE A 68 -20.86 23.65 -41.99
CA PHE A 68 -20.52 22.79 -40.86
C PHE A 68 -21.23 23.23 -39.59
N THR A 69 -21.31 24.54 -39.36
CA THR A 69 -21.97 25.05 -38.16
C THR A 69 -23.46 24.74 -38.16
N ARG A 70 -24.11 24.85 -39.33
CA ARG A 70 -25.55 24.60 -39.40
C ARG A 70 -25.89 23.16 -39.02
N ILE A 71 -25.09 22.20 -39.51
CA ILE A 71 -25.37 20.80 -39.22
C ILE A 71 -25.23 20.52 -37.73
N LEU A 72 -24.28 21.18 -37.08
CA LEU A 72 -24.07 20.97 -35.65
C LEU A 72 -25.25 21.50 -34.83
N ASP A 73 -25.82 22.64 -35.24
CA ASP A 73 -26.87 23.28 -34.46
C ASP A 73 -28.26 22.71 -34.75
N ARG A 74 -28.38 21.74 -35.65
CA ARG A 74 -29.69 21.20 -35.99
C ARG A 74 -29.94 19.80 -35.45
N LEU A 75 -28.88 19.03 -35.21
CA LEU A 75 -29.06 17.62 -34.87
C LEU A 75 -29.80 17.45 -33.54
N LEU A 76 -29.44 18.24 -32.54
CA LEU A 76 -29.98 18.07 -31.19
C LEU A 76 -31.27 18.82 -30.97
N ASP A 77 -32.00 19.15 -32.03
CA ASP A 77 -33.28 19.85 -31.91
C ASP A 77 -34.39 18.81 -31.83
N GLY A 78 -35.13 18.83 -30.72
CA GLY A 78 -36.13 17.81 -30.46
C GLY A 78 -35.58 16.48 -30.03
N TYR A 79 -34.34 16.46 -29.54
CA TYR A 79 -33.66 15.23 -29.14
C TYR A 79 -33.68 15.09 -27.62
N ASP A 80 -34.15 13.95 -27.14
CA ASP A 80 -34.17 13.64 -25.71
C ASP A 80 -33.14 12.56 -25.43
N ASN A 81 -32.15 12.88 -24.61
CA ASN A 81 -31.08 11.94 -24.29
C ASN A 81 -31.44 10.98 -23.16
N ARG A 82 -32.63 11.10 -22.59
CA ARG A 82 -33.08 10.19 -21.55
C ARG A 82 -33.71 8.93 -22.10
N LEU A 83 -33.77 8.78 -23.43
CA LEU A 83 -34.38 7.63 -24.08
C LEU A 83 -33.36 7.00 -25.01
N ARG A 84 -33.22 5.68 -24.93
CA ARG A 84 -32.32 4.97 -25.82
C ARG A 84 -32.91 4.93 -27.24
N PRO A 85 -32.06 4.79 -28.26
CA PRO A 85 -32.58 4.66 -29.62
C PRO A 85 -33.46 3.43 -29.76
N GLY A 86 -34.57 3.58 -30.49
CA GLY A 86 -35.49 2.49 -30.67
C GLY A 86 -36.27 2.11 -29.43
N LEU A 87 -36.40 3.01 -28.47
CA LEU A 87 -37.14 2.71 -27.25
C LEU A 87 -38.60 2.39 -27.56
N GLY A 88 -39.04 1.22 -27.11
CA GLY A 88 -40.39 0.77 -27.39
C GLY A 88 -40.60 0.18 -28.77
N GLU A 89 -39.54 0.06 -29.57
CA GLU A 89 -39.67 -0.45 -30.92
C GLU A 89 -38.73 -1.61 -31.23
N ARG A 90 -37.50 -1.58 -30.71
CA ARG A 90 -36.52 -2.60 -31.03
C ARG A 90 -35.43 -2.60 -29.98
N VAL A 91 -34.57 -3.61 -30.04
CA VAL A 91 -33.45 -3.76 -29.12
C VAL A 91 -32.25 -3.01 -29.69
N THR A 92 -31.56 -2.25 -28.82
CA THR A 92 -30.37 -1.53 -29.23
C THR A 92 -29.18 -2.48 -29.29
N GLU A 93 -28.52 -2.53 -30.43
CA GLU A 93 -27.36 -3.40 -30.64
CA GLU A 93 -27.36 -3.40 -30.64
C GLU A 93 -26.09 -2.58 -30.56
N VAL A 94 -25.16 -3.01 -29.72
CA VAL A 94 -23.88 -2.32 -29.53
C VAL A 94 -22.76 -3.27 -29.91
N LYS A 95 -21.92 -2.85 -30.85
CA LYS A 95 -20.76 -3.63 -31.28
C LYS A 95 -19.52 -3.09 -30.57
N THR A 96 -18.74 -3.99 -29.98
CA THR A 96 -17.62 -3.62 -29.14
C THR A 96 -16.37 -4.38 -29.57
N ASP A 97 -15.23 -3.69 -29.51
CA ASP A 97 -13.93 -4.32 -29.66
C ASP A 97 -12.93 -3.62 -28.74
N ILE A 98 -11.88 -4.35 -28.37
CA ILE A 98 -10.92 -3.88 -27.37
C ILE A 98 -9.52 -4.03 -27.92
N PHE A 99 -8.69 -3.00 -27.76
CA PHE A 99 -7.27 -3.08 -28.02
C PHE A 99 -6.52 -2.91 -26.71
N VAL A 100 -5.67 -3.87 -26.37
CA VAL A 100 -4.92 -3.86 -25.12
C VAL A 100 -3.52 -3.33 -25.40
N THR A 101 -3.19 -2.20 -24.79
CA THR A 101 -1.87 -1.61 -24.97
C THR A 101 -0.84 -2.13 -23.99
N SER A 102 -1.27 -2.51 -22.78
CA SER A 102 -0.35 -3.06 -21.80
C SER A 102 -1.13 -3.87 -20.78
N PHE A 103 -0.73 -5.13 -20.61
CA PHE A 103 -1.29 -5.98 -19.55
C PHE A 103 -0.41 -5.79 -18.32
N GLY A 104 -0.87 -4.94 -17.40
CA GLY A 104 -0.04 -4.42 -16.34
C GLY A 104 0.28 -5.44 -15.27
N PRO A 105 0.78 -4.96 -14.13
CA PRO A 105 1.23 -5.88 -13.08
C PRO A 105 0.08 -6.68 -12.48
N VAL A 106 0.42 -7.89 -12.05
CA VAL A 106 -0.51 -8.78 -11.36
C VAL A 106 -0.07 -8.84 -9.89
N SER A 107 -1.01 -8.57 -8.99
CA SER A 107 -0.73 -8.58 -7.55
C SER A 107 -1.32 -9.85 -6.96
N ASP A 108 -0.46 -10.76 -6.49
CA ASP A 108 -0.93 -11.99 -5.87
C ASP A 108 -1.47 -11.74 -4.47
N HIS A 109 -0.95 -10.71 -3.79
CA HIS A 109 -1.44 -10.40 -2.45
C HIS A 109 -2.89 -9.95 -2.47
N ASP A 110 -3.22 -9.00 -3.35
CA ASP A 110 -4.58 -8.48 -3.45
C ASP A 110 -5.45 -9.24 -4.44
N MET A 111 -4.88 -10.17 -5.19
CA MET A 111 -5.60 -10.93 -6.21
C MET A 111 -6.30 -10.00 -7.21
N GLU A 112 -5.48 -9.17 -7.85
CA GLU A 112 -5.97 -8.17 -8.78
C GLU A 112 -4.91 -7.92 -9.84
N TYR A 113 -5.33 -7.30 -10.94
CA TYR A 113 -4.42 -6.97 -12.02
C TYR A 113 -4.87 -5.67 -12.68
N THR A 114 -3.95 -5.06 -13.41
CA THR A 114 -4.18 -3.78 -14.09
C THR A 114 -4.06 -3.98 -15.59
N ILE A 115 -4.90 -3.29 -16.35
CA ILE A 115 -4.88 -3.39 -17.81
C ILE A 115 -5.24 -2.03 -18.39
N ASP A 116 -4.55 -1.65 -19.46
CA ASP A 116 -4.80 -0.40 -20.19
C ASP A 116 -5.35 -0.74 -21.56
N VAL A 117 -6.51 -0.17 -21.91
CA VAL A 117 -7.22 -0.54 -23.12
C VAL A 117 -7.74 0.68 -23.84
N PHE A 118 -7.98 0.52 -25.14
CA PHE A 118 -8.82 1.40 -25.93
C PHE A 118 -10.17 0.71 -26.10
N PHE A 119 -11.23 1.36 -25.62
CA PHE A 119 -12.56 0.77 -25.64
C PHE A 119 -13.38 1.42 -26.74
N ARG A 120 -13.88 0.60 -27.67
CA ARG A 120 -14.62 1.08 -28.84
CA ARG A 120 -14.62 1.08 -28.84
C ARG A 120 -16.01 0.48 -28.85
N GLN A 121 -17.02 1.34 -29.07
CA GLN A 121 -18.41 0.91 -29.12
C GLN A 121 -19.08 1.56 -30.33
N SER A 122 -20.06 0.86 -30.90
CA SER A 122 -20.71 1.31 -32.11
C SER A 122 -22.18 0.91 -32.09
N TRP A 123 -23.06 1.86 -32.39
CA TRP A 123 -24.50 1.60 -32.45
C TRP A 123 -25.12 2.60 -33.42
N LYS A 124 -26.41 2.41 -33.68
CA LYS A 124 -27.15 3.21 -34.65
C LYS A 124 -28.22 4.03 -33.95
N ASP A 125 -28.31 5.31 -34.31
CA ASP A 125 -29.31 6.22 -33.75
C ASP A 125 -29.91 7.03 -34.89
N GLU A 126 -31.14 6.68 -35.28
CA GLU A 126 -31.78 7.33 -36.42
C GLU A 126 -32.07 8.80 -36.18
N ARG A 127 -32.17 9.23 -34.91
CA ARG A 127 -32.47 10.62 -34.60
C ARG A 127 -31.32 11.56 -34.99
N LEU A 128 -30.15 11.04 -35.32
CA LEU A 128 -28.98 11.85 -35.60
C LEU A 128 -28.53 11.72 -37.06
N LYS A 129 -29.48 11.59 -37.98
CA LYS A 129 -29.16 11.60 -39.40
C LYS A 129 -29.03 13.02 -39.91
N PHE A 130 -28.24 13.19 -40.96
CA PHE A 130 -28.05 14.50 -41.57
C PHE A 130 -27.65 14.32 -43.02
N LYS A 131 -27.78 15.41 -43.79
CA LYS A 131 -27.34 15.46 -45.17
C LYS A 131 -26.42 16.65 -45.35
N GLY A 132 -25.27 16.43 -45.97
CA GLY A 132 -24.30 17.47 -46.19
C GLY A 132 -23.17 17.04 -47.09
N PRO A 133 -22.25 17.96 -47.40
CA PRO A 133 -21.10 17.60 -48.24
C PRO A 133 -20.23 16.51 -47.63
N MET A 134 -20.10 16.47 -46.31
CA MET A 134 -19.31 15.46 -45.63
C MET A 134 -20.20 14.32 -45.14
N THR A 135 -19.55 13.23 -44.74
CA THR A 135 -20.25 12.05 -44.27
C THR A 135 -19.90 11.65 -42.85
N VAL A 136 -18.96 12.34 -42.19
CA VAL A 136 -18.55 12.04 -40.83
C VAL A 136 -18.42 13.34 -40.06
N LEU A 137 -18.91 13.35 -38.82
CA LEU A 137 -18.82 14.51 -37.95
C LEU A 137 -18.16 14.13 -36.64
N ARG A 138 -17.33 15.02 -36.11
CA ARG A 138 -16.74 14.87 -34.78
CA ARG A 138 -16.74 14.87 -34.78
C ARG A 138 -17.44 15.81 -33.82
N LEU A 139 -17.80 15.29 -32.65
CA LEU A 139 -18.53 16.06 -31.66
C LEU A 139 -17.59 16.57 -30.58
N ASN A 140 -17.77 17.83 -30.21
CA ASN A 140 -17.12 18.38 -29.02
C ASN A 140 -17.62 17.65 -27.79
N ASN A 141 -16.74 17.51 -26.79
CA ASN A 141 -17.08 16.72 -25.62
C ASN A 141 -18.22 17.35 -24.82
N LEU A 142 -18.41 18.67 -24.95
CA LEU A 142 -19.61 19.29 -24.38
C LEU A 142 -20.86 18.82 -25.12
N MET A 143 -20.79 18.70 -26.44
CA MET A 143 -21.91 18.18 -27.22
C MET A 143 -22.02 16.66 -27.11
N ALA A 144 -20.89 15.96 -26.98
CA ALA A 144 -20.93 14.51 -26.87
C ALA A 144 -21.59 14.04 -25.58
N SER A 145 -21.76 14.94 -24.60
CA SER A 145 -22.49 14.63 -23.38
C SER A 145 -23.98 14.93 -23.50
N LYS A 146 -24.44 15.35 -24.68
CA LYS A 146 -25.84 15.65 -24.91
C LYS A 146 -26.61 14.51 -25.54
N ILE A 147 -25.92 13.49 -26.06
CA ILE A 147 -26.57 12.37 -26.73
C ILE A 147 -26.50 11.14 -25.85
N TRP A 148 -27.34 10.15 -26.19
CA TRP A 148 -27.39 8.91 -25.45
C TRP A 148 -26.19 8.03 -25.80
N THR A 149 -25.52 7.51 -24.78
CA THR A 149 -24.45 6.55 -24.92
C THR A 149 -24.71 5.36 -24.02
N PRO A 150 -24.17 4.19 -24.34
CA PRO A 150 -24.37 3.03 -23.49
C PRO A 150 -23.75 3.21 -22.11
N ASP A 151 -24.39 2.63 -21.10
CA ASP A 151 -23.90 2.68 -19.73
C ASP A 151 -23.11 1.41 -19.39
N THR A 152 -22.01 1.23 -20.11
CA THR A 152 -21.18 0.05 -19.93
C THR A 152 -20.33 0.17 -18.67
N PHE A 153 -20.24 -0.93 -17.93
CA PHE A 153 -19.42 -0.99 -16.72
C PHE A 153 -18.78 -2.38 -16.64
N PHE A 154 -17.70 -2.48 -15.89
CA PHE A 154 -16.98 -3.73 -15.71
C PHE A 154 -17.44 -4.42 -14.43
N HIS A 155 -17.93 -5.65 -14.57
CA HIS A 155 -18.53 -6.35 -13.44
C HIS A 155 -17.52 -6.59 -12.32
N ASN A 156 -16.30 -7.00 -12.67
CA ASN A 156 -15.28 -7.30 -11.69
C ASN A 156 -14.27 -6.19 -11.50
N GLY A 157 -14.58 -4.97 -11.95
CA GLY A 157 -13.69 -3.86 -11.74
C GLY A 157 -13.70 -3.37 -10.30
N LYS A 158 -12.54 -2.90 -9.85
CA LYS A 158 -12.37 -2.42 -8.49
C LYS A 158 -12.32 -0.89 -8.41
N LYS A 159 -11.44 -0.26 -9.18
CA LYS A 159 -11.44 1.20 -9.30
C LYS A 159 -10.74 1.54 -10.60
N SER A 160 -11.48 2.06 -11.56
CA SER A 160 -10.97 2.33 -12.89
C SER A 160 -10.81 3.83 -13.11
N VAL A 161 -9.99 4.18 -14.11
CA VAL A 161 -9.63 5.56 -14.38
C VAL A 161 -9.90 5.85 -15.85
N ALA A 162 -10.61 6.94 -16.11
CA ALA A 162 -10.75 7.50 -17.44
C ALA A 162 -9.78 8.67 -17.57
N HIS A 163 -8.87 8.59 -18.53
CA HIS A 163 -7.79 9.57 -18.64
C HIS A 163 -8.31 10.85 -19.28
N ASN A 164 -7.91 12.00 -18.71
CA ASN A 164 -8.24 13.29 -19.29
C ASN A 164 -7.03 14.24 -19.31
N MET A 165 -5.87 13.74 -19.68
CA MET A 165 -4.67 14.55 -19.83
C MET A 165 -4.20 14.50 -21.29
N THR A 166 -4.05 15.66 -21.91
CA THR A 166 -4.30 16.96 -21.29
C THR A 166 -5.76 17.36 -21.39
N MET A 167 -6.53 16.56 -22.13
CA MET A 167 -7.96 16.74 -22.32
C MET A 167 -8.61 15.37 -22.26
N PRO A 168 -9.93 15.31 -22.07
CA PRO A 168 -10.60 14.00 -22.00
C PRO A 168 -10.31 13.15 -23.23
N ASN A 169 -9.88 11.92 -22.99
CA ASN A 169 -9.48 11.01 -24.06
C ASN A 169 -10.69 10.26 -24.61
N LYS A 170 -11.64 11.04 -25.12
CA LYS A 170 -12.87 10.52 -25.71
C LYS A 170 -13.01 11.05 -27.13
N LEU A 171 -13.64 10.25 -27.98
CA LEU A 171 -13.90 10.65 -29.36
C LEU A 171 -15.21 10.03 -29.81
N LEU A 172 -16.07 10.85 -30.42
CA LEU A 172 -17.39 10.43 -30.87
C LEU A 172 -17.61 10.90 -32.29
N ARG A 173 -17.82 9.97 -33.21
CA ARG A 173 -18.00 10.26 -34.62
C ARG A 173 -19.42 9.87 -35.04
N ILE A 174 -20.04 10.74 -35.83
CA ILE A 174 -21.40 10.51 -36.34
C ILE A 174 -21.33 10.47 -37.86
N THR A 175 -21.91 9.43 -38.46
CA THR A 175 -22.03 9.33 -39.90
C THR A 175 -23.42 9.79 -40.33
N GLU A 176 -23.59 9.92 -41.66
CA GLU A 176 -24.83 10.47 -42.19
C GLU A 176 -26.00 9.51 -42.01
N ASP A 177 -25.76 8.21 -42.10
CA ASP A 177 -26.83 7.25 -41.94
C ASP A 177 -27.28 7.09 -40.48
N GLY A 178 -26.55 7.68 -39.53
CA GLY A 178 -26.93 7.63 -38.13
C GLY A 178 -26.06 6.74 -37.25
N THR A 179 -24.91 6.27 -37.74
CA THR A 179 -24.06 5.39 -36.97
C THR A 179 -23.11 6.20 -36.10
N LEU A 180 -22.92 5.75 -34.86
CA LEU A 180 -22.07 6.43 -33.89
C LEU A 180 -20.90 5.53 -33.51
N LEU A 181 -19.69 6.08 -33.59
CA LEU A 181 -18.48 5.39 -33.13
C LEU A 181 -17.93 6.13 -31.93
N TYR A 182 -17.73 5.40 -30.82
CA TYR A 182 -17.39 6.00 -29.54
C TYR A 182 -16.18 5.27 -28.97
N THR A 183 -15.07 5.98 -28.84
CA THR A 183 -13.81 5.41 -28.36
C THR A 183 -13.34 6.15 -27.12
N MET A 184 -12.70 5.41 -26.22
CA MET A 184 -12.16 6.00 -24.99
C MET A 184 -10.95 5.18 -24.54
N ARG A 185 -10.11 5.83 -23.72
CA ARG A 185 -8.92 5.20 -23.16
C ARG A 185 -9.11 5.05 -21.66
N LEU A 186 -8.90 3.83 -21.15
CA LEU A 186 -9.21 3.50 -19.77
C LEU A 186 -8.09 2.67 -19.16
N THR A 187 -7.94 2.78 -17.85
CA THR A 187 -7.12 1.87 -17.05
C THR A 187 -8.04 1.18 -16.05
N VAL A 188 -8.02 -0.15 -16.06
CA VAL A 188 -8.96 -0.96 -15.30
C VAL A 188 -8.19 -1.82 -14.30
N ARG A 189 -8.61 -1.76 -13.03
CA ARG A 189 -8.11 -2.65 -12.00
C ARG A 189 -9.22 -3.65 -11.68
N ALA A 190 -8.98 -4.92 -11.98
CA ALA A 190 -10.00 -5.95 -11.90
C ALA A 190 -9.58 -7.05 -10.93
N GLU A 191 -10.54 -7.93 -10.62
CA GLU A 191 -10.32 -9.01 -9.66
C GLU A 191 -9.96 -10.30 -10.39
N CYS A 192 -8.93 -10.98 -9.89
CA CYS A 192 -8.52 -12.28 -10.41
C CYS A 192 -8.33 -13.23 -9.24
N PRO A 193 -9.40 -13.87 -8.77
CA PRO A 193 -9.26 -14.88 -7.71
C PRO A 193 -8.37 -16.03 -8.17
N MET A 194 -7.51 -16.49 -7.26
CA MET A 194 -6.47 -17.46 -7.59
C MET A 194 -6.54 -18.66 -6.66
N HIS A 195 -6.27 -19.84 -7.24
CA HIS A 195 -6.06 -21.06 -6.47
C HIS A 195 -4.56 -21.28 -6.35
N LEU A 196 -4.04 -21.21 -5.12
CA LEU A 196 -2.61 -21.25 -4.87
C LEU A 196 -2.16 -22.58 -4.25
N GLU A 197 -2.91 -23.66 -4.49
CA GLU A 197 -2.53 -24.95 -3.93
C GLU A 197 -1.27 -25.50 -4.59
N ASP A 198 -0.99 -25.12 -5.83
CA ASP A 198 0.17 -25.61 -6.57
C ASP A 198 1.32 -24.61 -6.61
N PHE A 199 1.27 -23.58 -5.76
CA PHE A 199 2.32 -22.57 -5.78
C PHE A 199 3.67 -23.21 -5.44
N PRO A 200 4.74 -22.88 -6.16
CA PRO A 200 4.84 -21.90 -7.25
C PRO A 200 4.73 -22.50 -8.65
N MET A 201 3.97 -23.58 -8.82
CA MET A 201 3.78 -24.22 -10.12
C MET A 201 2.33 -24.11 -10.56
N ASP A 202 1.75 -22.94 -10.41
CA ASP A 202 0.33 -22.71 -10.65
C ASP A 202 0.11 -21.88 -11.92
N ALA A 203 -1.08 -22.02 -12.49
CA ALA A 203 -1.51 -21.25 -13.65
C ALA A 203 -2.92 -20.73 -13.41
N HIS A 204 -3.21 -19.54 -13.91
CA HIS A 204 -4.45 -18.85 -13.61
C HIS A 204 -5.07 -18.29 -14.88
N ALA A 205 -6.39 -18.12 -14.83
CA ALA A 205 -7.14 -17.45 -15.89
C ALA A 205 -7.81 -16.22 -15.29
N CYS A 206 -7.32 -15.04 -15.66
CA CYS A 206 -7.86 -13.79 -15.12
C CYS A 206 -8.93 -13.25 -16.06
N PRO A 207 -10.16 -13.07 -15.62
CA PRO A 207 -11.24 -12.65 -16.52
C PRO A 207 -11.41 -11.13 -16.58
N LEU A 208 -12.18 -10.70 -17.57
CA LEU A 208 -12.59 -9.31 -17.70
C LEU A 208 -14.00 -9.30 -18.27
N LYS A 209 -14.97 -8.85 -17.47
CA LYS A 209 -16.37 -8.91 -17.83
C LYS A 209 -16.95 -7.50 -17.86
N PHE A 210 -17.80 -7.23 -18.85
CA PHE A 210 -18.46 -5.93 -18.92
C PHE A 210 -19.85 -6.10 -19.53
N GLY A 211 -20.70 -5.12 -19.26
CA GLY A 211 -22.05 -5.13 -19.78
C GLY A 211 -22.77 -3.86 -19.41
N SER A 212 -24.09 -3.87 -19.58
CA SER A 212 -24.92 -2.72 -19.27
C SER A 212 -25.38 -2.78 -17.82
N TYR A 213 -25.29 -1.65 -17.12
CA TYR A 213 -25.68 -1.62 -15.72
C TYR A 213 -27.20 -1.57 -15.53
N ALA A 214 -27.92 -0.92 -16.44
CA ALA A 214 -29.34 -0.65 -16.24
C ALA A 214 -30.27 -1.31 -17.25
N TYR A 215 -29.80 -1.62 -18.45
CA TYR A 215 -30.66 -2.14 -19.51
C TYR A 215 -30.55 -3.65 -19.59
N THR A 216 -31.70 -4.32 -19.54
CA THR A 216 -31.75 -5.77 -19.65
C THR A 216 -31.60 -6.19 -21.11
N ARG A 217 -31.47 -7.50 -21.32
CA ARG A 217 -31.21 -8.02 -22.66
C ARG A 217 -32.43 -7.89 -23.58
N ALA A 218 -33.59 -7.55 -23.04
CA ALA A 218 -34.74 -7.21 -23.87
C ALA A 218 -34.66 -5.80 -24.42
N GLU A 219 -33.69 -5.01 -23.97
CA GLU A 219 -33.52 -3.62 -24.39
C GLU A 219 -32.19 -3.35 -25.06
N VAL A 220 -31.09 -3.90 -24.55
CA VAL A 220 -29.75 -3.67 -25.08
C VAL A 220 -29.01 -5.00 -25.14
N VAL A 221 -28.39 -5.29 -26.28
CA VAL A 221 -27.55 -6.46 -26.44
C VAL A 221 -26.19 -6.02 -26.97
N TYR A 222 -25.15 -6.77 -26.60
CA TYR A 222 -23.79 -6.49 -27.02
C TYR A 222 -23.30 -7.56 -27.98
N GLU A 223 -22.46 -7.15 -28.93
CA GLU A 223 -21.84 -8.07 -29.88
C GLU A 223 -20.40 -7.62 -30.12
N TRP A 224 -19.59 -8.56 -30.60
CA TRP A 224 -18.24 -8.23 -31.03
C TRP A 224 -18.27 -7.74 -32.47
N THR A 225 -17.39 -6.77 -32.77
CA THR A 225 -17.39 -6.16 -34.10
C THR A 225 -17.01 -7.17 -35.17
N ARG A 226 -16.08 -8.07 -34.85
CA ARG A 226 -15.61 -9.10 -35.77
C ARG A 226 -15.77 -10.46 -35.11
N GLU A 227 -15.15 -11.49 -35.68
CA GLU A 227 -15.07 -12.76 -34.98
C GLU A 227 -14.54 -12.52 -33.57
N PRO A 228 -15.08 -13.21 -32.56
CA PRO A 228 -14.66 -12.91 -31.18
C PRO A 228 -13.17 -13.05 -30.95
N ALA A 229 -12.49 -13.94 -31.68
CA ALA A 229 -11.05 -14.07 -31.55
C ALA A 229 -10.33 -12.79 -31.98
N ARG A 230 -10.81 -12.16 -33.04
CA ARG A 230 -10.15 -10.99 -33.61
C ARG A 230 -10.69 -9.67 -33.08
N SER A 231 -11.59 -9.70 -32.09
CA SER A 231 -12.16 -8.48 -31.54
C SER A 231 -11.39 -7.95 -30.33
N VAL A 232 -10.50 -8.74 -29.76
CA VAL A 232 -9.61 -8.30 -28.69
C VAL A 232 -8.18 -8.49 -29.17
N VAL A 233 -7.44 -7.40 -29.26
CA VAL A 233 -6.09 -7.40 -29.82
C VAL A 233 -5.13 -6.86 -28.78
N VAL A 234 -4.03 -7.58 -28.56
CA VAL A 234 -3.00 -7.19 -27.60
C VAL A 234 -1.78 -6.72 -28.38
N ALA A 235 -1.19 -5.62 -27.93
CA ALA A 235 0.00 -5.08 -28.58
C ALA A 235 1.17 -6.05 -28.45
N GLU A 236 2.14 -5.91 -29.36
CA GLU A 236 3.31 -6.78 -29.34
C GLU A 236 4.10 -6.61 -28.04
N ASP A 237 4.28 -5.38 -27.58
CA ASP A 237 4.95 -5.09 -26.33
C ASP A 237 3.97 -4.95 -25.16
N GLY A 238 2.79 -5.59 -25.27
CA GLY A 238 1.77 -5.40 -24.24
C GLY A 238 2.14 -6.00 -22.90
N SER A 239 2.79 -7.17 -22.92
CA SER A 239 3.08 -7.88 -21.68
C SER A 239 4.03 -7.08 -20.80
N ARG A 240 3.57 -6.75 -19.60
CA ARG A 240 4.33 -6.02 -18.59
C ARG A 240 4.38 -6.80 -17.29
N LEU A 241 4.69 -8.08 -17.39
CA LEU A 241 4.64 -9.01 -16.26
C LEU A 241 6.05 -9.49 -15.93
N ASN A 242 6.41 -9.42 -14.64
CA ASN A 242 7.72 -9.86 -14.18
CA ASN A 242 7.72 -9.87 -14.21
C ASN A 242 7.72 -11.27 -13.63
N GLN A 243 6.59 -11.77 -13.15
CA GLN A 243 6.52 -13.10 -12.56
C GLN A 243 5.58 -14.05 -13.31
N TYR A 244 4.95 -13.61 -14.38
CA TYR A 244 4.03 -14.45 -15.15
C TYR A 244 4.41 -14.42 -16.62
N ASP A 245 3.91 -15.40 -17.35
CA ASP A 245 4.06 -15.49 -18.79
C ASP A 245 2.68 -15.55 -19.42
N LEU A 246 2.33 -14.52 -20.20
CA LEU A 246 1.02 -14.45 -20.82
C LEU A 246 0.99 -15.35 -22.05
N LEU A 247 0.15 -16.39 -22.00
CA LEU A 247 0.07 -17.37 -23.07
C LEU A 247 -0.89 -16.99 -24.17
N GLY A 248 -2.07 -16.49 -23.80
CA GLY A 248 -3.06 -16.11 -24.78
C GLY A 248 -4.35 -15.69 -24.10
N GLN A 249 -5.37 -15.47 -24.92
CA GLN A 249 -6.67 -15.06 -24.41
C GLN A 249 -7.78 -15.76 -25.17
N THR A 250 -8.90 -15.95 -24.48
CA THR A 250 -10.12 -16.51 -25.07
C THR A 250 -11.26 -15.52 -24.86
N VAL A 251 -12.11 -15.42 -25.86
CA VAL A 251 -13.17 -14.41 -25.90
C VAL A 251 -14.52 -15.13 -25.97
N ASP A 252 -15.45 -14.74 -25.11
CA ASP A 252 -16.73 -15.42 -25.00
C ASP A 252 -17.82 -14.40 -24.76
N SER A 253 -19.02 -14.89 -24.46
CA SER A 253 -20.19 -14.03 -24.24
C SER A 253 -21.26 -14.86 -23.53
N GLY A 254 -21.83 -14.31 -22.46
CA GLY A 254 -22.79 -15.05 -21.69
C GLY A 254 -24.01 -14.28 -21.23
N ILE A 255 -24.69 -14.79 -20.21
CA ILE A 255 -25.90 -14.20 -19.67
C ILE A 255 -25.83 -14.28 -18.15
N VAL A 256 -26.22 -13.21 -17.47
CA VAL A 256 -26.30 -13.20 -16.02
C VAL A 256 -27.71 -12.80 -15.62
N GLN A 257 -28.19 -13.39 -14.53
CA GLN A 257 -29.50 -13.08 -13.98
CA GLN A 257 -29.50 -13.08 -13.98
C GLN A 257 -29.34 -12.55 -12.56
N SER A 258 -29.89 -11.37 -12.31
CA SER A 258 -29.80 -10.71 -11.02
C SER A 258 -31.20 -10.50 -10.46
N SER A 259 -31.29 -9.76 -9.35
CA SER A 259 -32.57 -9.42 -8.77
C SER A 259 -33.33 -8.39 -9.58
N THR A 260 -32.69 -7.77 -10.57
CA THR A 260 -33.34 -6.76 -11.39
C THR A 260 -33.68 -7.23 -12.80
N GLY A 261 -33.09 -8.33 -13.27
CA GLY A 261 -33.41 -8.83 -14.60
C GLY A 261 -32.28 -9.69 -15.13
N GLU A 262 -32.32 -9.91 -16.44
CA GLU A 262 -31.30 -10.66 -17.15
C GLU A 262 -30.49 -9.73 -18.04
N TYR A 263 -29.17 -9.91 -18.04
CA TYR A 263 -28.27 -9.01 -18.74
C TYR A 263 -27.29 -9.81 -19.59
N VAL A 264 -26.78 -9.16 -20.63
CA VAL A 264 -25.76 -9.74 -21.50
C VAL A 264 -24.39 -9.37 -20.95
N VAL A 265 -23.50 -10.36 -20.86
CA VAL A 265 -22.15 -10.17 -20.34
C VAL A 265 -21.15 -10.57 -21.41
N MET A 266 -20.17 -9.71 -21.65
CA MET A 266 -19.07 -10.01 -22.56
C MET A 266 -17.82 -10.28 -21.73
N THR A 267 -17.12 -11.36 -22.07
CA THR A 267 -16.05 -11.87 -21.22
C THR A 267 -14.78 -12.09 -22.02
N THR A 268 -13.63 -11.86 -21.38
CA THR A 268 -12.33 -12.21 -21.92
C THR A 268 -11.50 -12.80 -20.80
N HIS A 269 -10.76 -13.87 -21.11
CA HIS A 269 -9.92 -14.56 -20.12
C HIS A 269 -8.47 -14.53 -20.59
N PHE A 270 -7.58 -14.09 -19.71
CA PHE A 270 -6.15 -14.08 -19.97
C PHE A 270 -5.50 -15.21 -19.19
N HIS A 271 -4.74 -16.05 -19.88
CA HIS A 271 -4.20 -17.27 -19.29
C HIS A 271 -2.73 -17.04 -18.95
N LEU A 272 -2.40 -17.18 -17.66
CA LEU A 272 -1.08 -16.87 -17.14
C LEU A 272 -0.44 -18.12 -16.55
N LYS A 273 0.88 -18.22 -16.68
CA LYS A 273 1.65 -19.31 -16.09
C LYS A 273 2.85 -18.72 -15.36
N ARG A 274 3.05 -19.15 -14.11
CA ARG A 274 4.10 -18.57 -13.29
C ARG A 274 5.47 -19.14 -13.65
N LYS A 275 6.48 -18.27 -13.63
CA LYS A 275 7.85 -18.70 -13.87
C LYS A 275 8.45 -19.24 -12.57
N ILE A 276 9.14 -20.38 -12.67
CA ILE A 276 9.59 -21.12 -11.50
C ILE A 276 11.10 -21.09 -11.33
N GLY A 277 11.85 -20.53 -12.29
CA GLY A 277 13.30 -20.53 -12.18
C GLY A 277 13.82 -19.80 -10.96
N TYR A 278 13.13 -18.72 -10.57
CA TYR A 278 13.57 -17.96 -9.40
C TYR A 278 13.49 -18.77 -8.13
N PHE A 279 12.43 -19.56 -7.97
CA PHE A 279 12.24 -20.32 -6.73
C PHE A 279 13.19 -21.51 -6.65
N VAL A 280 13.61 -22.05 -7.80
CA VAL A 280 14.56 -23.16 -7.79
C VAL A 280 15.90 -22.70 -7.22
N ILE A 281 16.37 -21.53 -7.65
CA ILE A 281 17.69 -21.07 -7.21
C ILE A 281 17.63 -20.38 -5.86
N GLN A 282 16.46 -19.93 -5.42
CA GLN A 282 16.33 -19.19 -4.17
C GLN A 282 15.85 -20.04 -3.00
N THR A 283 14.98 -21.01 -3.25
CA THR A 283 14.41 -21.82 -2.17
C THR A 283 14.77 -23.29 -2.28
N TYR A 284 14.54 -23.92 -3.44
CA TYR A 284 14.66 -25.37 -3.53
C TYR A 284 16.11 -25.83 -3.43
N LEU A 285 17.01 -25.19 -4.17
CA LEU A 285 18.41 -25.60 -4.13
C LEU A 285 19.06 -25.38 -2.76
N PRO A 286 18.90 -24.22 -2.09
CA PRO A 286 19.45 -24.10 -0.73
C PRO A 286 18.88 -25.11 0.25
N CYS A 287 17.59 -25.47 0.11
CA CYS A 287 16.99 -26.43 1.02
C CYS A 287 17.52 -27.84 0.77
N ILE A 288 17.75 -28.19 -0.50
CA ILE A 288 18.27 -29.52 -0.81
C ILE A 288 19.71 -29.66 -0.33
N MET A 289 20.51 -28.60 -0.47
CA MET A 289 21.90 -28.66 -0.02
C MET A 289 21.99 -28.76 1.50
N THR A 290 21.09 -28.09 2.23
CA THR A 290 21.12 -28.18 3.68
C THR A 290 20.78 -29.59 4.16
N VAL A 291 19.82 -30.24 3.51
CA VAL A 291 19.49 -31.62 3.88
C VAL A 291 20.66 -32.55 3.60
N ILE A 292 21.30 -32.37 2.44
CA ILE A 292 22.47 -33.18 2.10
C ILE A 292 23.58 -32.96 3.13
N LEU A 293 23.74 -31.73 3.60
CA LEU A 293 24.76 -31.44 4.60
C LEU A 293 24.50 -32.17 5.90
N SER A 294 23.23 -32.24 6.32
CA SER A 294 22.91 -32.91 7.58
C SER A 294 23.21 -34.40 7.53
N GLN A 295 23.11 -35.01 6.35
CA GLN A 295 23.43 -36.43 6.19
C GLN A 295 24.92 -36.68 6.05
N VAL A 296 25.71 -35.64 5.82
CA VAL A 296 27.17 -35.77 5.83
C VAL A 296 27.65 -36.12 7.24
N SER A 297 26.92 -35.71 8.26
CA SER A 297 27.30 -35.99 9.65
C SER A 297 27.45 -37.49 9.93
N PHE A 298 26.75 -38.34 9.18
CA PHE A 298 26.83 -39.78 9.40
C PHE A 298 28.22 -40.34 9.11
N TRP A 299 29.03 -39.62 8.34
CA TRP A 299 30.36 -40.09 7.97
C TRP A 299 31.47 -39.61 8.89
N LEU A 300 31.15 -38.74 9.85
CA LEU A 300 32.10 -38.38 10.89
C LEU A 300 32.16 -39.51 11.92
N ASN A 301 33.34 -39.67 12.53
CA ASN A 301 33.51 -40.73 13.50
C ASN A 301 32.67 -40.46 14.75
N ARG A 302 32.22 -41.53 15.39
CA ARG A 302 31.30 -41.42 16.52
C ARG A 302 31.92 -40.67 17.69
N GLU A 303 33.23 -40.83 17.92
CA GLU A 303 33.85 -40.24 19.09
C GLU A 303 33.89 -38.72 19.04
N SER A 304 33.75 -38.12 17.85
CA SER A 304 33.72 -36.67 17.71
C SER A 304 32.34 -36.16 18.11
N VAL A 305 32.05 -36.25 19.40
CA VAL A 305 30.74 -35.86 19.90
C VAL A 305 30.47 -34.36 19.74
N PRO A 306 31.37 -33.45 20.15
CA PRO A 306 31.09 -32.02 19.93
C PRO A 306 30.96 -31.65 18.47
N ALA A 307 31.72 -32.31 17.58
CA ALA A 307 31.65 -31.99 16.16
C ALA A 307 30.27 -32.34 15.59
N ARG A 308 29.76 -33.53 15.92
CA ARG A 308 28.49 -33.95 15.35
C ARG A 308 27.30 -33.25 16.00
N THR A 309 27.42 -32.84 17.26
CA THR A 309 26.34 -32.09 17.89
C THR A 309 26.25 -30.68 17.33
N VAL A 310 27.39 -30.00 17.15
CA VAL A 310 27.39 -28.69 16.53
C VAL A 310 26.93 -28.77 15.09
N PHE A 311 27.33 -29.83 14.38
CA PHE A 311 26.93 -30.01 12.99
C PHE A 311 25.40 -30.08 12.87
N GLY A 312 24.78 -30.96 13.66
CA GLY A 312 23.35 -31.16 13.54
C GLY A 312 22.53 -29.97 13.99
N VAL A 313 22.94 -29.32 15.08
CA VAL A 313 22.10 -28.26 15.63
C VAL A 313 22.21 -26.98 14.83
N THR A 314 23.31 -26.81 14.08
CA THR A 314 23.45 -25.61 13.27
C THR A 314 22.76 -25.75 11.91
N THR A 315 22.64 -26.98 11.40
CA THR A 315 21.85 -27.18 10.19
C THR A 315 20.37 -26.97 10.45
N VAL A 316 19.91 -27.21 11.69
CA VAL A 316 18.53 -26.93 12.04
C VAL A 316 18.28 -25.42 12.03
N LEU A 317 19.22 -24.64 12.56
CA LEU A 317 19.08 -23.19 12.53
C LEU A 317 19.18 -22.65 11.10
N THR A 318 19.97 -23.31 10.25
CA THR A 318 20.05 -22.90 8.85
C THR A 318 18.73 -23.17 8.13
N MET A 319 18.10 -24.32 8.40
CA MET A 319 16.81 -24.61 7.80
C MET A 319 15.75 -23.63 8.29
N THR A 320 15.79 -23.25 9.56
CA THR A 320 14.84 -22.29 10.10
C THR A 320 14.98 -20.94 9.40
N THR A 321 16.21 -20.49 9.16
CA THR A 321 16.43 -19.23 8.46
C THR A 321 15.87 -19.29 7.04
N LEU A 322 16.11 -20.39 6.34
CA LEU A 322 15.60 -20.55 4.98
C LEU A 322 14.07 -20.61 4.97
N SER A 323 13.48 -21.31 5.93
CA SER A 323 12.03 -21.44 5.97
C SER A 323 11.35 -20.10 6.17
N ILE A 324 11.89 -19.26 7.06
CA ILE A 324 11.28 -17.96 7.33
C ILE A 324 11.40 -17.05 6.11
N SER A 325 12.52 -17.15 5.38
CA SER A 325 12.68 -16.33 4.19
C SER A 325 11.65 -16.69 3.12
N ALA A 326 11.38 -17.99 2.95
CA ALA A 326 10.50 -18.44 1.88
C ALA A 326 9.06 -17.99 2.11
N ARG A 327 8.59 -18.02 3.37
CA ARG A 327 7.20 -17.72 3.66
C ARG A 327 6.85 -16.26 3.38
N ASN A 328 7.84 -15.37 3.29
CA ASN A 328 7.54 -13.96 3.04
C ASN A 328 6.94 -13.77 1.66
N SER A 329 7.43 -14.49 0.66
CA SER A 329 6.89 -14.37 -0.69
C SER A 329 5.45 -14.86 -0.76
N LEU A 330 5.14 -15.96 -0.06
CA LEU A 330 3.83 -16.56 -0.17
C LEU A 330 2.75 -15.65 0.42
N PRO A 331 1.58 -15.59 -0.21
CA PRO A 331 0.45 -14.88 0.41
C PRO A 331 -0.11 -15.67 1.58
N LYS A 332 -0.93 -14.99 2.38
CA LYS A 332 -1.53 -15.59 3.57
C LYS A 332 -2.72 -16.44 3.14
N VAL A 333 -2.46 -17.70 2.85
CA VAL A 333 -3.49 -18.66 2.45
C VAL A 333 -3.67 -19.68 3.55
N ALA A 334 -4.88 -20.25 3.62
CA ALA A 334 -5.20 -21.18 4.69
C ALA A 334 -4.54 -22.54 4.46
N TYR A 335 -4.58 -23.03 3.23
CA TYR A 335 -4.08 -24.36 2.92
C TYR A 335 -2.56 -24.34 2.80
N ALA A 336 -2.00 -25.47 2.39
CA ALA A 336 -0.57 -25.62 2.20
C ALA A 336 -0.25 -25.70 0.71
N THR A 337 0.63 -24.83 0.25
CA THR A 337 1.04 -24.82 -1.14
C THR A 337 2.02 -25.96 -1.40
N ALA A 338 2.45 -26.08 -2.65
CA ALA A 338 3.46 -27.08 -2.97
C ALA A 338 4.79 -26.76 -2.30
N MET A 339 5.07 -25.48 -2.05
CA MET A 339 6.30 -25.10 -1.37
C MET A 339 6.22 -25.35 0.13
N ASP A 340 5.02 -25.22 0.71
CA ASP A 340 4.87 -25.48 2.15
C ASP A 340 5.18 -26.93 2.49
N TRP A 341 4.76 -27.86 1.62
CA TRP A 341 5.03 -29.28 1.89
C TRP A 341 6.49 -29.62 1.71
N PHE A 342 7.16 -29.00 0.73
CA PHE A 342 8.57 -29.31 0.49
C PHE A 342 9.43 -28.88 1.68
N ILE A 343 9.14 -27.72 2.25
CA ILE A 343 9.94 -27.22 3.36
C ILE A 343 9.70 -28.06 4.61
N ALA A 344 8.45 -28.45 4.85
CA ALA A 344 8.14 -29.24 6.05
C ALA A 344 8.83 -30.59 6.01
N VAL A 345 8.93 -31.21 4.84
CA VAL A 345 9.62 -32.48 4.72
C VAL A 345 11.12 -32.31 4.92
N CYS A 346 11.70 -31.24 4.36
CA CYS A 346 13.11 -30.96 4.56
C CYS A 346 13.40 -30.67 6.03
N TYR A 347 12.47 -29.98 6.71
CA TYR A 347 12.65 -29.71 8.13
C TYR A 347 12.62 -30.99 8.95
N ALA A 348 11.75 -31.92 8.59
CA ALA A 348 11.69 -33.18 9.31
C ALA A 348 12.91 -34.05 9.06
N PHE A 349 13.55 -33.90 7.89
CA PHE A 349 14.74 -34.69 7.59
C PHE A 349 15.94 -34.25 8.41
N VAL A 350 16.17 -32.94 8.52
CA VAL A 350 17.27 -32.47 9.34
C VAL A 350 16.98 -32.69 10.82
N PHE A 351 15.71 -32.66 11.21
CA PHE A 351 15.35 -32.98 12.59
C PHE A 351 15.67 -34.44 12.91
N SER A 352 15.41 -35.34 11.97
CA SER A 352 15.64 -36.76 12.20
C SER A 352 17.12 -37.12 12.20
N ALA A 353 17.96 -36.31 11.55
CA ALA A 353 19.39 -36.61 11.52
C ALA A 353 20.03 -36.34 12.88
N LEU A 354 19.53 -35.35 13.61
CA LEU A 354 20.05 -35.09 14.95
C LEU A 354 19.51 -36.10 15.97
N ILE A 355 18.29 -36.61 15.74
CA ILE A 355 17.77 -37.67 16.60
C ILE A 355 18.57 -38.94 16.41
N GLU A 356 19.03 -39.20 15.18
CA GLU A 356 19.79 -40.41 14.91
C GLU A 356 21.12 -40.42 15.68
N PHE A 357 21.80 -39.28 15.72
CA PHE A 357 23.07 -39.23 16.46
C PHE A 357 22.85 -39.38 17.95
N ALA A 358 21.73 -38.87 18.48
CA ALA A 358 21.43 -39.08 19.89
C ALA A 358 21.25 -40.56 20.21
N THR A 359 20.73 -41.34 19.25
CA THR A 359 20.61 -42.77 19.45
C THR A 359 21.96 -43.47 19.37
N VAL A 360 22.79 -43.06 18.41
CA VAL A 360 24.11 -43.67 18.25
C VAL A 360 24.98 -43.37 19.46
N ASN A 361 24.98 -42.11 19.92
CA ASN A 361 25.79 -41.73 21.07
C ASN A 361 25.35 -42.45 22.33
N TYR A 362 24.06 -42.80 22.43
CA TYR A 362 23.56 -43.47 23.62
C TYR A 362 24.07 -44.90 23.71
N PHE A 363 24.22 -45.58 22.58
CA PHE A 363 24.64 -46.97 22.56
C PHE A 363 26.14 -47.15 22.45
N THR A 364 26.90 -46.07 22.26
CA THR A 364 28.35 -46.18 22.25
C THR A 364 28.87 -46.49 23.64
N LYS A 365 30.01 -47.17 23.69
CA LYS A 365 30.75 -47.55 24.89
C LYS A 365 30.04 -48.62 25.70
N SER A 366 28.85 -49.05 25.31
CA SER A 366 28.18 -50.20 25.92
C SER A 366 27.83 -51.26 24.90
N GLN A 367 27.33 -50.87 23.73
CA GLN A 367 27.03 -51.79 22.64
C GLN A 367 27.61 -51.21 21.34
N PRO A 368 28.94 -51.23 21.21
CA PRO A 368 29.55 -50.64 20.01
C PRO A 368 29.12 -51.28 18.71
N ALA A 369 28.75 -52.57 18.72
CA ALA A 369 28.29 -53.23 17.51
C ALA A 369 26.97 -52.64 17.02
N ARG A 370 26.03 -52.39 17.94
CA ARG A 370 24.76 -51.81 17.54
C ARG A 370 24.92 -50.37 17.09
N ALA A 371 25.80 -49.61 17.75
CA ALA A 371 26.02 -48.22 17.36
C ALA A 371 26.63 -48.13 15.97
N ALA A 372 27.55 -49.04 15.63
CA ALA A 372 28.12 -49.05 14.29
C ALA A 372 27.09 -49.45 13.25
N LYS A 373 26.22 -50.39 13.59
CA LYS A 373 25.21 -50.85 12.64
C LYS A 373 24.20 -49.76 12.31
N ILE A 374 23.86 -48.93 13.30
CA ILE A 374 22.90 -47.86 13.07
C ILE A 374 23.47 -46.82 12.12
N ASP A 375 24.77 -46.51 12.26
CA ASP A 375 25.38 -45.50 11.41
C ASP A 375 25.52 -45.98 9.97
N ARG A 376 25.77 -47.28 9.78
CA ARG A 376 25.93 -47.80 8.43
C ARG A 376 24.61 -47.83 7.67
N LEU A 377 23.52 -48.17 8.37
CA LEU A 377 22.22 -48.19 7.70
C LEU A 377 21.70 -46.79 7.45
N SER A 378 22.07 -45.83 8.30
CA SER A 378 21.63 -44.46 8.11
C SER A 378 22.28 -43.84 6.87
N ARG A 379 23.49 -44.28 6.53
CA ARG A 379 24.16 -43.78 5.35
C ARG A 379 23.46 -44.19 4.06
N ILE A 380 22.54 -45.15 4.13
CA ILE A 380 21.80 -45.61 2.96
C ILE A 380 20.35 -45.17 3.02
N ALA A 381 19.69 -45.34 4.17
CA ALA A 381 18.27 -45.06 4.28
C ALA A 381 17.96 -43.58 4.07
N PHE A 382 18.73 -42.71 4.71
CA PHE A 382 18.45 -41.27 4.60
C PHE A 382 18.61 -40.74 3.18
N PRO A 383 19.71 -40.99 2.45
CA PRO A 383 19.76 -40.55 1.05
C PRO A 383 18.70 -41.17 0.18
N LEU A 384 18.32 -42.43 0.45
CA LEU A 384 17.32 -43.11 -0.36
C LEU A 384 15.94 -42.50 -0.17
N LEU A 385 15.53 -42.30 1.08
CA LEU A 385 14.20 -41.78 1.36
C LEU A 385 14.02 -40.36 0.83
N PHE A 386 15.06 -39.53 0.97
CA PHE A 386 14.97 -38.17 0.45
C PHE A 386 14.96 -38.18 -1.08
N GLY A 387 15.78 -39.04 -1.69
CA GLY A 387 15.76 -39.16 -3.14
C GLY A 387 14.44 -39.66 -3.66
N ILE A 388 13.79 -40.57 -2.93
CA ILE A 388 12.48 -41.08 -3.34
C ILE A 388 11.43 -39.98 -3.21
N PHE A 389 11.50 -39.16 -2.16
CA PHE A 389 10.52 -38.10 -1.96
C PHE A 389 10.57 -37.09 -3.10
N ASN A 390 11.78 -36.76 -3.57
CA ASN A 390 11.91 -35.79 -4.65
C ASN A 390 11.31 -36.33 -5.96
N LEU A 391 11.47 -37.63 -6.22
CA LEU A 391 10.90 -38.20 -7.43
C LEU A 391 9.38 -38.10 -7.43
N VAL A 392 8.75 -38.42 -6.30
CA VAL A 392 7.30 -38.28 -6.19
C VAL A 392 6.89 -36.81 -6.27
N TYR A 393 7.63 -35.93 -5.58
CA TYR A 393 7.25 -34.54 -5.51
C TYR A 393 7.29 -33.87 -6.88
N TRP A 394 8.37 -34.08 -7.63
CA TRP A 394 8.55 -33.39 -8.91
C TRP A 394 7.82 -34.09 -10.05
N ALA A 395 7.13 -35.20 -9.80
CA ALA A 395 6.23 -35.78 -10.77
C ALA A 395 4.77 -35.46 -10.47
N THR A 396 4.46 -35.14 -9.22
CA THR A 396 3.08 -34.81 -8.85
C THR A 396 2.73 -33.39 -9.29
N TYR A 397 3.69 -32.46 -9.23
CA TYR A 397 3.41 -31.06 -9.49
C TYR A 397 3.87 -30.59 -10.87
N LEU A 398 4.96 -31.13 -11.39
CA LEU A 398 5.39 -30.75 -12.74
C LEU A 398 4.48 -31.31 -13.82
N ASN A 399 3.55 -32.21 -13.48
CA ASN A 399 2.67 -32.85 -14.43
C ASN A 399 1.21 -32.45 -14.20
N ARG A 400 0.97 -31.18 -13.89
CA ARG A 400 -0.37 -30.68 -13.68
C ARG A 400 -0.68 -29.51 -14.62
N ASN B 62 -6.43 53.51 -21.86
CA ASN B 62 -5.35 52.52 -21.87
C ASN B 62 -5.89 51.16 -21.49
N MET B 63 -6.27 51.00 -20.22
CA MET B 63 -6.88 49.75 -19.77
C MET B 63 -8.20 49.49 -20.48
N SER B 64 -9.02 50.53 -20.64
CA SER B 64 -10.30 50.35 -21.30
C SER B 64 -10.13 49.96 -22.76
N PHE B 65 -9.05 50.42 -23.39
CA PHE B 65 -8.77 50.02 -24.76
C PHE B 65 -8.40 48.54 -24.83
N VAL B 66 -7.59 48.06 -23.88
CA VAL B 66 -7.24 46.65 -23.86
C VAL B 66 -8.47 45.80 -23.58
N LYS B 67 -9.30 46.22 -22.63
CA LYS B 67 -10.53 45.49 -22.33
C LYS B 67 -11.45 45.44 -23.54
N GLU B 68 -11.52 46.54 -24.29
CA GLU B 68 -12.32 46.55 -25.51
C GLU B 68 -11.79 45.56 -26.54
N THR B 69 -10.47 45.52 -26.72
CA THR B 69 -9.88 44.64 -27.72
C THR B 69 -10.09 43.17 -27.38
N VAL B 70 -9.92 42.80 -26.12
CA VAL B 70 -10.03 41.39 -25.74
C VAL B 70 -11.46 40.91 -25.89
N ASP B 71 -12.44 41.71 -25.46
CA ASP B 71 -13.83 41.32 -25.64
C ASP B 71 -14.21 41.19 -27.11
N LYS B 72 -13.55 41.96 -27.98
CA LYS B 72 -13.79 41.82 -29.41
C LYS B 72 -13.25 40.50 -29.94
N LEU B 73 -12.10 40.06 -29.44
CA LEU B 73 -11.50 38.81 -29.91
C LEU B 73 -12.36 37.60 -29.56
N LEU B 74 -12.90 37.58 -28.35
CA LEU B 74 -13.65 36.43 -27.86
C LEU B 74 -15.13 36.48 -28.24
N LYS B 75 -15.57 37.54 -28.90
CA LYS B 75 -16.96 37.66 -29.34
C LYS B 75 -17.13 36.97 -30.68
N GLY B 76 -18.10 36.06 -30.76
CA GLY B 76 -18.30 35.28 -31.96
C GLY B 76 -17.16 34.32 -32.26
N TYR B 77 -16.59 33.71 -31.23
CA TYR B 77 -15.49 32.76 -31.37
C TYR B 77 -16.03 31.35 -31.26
N ASP B 78 -15.77 30.52 -32.27
CA ASP B 78 -16.27 29.16 -32.32
C ASP B 78 -15.18 28.22 -31.80
N ILE B 79 -15.41 27.64 -30.62
CA ILE B 79 -14.41 26.78 -29.99
C ILE B 79 -14.39 25.39 -30.61
N ARG B 80 -15.41 25.02 -31.38
CA ARG B 80 -15.49 23.71 -31.99
C ARG B 80 -14.70 23.62 -33.30
N LEU B 81 -14.15 24.73 -33.79
CA LEU B 81 -13.44 24.77 -35.06
C LEU B 81 -11.97 25.05 -34.81
N ARG B 82 -11.10 24.24 -35.41
CA ARG B 82 -9.67 24.44 -35.31
C ARG B 82 -9.22 25.62 -36.18
N PRO B 83 -8.05 26.18 -35.90
CA PRO B 83 -7.51 27.22 -36.78
C PRO B 83 -7.30 26.69 -38.20
N ASP B 84 -7.56 27.56 -39.17
CA ASP B 84 -7.49 27.21 -40.60
C ASP B 84 -8.37 26.00 -40.89
N PHE B 85 -9.59 26.01 -40.36
CA PHE B 85 -10.52 24.91 -40.57
C PHE B 85 -10.83 24.76 -42.06
N GLY B 86 -10.74 23.54 -42.56
CA GLY B 86 -10.95 23.26 -43.96
C GLY B 86 -9.77 23.55 -44.86
N GLY B 87 -8.64 23.96 -44.30
CA GLY B 87 -7.46 24.29 -45.09
C GLY B 87 -6.23 23.52 -44.67
N PRO B 88 -5.08 24.18 -44.72
CA PRO B 88 -3.82 23.52 -44.35
C PRO B 88 -3.80 23.14 -42.89
N PRO B 89 -3.09 22.06 -42.53
CA PRO B 89 -3.05 21.65 -41.12
C PRO B 89 -2.36 22.68 -40.24
N VAL B 90 -2.76 22.72 -38.98
CA VAL B 90 -2.13 23.63 -38.02
C VAL B 90 -0.89 22.98 -37.43
N CYS B 91 0.23 23.69 -37.47
CA CYS B 91 1.51 23.20 -36.97
C CYS B 91 1.65 23.57 -35.50
N VAL B 92 2.00 22.58 -34.68
CA VAL B 92 2.14 22.77 -33.24
C VAL B 92 3.59 22.47 -32.86
N GLY B 93 4.25 23.44 -32.23
CA GLY B 93 5.60 23.26 -31.73
C GLY B 93 5.58 23.06 -30.23
N MET B 94 6.42 22.17 -29.74
CA MET B 94 6.40 21.76 -28.35
C MET B 94 7.78 21.90 -27.71
N ASN B 95 7.80 22.39 -26.47
CA ASN B 95 8.99 22.44 -25.63
C ASN B 95 8.67 21.78 -24.30
N ILE B 96 9.69 21.18 -23.70
CA ILE B 96 9.57 20.54 -22.39
C ILE B 96 10.73 21.01 -21.52
N ASP B 97 10.42 21.40 -20.28
CA ASP B 97 11.42 21.73 -19.28
C ASP B 97 11.21 20.78 -18.11
N ILE B 98 12.16 19.89 -17.89
CA ILE B 98 11.98 18.83 -16.91
C ILE B 98 12.41 19.33 -15.54
N ALA B 99 11.52 19.19 -14.55
CA ALA B 99 11.80 19.64 -13.20
C ALA B 99 12.45 18.55 -12.35
N SER B 100 11.96 17.31 -12.44
CA SER B 100 12.50 16.23 -11.63
C SER B 100 12.08 14.89 -12.21
N ILE B 101 12.90 13.88 -11.91
CA ILE B 101 12.59 12.49 -12.18
C ILE B 101 12.77 11.72 -10.88
N ASP B 102 11.80 10.87 -10.55
CA ASP B 102 11.89 10.12 -9.30
C ASP B 102 11.04 8.86 -9.39
N MET B 103 11.29 7.95 -8.45
CA MET B 103 10.53 6.70 -8.30
C MET B 103 10.59 5.87 -9.58
N VAL B 104 11.82 5.49 -9.96
CA VAL B 104 12.03 4.52 -11.03
C VAL B 104 11.76 3.15 -10.44
N SER B 105 10.56 2.62 -10.67
CA SER B 105 10.09 1.41 -10.00
C SER B 105 10.30 0.21 -10.91
N GLU B 106 11.09 -0.76 -10.44
CA GLU B 106 11.25 -2.02 -11.16
C GLU B 106 10.05 -2.93 -10.99
N VAL B 107 9.40 -2.89 -9.83
CA VAL B 107 8.26 -3.76 -9.58
C VAL B 107 7.08 -3.39 -10.46
N ASN B 108 6.74 -2.10 -10.51
CA ASN B 108 5.64 -1.62 -11.33
C ASN B 108 6.05 -1.30 -12.76
N MET B 109 7.35 -1.24 -13.05
CA MET B 109 7.88 -0.95 -14.38
C MET B 109 7.35 0.39 -14.89
N ASP B 110 7.64 1.44 -14.12
CA ASP B 110 7.23 2.79 -14.49
C ASP B 110 8.17 3.79 -13.83
N TYR B 111 7.96 5.06 -14.13
CA TYR B 111 8.72 6.15 -13.53
C TYR B 111 7.84 7.40 -13.49
N THR B 112 8.22 8.34 -12.64
CA THR B 112 7.46 9.56 -12.42
C THR B 112 8.25 10.77 -12.93
N LEU B 113 7.56 11.67 -13.61
CA LEU B 113 8.18 12.81 -14.27
C LEU B 113 7.37 14.07 -13.98
N THR B 114 8.06 15.15 -13.66
CA THR B 114 7.45 16.47 -13.51
C THR B 114 8.11 17.42 -14.52
N MET B 115 7.29 18.18 -15.24
CA MET B 115 7.81 18.97 -16.34
C MET B 115 6.90 20.17 -16.60
N TYR B 116 7.45 21.14 -17.33
CA TYR B 116 6.69 22.26 -17.87
C TYR B 116 6.46 21.98 -19.36
N PHE B 117 5.20 21.74 -19.72
CA PHE B 117 4.84 21.35 -21.07
C PHE B 117 4.23 22.55 -21.79
N GLN B 118 4.79 22.92 -22.94
CA GLN B 118 4.37 24.09 -23.67
C GLN B 118 4.05 23.74 -25.12
N GLN B 119 3.01 24.39 -25.65
CA GLN B 119 2.59 24.20 -27.03
C GLN B 119 2.45 25.55 -27.70
N TYR B 120 2.68 25.58 -29.01
CA TYR B 120 2.88 26.83 -29.73
C TYR B 120 2.23 26.71 -31.11
N TRP B 121 1.16 27.48 -31.34
CA TRP B 121 0.50 27.49 -32.64
C TRP B 121 -0.01 28.89 -32.93
N ARG B 122 -0.59 29.05 -34.11
CA ARG B 122 -1.06 30.34 -34.58
C ARG B 122 -2.53 30.25 -34.94
N ASP B 123 -3.32 31.23 -34.46
CA ASP B 123 -4.74 31.32 -34.76
C ASP B 123 -5.04 32.76 -35.16
N LYS B 124 -5.30 32.98 -36.46
CA LYS B 124 -5.53 34.34 -36.95
C LYS B 124 -6.83 34.94 -36.44
N ARG B 125 -7.71 34.14 -35.85
CA ARG B 125 -8.92 34.68 -35.24
C ARG B 125 -8.62 35.49 -33.98
N LEU B 126 -7.42 35.34 -33.42
CA LEU B 126 -7.04 36.02 -32.19
C LEU B 126 -6.02 37.12 -32.43
N ALA B 127 -5.74 37.47 -33.68
CA ALA B 127 -4.81 38.54 -33.98
C ALA B 127 -5.41 39.89 -33.63
N TYR B 128 -4.60 40.76 -33.03
CA TYR B 128 -5.03 42.10 -32.65
C TYR B 128 -3.95 43.10 -33.00
N SER B 129 -4.36 44.36 -33.16
CA SER B 129 -3.46 45.43 -33.53
C SER B 129 -3.72 46.64 -32.65
N GLY B 130 -2.71 47.51 -32.56
CA GLY B 130 -2.80 48.73 -31.76
C GLY B 130 -2.15 48.63 -30.39
N ILE B 131 -1.83 47.43 -29.93
CA ILE B 131 -1.20 47.24 -28.62
C ILE B 131 0.16 46.57 -28.80
N PRO B 132 1.27 47.29 -28.58
CA PRO B 132 2.60 46.68 -28.70
C PRO B 132 2.98 45.87 -27.48
N LEU B 133 2.17 44.86 -27.17
CA LEU B 133 2.37 44.06 -25.97
C LEU B 133 2.01 42.61 -26.27
N ASN B 134 2.60 41.71 -25.49
CA ASN B 134 2.22 40.30 -25.47
C ASN B 134 1.28 40.10 -24.28
N LEU B 135 0.02 39.81 -24.57
CA LEU B 135 -1.02 39.82 -23.55
C LEU B 135 -1.04 38.49 -22.81
N THR B 136 -0.64 38.52 -21.53
CA THR B 136 -0.78 37.37 -20.65
C THR B 136 -2.13 37.48 -19.95
N LEU B 137 -3.02 36.53 -20.23
CA LEU B 137 -4.37 36.55 -19.70
C LEU B 137 -4.48 35.58 -18.52
N ASP B 138 -5.57 35.73 -17.76
CA ASP B 138 -5.89 34.79 -16.71
C ASP B 138 -6.10 33.40 -17.31
N ASN B 139 -5.61 32.37 -16.61
CA ASN B 139 -5.60 31.02 -17.17
C ASN B 139 -6.99 30.46 -17.40
N ARG B 140 -8.02 31.06 -16.80
CA ARG B 140 -9.38 30.61 -17.05
C ARG B 140 -9.87 30.93 -18.45
N VAL B 141 -9.14 31.78 -19.20
CA VAL B 141 -9.51 32.05 -20.58
C VAL B 141 -9.22 30.86 -21.50
N ALA B 142 -8.46 29.89 -21.04
CA ALA B 142 -8.16 28.71 -21.85
C ALA B 142 -9.41 27.88 -22.12
N ASP B 143 -10.41 27.96 -21.24
CA ASP B 143 -11.64 27.22 -21.45
C ASP B 143 -12.48 27.80 -22.59
N GLN B 144 -12.16 29.00 -23.05
CA GLN B 144 -12.91 29.67 -24.11
C GLN B 144 -12.19 29.60 -25.46
N LEU B 145 -11.08 28.89 -25.54
CA LEU B 145 -10.27 28.85 -26.76
C LEU B 145 -10.05 27.42 -27.19
N TRP B 146 -9.75 27.25 -28.48
CA TRP B 146 -9.39 25.95 -29.02
C TRP B 146 -7.96 25.60 -28.63
N VAL B 147 -7.76 24.39 -28.12
CA VAL B 147 -6.43 23.89 -27.78
C VAL B 147 -6.26 22.51 -28.39
N PRO B 148 -5.04 22.07 -28.68
CA PRO B 148 -4.85 20.73 -29.27
C PRO B 148 -5.23 19.63 -28.29
N ASP B 149 -5.67 18.51 -28.86
CA ASP B 149 -6.04 17.33 -28.07
C ASP B 149 -4.85 16.40 -27.83
N THR B 150 -3.80 16.95 -27.25
CA THR B 150 -2.58 16.19 -27.00
C THR B 150 -2.76 15.27 -25.81
N TYR B 151 -2.19 14.06 -25.90
CA TYR B 151 -2.18 13.11 -24.80
C TYR B 151 -0.93 12.27 -24.86
N PHE B 152 -0.59 11.65 -23.74
CA PHE B 152 0.61 10.82 -23.63
C PHE B 152 0.23 9.35 -23.69
N LEU B 153 0.78 8.64 -24.67
CA LEU B 153 0.33 7.28 -24.95
C LEU B 153 0.66 6.32 -23.81
N ASN B 154 1.88 6.39 -23.28
CA ASN B 154 2.31 5.46 -22.25
C ASN B 154 2.06 5.97 -20.83
N ASP B 155 1.14 6.92 -20.67
CA ASP B 155 0.84 7.49 -19.37
C ASP B 155 -0.09 6.58 -18.58
N LYS B 156 0.21 6.40 -17.29
CA LYS B 156 -0.62 5.63 -16.38
C LYS B 156 -1.44 6.52 -15.44
N LYS B 157 -0.88 7.63 -14.99
CA LYS B 157 -1.53 8.51 -14.04
C LYS B 157 -0.87 9.88 -14.11
N SER B 158 -1.66 10.92 -14.33
CA SER B 158 -1.11 12.27 -14.45
C SER B 158 -2.13 13.27 -13.94
N PHE B 159 -1.63 14.46 -13.59
CA PHE B 159 -2.48 15.54 -13.12
C PHE B 159 -1.77 16.86 -13.33
N VAL B 160 -2.54 17.94 -13.31
CA VAL B 160 -2.04 19.31 -13.38
C VAL B 160 -2.11 19.91 -11.99
N HIS B 161 -1.02 20.52 -11.55
CA HIS B 161 -0.98 21.11 -10.21
C HIS B 161 -1.94 22.30 -10.12
N GLY B 162 -2.48 22.50 -8.92
CA GLY B 162 -3.52 23.50 -8.73
C GLY B 162 -3.40 24.37 -7.50
N VAL B 163 -2.18 24.60 -7.03
CA VAL B 163 -1.92 25.48 -5.89
C VAL B 163 -0.92 26.54 -6.34
N THR B 164 -1.23 27.82 -6.08
CA THR B 164 -2.45 28.23 -5.40
C THR B 164 -3.64 28.30 -6.35
N VAL B 165 -3.35 28.30 -7.64
CA VAL B 165 -4.35 28.19 -8.70
C VAL B 165 -3.87 27.13 -9.68
N LYS B 166 -4.69 26.85 -10.68
CA LYS B 166 -4.32 25.88 -11.70
C LYS B 166 -3.08 26.36 -12.46
N ASN B 167 -2.04 25.54 -12.45
CA ASN B 167 -0.74 25.92 -13.03
C ASN B 167 -0.86 25.87 -14.55
N ARG B 168 -1.45 26.93 -15.10
CA ARG B 168 -1.75 27.00 -16.53
C ARG B 168 -1.48 28.42 -17.01
N MET B 169 -1.06 28.53 -18.27
CA MET B 169 -0.67 29.81 -18.85
C MET B 169 -1.23 29.95 -20.25
N ILE B 170 -1.79 31.13 -20.55
CA ILE B 170 -2.21 31.49 -21.90
C ILE B 170 -1.64 32.86 -22.21
N ARG B 171 -0.84 32.94 -23.27
CA ARG B 171 -0.23 34.19 -23.70
C ARG B 171 -0.52 34.41 -25.17
N LEU B 172 -0.99 35.61 -25.52
CA LEU B 172 -1.34 35.97 -26.88
C LEU B 172 -0.30 36.91 -27.47
N HIS B 173 -0.21 36.89 -28.80
CA HIS B 173 0.72 37.73 -29.54
C HIS B 173 -0.02 38.46 -30.64
N PRO B 174 0.46 39.63 -31.05
CA PRO B 174 -0.28 40.43 -32.03
C PRO B 174 -0.54 39.73 -33.36
N ASP B 175 0.31 38.79 -33.76
CA ASP B 175 0.13 38.08 -35.01
C ASP B 175 -0.83 36.91 -34.90
N GLY B 176 -1.35 36.63 -33.71
CA GLY B 176 -2.26 35.52 -33.50
C GLY B 176 -1.64 34.28 -32.87
N THR B 177 -0.35 34.32 -32.55
CA THR B 177 0.31 33.17 -31.98
C THR B 177 -0.15 32.94 -30.54
N VAL B 178 -0.28 31.67 -30.16
CA VAL B 178 -0.75 31.28 -28.84
C VAL B 178 0.34 30.46 -28.17
N LEU B 179 0.66 30.80 -26.93
CA LEU B 179 1.55 30.03 -26.08
C LEU B 179 0.73 29.43 -24.94
N TYR B 180 0.78 28.11 -24.80
CA TYR B 180 -0.06 27.38 -23.85
C TYR B 180 0.83 26.50 -22.99
N GLY B 181 0.85 26.77 -21.69
CA GLY B 181 1.75 26.06 -20.77
C GLY B 181 1.00 25.32 -19.69
N LEU B 182 1.54 24.17 -19.30
CA LEU B 182 0.95 23.33 -18.26
C LEU B 182 2.05 22.69 -17.44
N ARG B 183 1.84 22.64 -16.12
CA ARG B 183 2.77 21.97 -15.21
C ARG B 183 2.17 20.63 -14.83
N ILE B 184 2.81 19.54 -15.27
CA ILE B 184 2.24 18.20 -15.24
C ILE B 184 3.19 17.27 -14.50
N THR B 185 2.63 16.47 -13.59
CA THR B 185 3.33 15.33 -13.00
C THR B 185 2.66 14.05 -13.51
N THR B 186 3.43 13.20 -14.18
CA THR B 186 2.89 12.02 -14.82
C THR B 186 3.70 10.79 -14.46
N THR B 187 3.06 9.63 -14.52
CA THR B 187 3.68 8.34 -14.29
C THR B 187 3.66 7.57 -15.61
N ALA B 188 4.83 7.37 -16.20
CA ALA B 188 4.95 6.73 -17.50
C ALA B 188 5.55 5.34 -17.35
N ALA B 189 5.07 4.40 -18.17
CA ALA B 189 5.44 3.00 -18.10
C ALA B 189 6.48 2.67 -19.16
N CYS B 190 7.53 1.97 -18.76
CA CYS B 190 8.53 1.45 -19.68
C CYS B 190 8.86 0.01 -19.34
N MET B 191 9.04 -0.80 -20.37
CA MET B 191 9.45 -2.19 -20.17
C MET B 191 10.90 -2.23 -19.71
N MET B 192 11.17 -3.03 -18.67
CA MET B 192 12.49 -3.13 -18.08
C MET B 192 13.00 -4.56 -18.18
N ASP B 193 14.23 -4.72 -18.65
CA ASP B 193 14.90 -6.01 -18.72
C ASP B 193 15.95 -6.04 -17.62
N LEU B 194 15.71 -6.85 -16.59
CA LEU B 194 16.54 -6.87 -15.39
C LEU B 194 17.35 -8.15 -15.26
N ARG B 195 17.63 -8.83 -16.37
CA ARG B 195 18.41 -10.06 -16.30
C ARG B 195 19.88 -9.82 -16.00
N ARG B 196 20.37 -8.59 -16.22
CA ARG B 196 21.73 -8.23 -15.87
C ARG B 196 21.81 -7.37 -14.62
N TYR B 197 20.73 -7.31 -13.84
CA TYR B 197 20.71 -6.54 -12.62
C TYR B 197 21.78 -7.06 -11.65
N PRO B 198 22.53 -6.17 -10.97
CA PRO B 198 22.44 -4.71 -10.97
C PRO B 198 23.36 -4.03 -11.98
N LEU B 199 23.78 -4.73 -13.03
CA LEU B 199 24.63 -4.17 -14.07
C LEU B 199 23.83 -3.85 -15.33
N ASP B 200 22.61 -3.36 -15.16
CA ASP B 200 21.66 -3.17 -16.26
C ASP B 200 21.65 -1.73 -16.73
N GLU B 201 21.08 -1.53 -17.91
CA GLU B 201 20.92 -0.21 -18.51
C GLU B 201 19.53 -0.15 -19.14
N GLN B 202 18.73 0.83 -18.73
CA GLN B 202 17.33 0.90 -19.12
C GLN B 202 17.09 2.08 -20.05
N ASN B 203 16.05 1.96 -20.87
CA ASN B 203 15.67 2.99 -21.83
C ASN B 203 14.18 3.24 -21.67
N CYS B 204 13.82 4.38 -21.06
CA CYS B 204 12.44 4.75 -20.79
C CYS B 204 12.08 6.00 -21.59
N THR B 205 10.93 5.96 -22.25
CA THR B 205 10.53 6.99 -23.21
C THR B 205 9.27 7.70 -22.73
N LEU B 206 8.83 8.66 -23.54
CA LEU B 206 7.56 9.36 -23.35
C LEU B 206 6.98 9.67 -24.72
N GLU B 207 5.76 9.19 -24.96
CA GLU B 207 5.11 9.32 -26.26
C GLU B 207 4.09 10.44 -26.24
N ILE B 208 4.04 11.23 -27.31
CA ILE B 208 3.13 12.36 -27.43
C ILE B 208 2.38 12.22 -28.75
N GLU B 209 1.05 12.27 -28.68
CA GLU B 209 0.24 12.01 -29.86
C GLU B 209 -1.06 12.81 -29.77
N SER B 210 -1.71 12.98 -30.93
CA SER B 210 -3.02 13.59 -31.01
C SER B 210 -4.08 12.50 -30.99
N TYR B 211 -5.13 12.69 -30.19
CA TYR B 211 -6.11 11.63 -30.00
C TYR B 211 -7.05 11.49 -31.19
N GLY B 212 -7.44 12.59 -31.83
CA GLY B 212 -8.47 12.50 -32.84
C GLY B 212 -8.19 13.21 -34.16
N TYR B 213 -6.95 13.63 -34.38
CA TYR B 213 -6.58 14.31 -35.60
C TYR B 213 -5.51 13.53 -36.35
N THR B 214 -5.54 13.62 -37.67
CA THR B 214 -4.53 13.04 -38.53
C THR B 214 -3.61 14.14 -39.06
N THR B 215 -2.67 13.75 -39.94
CA THR B 215 -1.74 14.72 -40.50
C THR B 215 -2.40 15.69 -41.45
N ASP B 216 -3.65 15.45 -41.85
CA ASP B 216 -4.38 16.40 -42.69
C ASP B 216 -4.88 17.61 -41.91
N ASP B 217 -4.88 17.57 -40.59
CA ASP B 217 -5.46 18.64 -39.80
C ASP B 217 -4.51 19.20 -38.75
N ILE B 218 -3.49 18.45 -38.34
CA ILE B 218 -2.56 18.90 -37.32
C ILE B 218 -1.21 18.23 -37.53
N GLU B 219 -0.14 18.94 -37.18
CA GLU B 219 1.21 18.43 -37.30
C GLU B 219 2.00 18.79 -36.04
N PHE B 220 2.94 17.92 -35.67
CA PHE B 220 3.78 18.11 -34.50
C PHE B 220 5.23 18.33 -34.93
N TYR B 221 5.93 19.20 -34.20
CA TYR B 221 7.37 19.34 -34.35
C TYR B 221 7.95 19.83 -33.04
N TRP B 222 9.24 19.59 -32.87
CA TRP B 222 9.96 20.06 -31.69
C TRP B 222 10.41 21.50 -31.93
N ARG B 223 9.97 22.41 -31.08
CA ARG B 223 10.30 23.83 -31.22
C ARG B 223 11.68 24.06 -30.61
N GLY B 224 12.66 24.32 -31.47
CA GLY B 224 14.03 24.49 -31.03
C GLY B 224 14.99 23.39 -31.45
N GLY B 225 14.56 22.48 -32.32
CA GLY B 225 15.43 21.39 -32.73
C GLY B 225 15.74 20.49 -31.56
N ASP B 226 17.02 20.24 -31.32
CA ASP B 226 17.47 19.42 -30.20
C ASP B 226 17.55 20.19 -28.90
N LYS B 227 17.26 21.49 -28.91
CA LYS B 227 17.19 22.30 -27.71
C LYS B 227 15.78 22.37 -27.13
N ALA B 228 14.84 21.60 -27.67
CA ALA B 228 13.45 21.69 -27.23
C ALA B 228 13.27 21.19 -25.81
N VAL B 229 14.09 20.26 -25.36
CA VAL B 229 13.99 19.68 -24.02
C VAL B 229 15.20 20.13 -23.21
N THR B 230 14.95 20.75 -22.06
CA THR B 230 15.99 21.28 -21.20
C THR B 230 15.80 20.79 -19.78
N GLY B 231 16.88 20.79 -19.01
CA GLY B 231 16.86 20.40 -17.62
C GLY B 231 17.30 18.98 -17.33
N VAL B 232 17.75 18.23 -18.34
CA VAL B 232 18.14 16.85 -18.13
C VAL B 232 19.44 16.77 -17.33
N GLU B 233 20.37 17.70 -17.58
CA GLU B 233 21.66 17.66 -16.92
C GLU B 233 21.60 18.08 -15.45
N ARG B 234 20.48 18.62 -14.99
CA ARG B 234 20.31 19.01 -13.59
C ARG B 234 19.51 18.00 -12.79
N ILE B 235 19.36 16.79 -13.32
CA ILE B 235 18.63 15.72 -12.64
C ILE B 235 19.65 14.81 -11.97
N GLU B 236 19.48 14.59 -10.67
CA GLU B 236 20.38 13.75 -9.88
C GLU B 236 19.56 12.63 -9.27
N LEU B 237 19.65 11.45 -9.88
CA LEU B 237 18.99 10.26 -9.35
C LEU B 237 19.94 9.55 -8.38
N PRO B 238 19.47 9.17 -7.19
CA PRO B 238 20.36 8.48 -6.25
C PRO B 238 20.85 7.14 -6.74
N GLN B 239 20.17 6.54 -7.72
CA GLN B 239 20.47 5.19 -8.17
CA GLN B 239 20.49 5.19 -8.17
C GLN B 239 20.91 5.10 -9.63
N PHE B 240 20.69 6.13 -10.43
CA PHE B 240 21.01 6.08 -11.85
C PHE B 240 21.80 7.32 -12.26
N SER B 241 22.42 7.22 -13.43
CA SER B 241 23.00 8.36 -14.13
C SER B 241 22.43 8.38 -15.54
N ILE B 242 22.06 9.57 -16.01
CA ILE B 242 21.44 9.70 -17.33
C ILE B 242 22.54 9.79 -18.37
N VAL B 243 22.72 8.72 -19.14
CA VAL B 243 23.79 8.67 -20.13
C VAL B 243 23.46 9.59 -21.31
N GLU B 244 22.22 9.57 -21.77
CA GLU B 244 21.86 10.28 -22.99
C GLU B 244 20.35 10.51 -23.01
N HIS B 245 19.93 11.48 -23.81
CA HIS B 245 18.53 11.68 -24.14
C HIS B 245 18.42 12.01 -25.62
N ARG B 246 17.24 11.76 -26.18
CA ARG B 246 17.07 11.79 -27.63
C ARG B 246 15.66 12.26 -27.97
N LEU B 247 15.53 12.93 -29.11
CA LEU B 247 14.26 13.46 -29.59
C LEU B 247 13.97 12.91 -30.98
N VAL B 248 12.76 12.40 -31.18
CA VAL B 248 12.35 11.81 -32.44
C VAL B 248 11.02 12.45 -32.85
N SER B 249 10.77 12.49 -34.16
CA SER B 249 9.54 13.01 -34.72
C SER B 249 9.17 12.17 -35.93
N ARG B 250 7.98 11.58 -35.91
CA ARG B 250 7.57 10.69 -37.00
C ARG B 250 6.05 10.65 -37.08
N ASN B 251 5.56 10.15 -38.20
CA ASN B 251 4.12 9.98 -38.44
C ASN B 251 3.80 8.50 -38.41
N VAL B 252 2.89 8.11 -37.52
CA VAL B 252 2.44 6.73 -37.41
C VAL B 252 1.37 6.50 -38.46
N VAL B 253 1.58 5.48 -39.30
CA VAL B 253 0.68 5.17 -40.40
C VAL B 253 -0.27 4.07 -39.93
N PHE B 254 -1.45 4.46 -39.48
CA PHE B 254 -2.51 3.52 -39.17
C PHE B 254 -3.39 3.33 -40.39
N ALA B 255 -4.53 2.65 -40.21
CA ALA B 255 -5.45 2.45 -41.33
C ALA B 255 -6.16 3.73 -41.71
N THR B 256 -6.64 4.48 -40.71
CA THR B 256 -7.37 5.71 -40.98
C THR B 256 -6.49 6.84 -41.50
N GLY B 257 -5.17 6.69 -41.45
CA GLY B 257 -4.27 7.70 -41.97
C GLY B 257 -3.04 7.90 -41.11
N ALA B 258 -2.19 8.86 -41.49
CA ALA B 258 -0.99 9.16 -40.73
C ALA B 258 -1.33 10.00 -39.51
N TYR B 259 -0.73 9.66 -38.37
CA TYR B 259 -0.93 10.36 -37.12
C TYR B 259 0.39 10.95 -36.64
N PRO B 260 0.42 12.21 -36.21
CA PRO B 260 1.67 12.79 -35.70
C PRO B 260 2.08 12.17 -34.39
N ARG B 261 3.39 12.13 -34.14
CA ARG B 261 3.92 11.59 -32.90
C ARG B 261 5.28 12.20 -32.60
N LEU B 262 5.47 12.64 -31.35
CA LEU B 262 6.76 13.08 -30.85
C LEU B 262 7.20 12.14 -29.73
N SER B 263 8.49 11.81 -29.71
CA SER B 263 9.02 10.84 -28.76
C SER B 263 10.26 11.39 -28.08
N LEU B 264 10.32 11.26 -26.76
CA LEU B 264 11.47 11.64 -25.95
C LEU B 264 11.89 10.44 -25.11
N SER B 265 13.17 10.08 -25.19
CA SER B 265 13.68 8.91 -24.50
C SER B 265 14.95 9.25 -23.72
N PHE B 266 15.11 8.57 -22.59
CA PHE B 266 16.32 8.65 -21.77
C PHE B 266 16.97 7.27 -21.70
N ARG B 267 18.26 7.27 -21.40
CA ARG B 267 19.01 6.03 -21.16
C ARG B 267 19.63 6.12 -19.76
N LEU B 268 19.21 5.23 -18.88
CA LEU B 268 19.65 5.24 -17.49
C LEU B 268 20.64 4.10 -17.26
N LYS B 269 21.72 4.41 -16.55
CA LYS B 269 22.73 3.42 -16.19
C LYS B 269 22.80 3.34 -14.67
N ARG B 270 22.51 2.16 -14.13
CA ARG B 270 22.44 1.98 -12.68
C ARG B 270 23.83 2.10 -12.06
N ASN B 271 23.88 2.77 -10.92
CA ASN B 271 25.13 2.89 -10.17
C ASN B 271 25.46 1.57 -9.47
N ILE B 272 26.75 1.26 -9.38
CA ILE B 272 27.21 -0.02 -8.87
C ILE B 272 27.85 0.08 -7.49
N GLY B 273 28.19 1.28 -7.02
CA GLY B 273 28.91 1.41 -5.76
C GLY B 273 28.14 0.89 -4.56
N TYR B 274 26.81 1.01 -4.60
CA TYR B 274 25.99 0.53 -3.48
C TYR B 274 26.08 -0.99 -3.34
N PHE B 275 26.09 -1.70 -4.46
CA PHE B 275 26.11 -3.16 -4.44
C PHE B 275 27.48 -3.72 -4.10
N ILE B 276 28.56 -2.98 -4.39
CA ILE B 276 29.90 -3.46 -4.06
C ILE B 276 30.05 -3.61 -2.55
N LEU B 277 29.60 -2.60 -1.80
CA LEU B 277 29.72 -2.65 -0.34
C LEU B 277 28.70 -3.59 0.30
N GLN B 278 27.47 -3.62 -0.23
CA GLN B 278 26.40 -4.33 0.43
C GLN B 278 26.31 -5.80 0.05
N THR B 279 26.68 -6.17 -1.17
CA THR B 279 26.50 -7.54 -1.63
C THR B 279 27.80 -8.26 -1.93
N TYR B 280 28.63 -7.73 -2.83
CA TYR B 280 29.75 -8.51 -3.37
C TYR B 280 30.86 -8.69 -2.34
N MET B 281 31.26 -7.60 -1.67
CA MET B 281 32.37 -7.70 -0.72
C MET B 281 32.06 -8.58 0.47
N PRO B 282 30.89 -8.50 1.12
CA PRO B 282 30.61 -9.47 2.20
C PRO B 282 30.65 -10.91 1.74
N SER B 283 30.15 -11.21 0.54
CA SER B 283 30.16 -12.57 0.04
C SER B 283 31.58 -13.06 -0.24
N ILE B 284 32.44 -12.19 -0.77
CA ILE B 284 33.81 -12.58 -1.06
C ILE B 284 34.57 -12.89 0.21
N LEU B 285 34.42 -12.07 1.25
CA LEU B 285 35.20 -12.25 2.46
C LEU B 285 34.75 -13.47 3.25
N ILE B 286 33.46 -13.79 3.23
CA ILE B 286 32.98 -15.01 3.88
C ILE B 286 33.50 -16.24 3.16
N THR B 287 33.59 -16.17 1.83
CA THR B 287 34.10 -17.30 1.06
C THR B 287 35.59 -17.54 1.36
N ILE B 288 36.35 -16.47 1.57
CA ILE B 288 37.77 -16.62 1.89
C ILE B 288 37.95 -17.24 3.27
N LEU B 289 37.10 -16.88 4.23
CA LEU B 289 37.20 -17.43 5.57
C LEU B 289 36.97 -18.94 5.59
N SER B 290 36.21 -19.45 4.64
CA SER B 290 36.00 -20.89 4.56
C SER B 290 37.26 -21.64 4.16
N TRP B 291 38.24 -20.95 3.56
CA TRP B 291 39.51 -21.58 3.22
C TRP B 291 40.46 -21.66 4.41
N VAL B 292 40.16 -20.98 5.51
CA VAL B 292 41.02 -21.02 6.68
C VAL B 292 41.14 -22.44 7.23
N SER B 293 40.07 -23.23 7.11
CA SER B 293 40.07 -24.57 7.66
C SER B 293 41.10 -25.48 6.98
N PHE B 294 41.53 -25.15 5.77
CA PHE B 294 42.50 -25.98 5.06
C PHE B 294 43.88 -25.94 5.71
N TRP B 295 44.15 -24.96 6.57
CA TRP B 295 45.43 -24.84 7.26
C TRP B 295 45.35 -25.30 8.71
N ILE B 296 44.26 -25.93 9.11
CA ILE B 296 44.06 -26.45 10.46
C ILE B 296 44.28 -27.96 10.42
N ASN B 297 44.86 -28.51 11.49
CA ASN B 297 45.08 -29.95 11.57
C ASN B 297 43.76 -30.69 11.47
N TYR B 298 43.77 -31.79 10.72
CA TYR B 298 42.54 -32.53 10.48
C TYR B 298 42.05 -33.31 11.68
N ASP B 299 42.87 -33.44 12.74
CA ASP B 299 42.42 -34.09 13.95
C ASP B 299 41.62 -33.16 14.86
N ALA B 300 41.53 -31.88 14.53
CA ALA B 300 40.72 -30.93 15.29
C ALA B 300 39.35 -30.83 14.62
N SER B 301 38.53 -31.86 14.87
CA SER B 301 37.24 -31.96 14.18
C SER B 301 36.26 -30.90 14.65
N ALA B 302 36.27 -30.59 15.95
CA ALA B 302 35.33 -29.60 16.48
C ALA B 302 35.59 -28.23 15.89
N ALA B 303 36.86 -27.86 15.72
CA ALA B 303 37.19 -26.54 15.16
C ALA B 303 36.83 -26.45 13.68
N ARG B 304 37.15 -27.48 12.91
CA ARG B 304 36.92 -27.41 11.46
C ARG B 304 35.44 -27.57 11.12
N VAL B 305 34.70 -28.34 11.91
CA VAL B 305 33.26 -28.46 11.67
C VAL B 305 32.55 -27.16 12.01
N ALA B 306 32.90 -26.57 13.16
CA ALA B 306 32.26 -25.32 13.57
C ALA B 306 32.58 -24.19 12.59
N LEU B 307 33.83 -24.11 12.13
CA LEU B 307 34.20 -23.10 11.16
C LEU B 307 33.44 -23.32 9.85
N GLY B 308 33.36 -24.56 9.38
CA GLY B 308 32.70 -24.83 8.12
C GLY B 308 31.21 -24.57 8.15
N ILE B 309 30.53 -25.00 9.21
CA ILE B 309 29.08 -24.91 9.23
C ILE B 309 28.62 -23.48 9.55
N THR B 310 29.44 -22.70 10.25
CA THR B 310 29.04 -21.34 10.58
C THR B 310 29.17 -20.41 9.37
N THR B 311 30.11 -20.71 8.47
CA THR B 311 30.19 -19.94 7.24
C THR B 311 28.99 -20.21 6.34
N VAL B 312 28.45 -21.43 6.37
CA VAL B 312 27.23 -21.72 5.64
C VAL B 312 26.06 -20.92 6.20
N LEU B 313 25.95 -20.84 7.52
CA LEU B 313 24.90 -20.05 8.15
C LEU B 313 25.08 -18.56 7.86
N THR B 314 26.32 -18.08 7.87
CA THR B 314 26.56 -16.67 7.59
C THR B 314 26.22 -16.32 6.14
N MET B 315 26.56 -17.22 5.21
CA MET B 315 26.22 -17.00 3.80
C MET B 315 24.72 -17.00 3.59
N THR B 316 24.00 -17.88 4.31
CA THR B 316 22.54 -17.89 4.24
C THR B 316 21.95 -16.59 4.78
N THR B 317 22.53 -16.06 5.87
CA THR B 317 22.04 -14.81 6.45
C THR B 317 22.18 -13.65 5.48
N ILE B 318 23.31 -13.57 4.78
CA ILE B 318 23.51 -12.50 3.80
C ILE B 318 22.47 -12.60 2.69
N ASN B 319 22.25 -13.82 2.18
CA ASN B 319 21.34 -13.98 1.06
C ASN B 319 19.90 -13.64 1.42
N THR B 320 19.44 -14.05 2.62
CA THR B 320 18.06 -13.80 2.98
C THR B 320 17.82 -12.33 3.35
N HIS B 321 18.85 -11.64 3.86
CA HIS B 321 18.70 -10.22 4.13
C HIS B 321 18.57 -9.41 2.84
N LEU B 322 19.34 -9.77 1.82
CA LEU B 322 19.26 -9.07 0.55
C LEU B 322 17.92 -9.29 -0.14
N ARG B 323 17.28 -10.42 0.11
CA ARG B 323 15.96 -10.67 -0.46
C ARG B 323 14.94 -9.67 0.05
N GLU B 324 15.00 -9.34 1.34
CA GLU B 324 14.07 -8.38 1.91
C GLU B 324 14.42 -6.95 1.52
N THR B 325 15.69 -6.66 1.25
CA THR B 325 16.14 -5.30 1.00
C THR B 325 15.99 -4.89 -0.46
N LEU B 326 16.34 -5.78 -1.39
CA LEU B 326 16.28 -5.47 -2.80
C LEU B 326 14.86 -5.67 -3.34
N PRO B 327 14.52 -5.01 -4.45
CA PRO B 327 13.17 -5.15 -5.01
C PRO B 327 12.88 -6.58 -5.43
N LYS B 328 11.62 -6.97 -5.28
CA LYS B 328 11.18 -8.33 -5.59
C LYS B 328 11.02 -8.47 -7.11
N ILE B 329 11.95 -9.18 -7.74
CA ILE B 329 11.92 -9.41 -9.18
C ILE B 329 12.02 -10.92 -9.40
N PRO B 330 10.91 -11.65 -9.36
CA PRO B 330 10.98 -13.11 -9.32
C PRO B 330 11.42 -13.77 -10.62
N TYR B 331 12.66 -13.51 -11.05
CA TYR B 331 13.32 -14.36 -12.04
C TYR B 331 14.82 -14.19 -11.87
N VAL B 332 15.57 -15.11 -12.47
CA VAL B 332 17.00 -15.23 -12.19
C VAL B 332 17.74 -14.05 -12.81
N LYS B 333 18.38 -13.25 -11.96
CA LYS B 333 19.16 -12.09 -12.38
C LYS B 333 20.64 -12.36 -12.14
N ALA B 334 21.48 -11.40 -12.55
CA ALA B 334 22.92 -11.55 -12.37
C ALA B 334 23.31 -11.55 -10.90
N ILE B 335 22.54 -10.85 -10.06
CA ILE B 335 22.85 -10.83 -8.63
C ILE B 335 22.61 -12.21 -8.00
N ASP B 336 21.62 -12.96 -8.50
CA ASP B 336 21.32 -14.26 -7.93
C ASP B 336 22.38 -15.30 -8.29
N MET B 337 22.94 -15.21 -9.49
CA MET B 337 23.95 -16.17 -9.92
C MET B 337 25.21 -16.06 -9.09
N TYR B 338 25.57 -14.85 -8.65
CA TYR B 338 26.79 -14.68 -7.89
C TYR B 338 26.65 -15.19 -6.46
N LEU B 339 25.49 -14.94 -5.83
CA LEU B 339 25.29 -15.38 -4.46
C LEU B 339 25.18 -16.90 -4.39
N MET B 340 24.57 -17.52 -5.39
CA MET B 340 24.51 -18.98 -5.43
C MET B 340 25.88 -19.58 -5.67
N GLY B 341 26.71 -18.92 -6.49
CA GLY B 341 28.05 -19.41 -6.71
C GLY B 341 28.90 -19.40 -5.46
N CYS B 342 28.72 -18.38 -4.61
CA CYS B 342 29.44 -18.33 -3.35
C CYS B 342 28.90 -19.34 -2.35
N PHE B 343 27.59 -19.62 -2.40
CA PHE B 343 27.02 -20.62 -1.51
C PHE B 343 27.52 -22.03 -1.85
N VAL B 344 27.77 -22.29 -3.14
CA VAL B 344 28.28 -23.60 -3.53
C VAL B 344 29.71 -23.78 -3.05
N PHE B 345 30.53 -22.74 -3.13
CA PHE B 345 31.93 -22.85 -2.73
C PHE B 345 32.07 -23.15 -1.24
N VAL B 346 31.30 -22.45 -0.40
CA VAL B 346 31.38 -22.73 1.03
C VAL B 346 30.73 -24.08 1.35
N PHE B 347 29.84 -24.56 0.48
CA PHE B 347 29.27 -25.89 0.64
C PHE B 347 30.31 -26.97 0.38
N LEU B 348 31.15 -26.78 -0.64
CA LEU B 348 32.15 -27.78 -0.99
C LEU B 348 33.32 -27.77 -0.01
N ALA B 349 33.60 -26.63 0.63
CA ALA B 349 34.70 -26.56 1.58
C ALA B 349 34.38 -27.40 2.82
N LEU B 350 33.14 -27.36 3.30
CA LEU B 350 32.73 -28.23 4.39
C LEU B 350 32.64 -29.68 3.94
N LEU B 351 32.27 -29.91 2.68
CA LEU B 351 32.23 -31.28 2.15
C LEU B 351 33.61 -31.88 2.00
N GLU B 352 34.65 -31.04 1.89
CA GLU B 352 36.00 -31.56 1.74
C GLU B 352 36.52 -32.16 3.04
N TYR B 353 36.16 -31.58 4.19
CA TYR B 353 36.65 -32.12 5.45
C TYR B 353 36.01 -33.45 5.79
N ALA B 354 34.76 -33.66 5.38
CA ALA B 354 34.10 -34.94 5.65
C ALA B 354 34.84 -36.09 4.99
N PHE B 355 35.35 -35.86 3.78
CA PHE B 355 36.18 -36.88 3.13
C PHE B 355 37.50 -37.06 3.86
N VAL B 356 38.11 -35.96 4.30
CA VAL B 356 39.39 -36.03 5.01
C VAL B 356 39.22 -36.71 6.37
N ASN B 357 38.15 -36.33 7.10
CA ASN B 357 37.93 -36.92 8.42
C ASN B 357 37.61 -38.40 8.33
N TYR B 358 37.09 -38.86 7.19
CA TYR B 358 36.71 -40.25 7.05
C TYR B 358 37.91 -41.17 6.82
N ILE B 359 38.97 -40.66 6.18
CA ILE B 359 40.10 -41.50 5.78
C ILE B 359 41.38 -41.18 6.53
N PHE B 360 41.37 -40.21 7.44
CA PHE B 360 42.63 -39.78 8.04
C PHE B 360 43.21 -40.78 9.03
N PHE B 361 42.43 -41.80 9.44
CA PHE B 361 42.94 -42.81 10.34
C PHE B 361 43.66 -43.93 9.58
N SER B 362 43.01 -44.50 8.57
CA SER B 362 43.61 -45.59 7.82
C SER B 362 44.67 -45.09 6.84
N GLN B 363 44.47 -43.91 6.25
CA GLN B 363 45.35 -43.39 5.21
C GLN B 363 45.76 -41.96 5.57
N PRO B 364 46.64 -41.79 6.56
CA PRO B 364 47.05 -40.44 6.94
C PRO B 364 47.74 -39.66 5.83
N ALA B 365 48.50 -40.34 4.97
CA ALA B 365 49.21 -39.64 3.90
C ALA B 365 48.24 -39.11 2.84
N ARG B 366 47.21 -39.89 2.52
CA ARG B 366 46.22 -39.44 1.54
C ARG B 366 45.43 -38.25 2.06
N ALA B 367 45.08 -38.26 3.35
CA ALA B 367 44.32 -37.16 3.92
C ALA B 367 45.10 -35.86 3.89
N ALA B 368 46.41 -35.92 4.17
CA ALA B 368 47.23 -34.72 4.17
C ALA B 368 47.44 -34.18 2.77
N ALA B 369 47.37 -35.04 1.76
CA ALA B 369 47.55 -34.59 0.37
C ALA B 369 46.33 -33.83 -0.12
N ILE B 370 45.13 -34.23 0.32
CA ILE B 370 43.91 -33.54 -0.09
C ILE B 370 43.89 -32.13 0.45
N ASP B 371 44.32 -31.94 1.71
CA ASP B 371 44.35 -30.60 2.28
C ASP B 371 45.34 -29.70 1.54
N ARG B 372 46.49 -30.25 1.15
CA ARG B 372 47.49 -29.45 0.44
C ARG B 372 46.97 -29.00 -0.93
N TRP B 373 46.24 -29.88 -1.62
CA TRP B 373 45.69 -29.50 -2.91
C TRP B 373 44.47 -28.60 -2.79
N SER B 374 43.74 -28.69 -1.68
CA SER B 374 42.61 -27.79 -1.47
C SER B 374 43.06 -26.36 -1.27
N ARG B 375 44.26 -26.16 -0.72
CA ARG B 375 44.82 -24.81 -0.57
C ARG B 375 45.12 -24.15 -1.89
N ILE B 376 45.20 -24.90 -2.99
CA ILE B 376 45.47 -24.37 -4.31
C ILE B 376 44.20 -24.30 -5.15
N VAL B 377 43.43 -25.39 -5.18
CA VAL B 377 42.31 -25.49 -6.10
C VAL B 377 41.22 -24.49 -5.74
N PHE B 378 40.88 -24.39 -4.45
CA PHE B 378 39.79 -23.50 -4.04
C PHE B 378 40.08 -22.03 -4.32
N PRO B 379 41.23 -21.47 -3.95
CA PRO B 379 41.51 -20.08 -4.35
C PRO B 379 41.62 -19.89 -5.85
N PHE B 380 42.12 -20.89 -6.57
CA PHE B 380 42.30 -20.74 -8.02
C PHE B 380 40.97 -20.83 -8.76
N THR B 381 40.11 -21.76 -8.35
CA THR B 381 38.82 -21.91 -9.02
C THR B 381 37.91 -20.72 -8.75
N PHE B 382 37.95 -20.18 -7.53
CA PHE B 382 37.11 -19.03 -7.21
C PHE B 382 37.50 -17.80 -8.02
N SER B 383 38.80 -17.59 -8.22
CA SER B 383 39.24 -16.48 -9.05
C SER B 383 38.86 -16.70 -10.51
N LEU B 384 38.90 -17.96 -10.96
CA LEU B 384 38.44 -18.27 -12.31
C LEU B 384 36.94 -18.06 -12.44
N PHE B 385 36.19 -18.37 -11.38
CA PHE B 385 34.75 -18.11 -11.38
C PHE B 385 34.46 -16.62 -11.47
N ASN B 386 35.22 -15.81 -10.74
CA ASN B 386 35.01 -14.36 -10.78
C ASN B 386 35.41 -13.77 -12.13
N LEU B 387 36.45 -14.31 -12.76
CA LEU B 387 36.88 -13.81 -14.06
C LEU B 387 35.80 -14.04 -15.12
N VAL B 388 35.18 -15.22 -15.11
CA VAL B 388 34.08 -15.50 -16.03
C VAL B 388 32.90 -14.58 -15.75
N TYR B 389 32.58 -14.37 -14.48
CA TYR B 389 31.42 -13.57 -14.12
C TYR B 389 31.58 -12.12 -14.56
N TRP B 390 32.70 -11.50 -14.21
CA TRP B 390 32.91 -10.08 -14.47
C TRP B 390 33.28 -9.78 -15.92
N LEU B 391 33.18 -10.76 -16.81
CA LEU B 391 33.28 -10.55 -18.25
C LEU B 391 31.97 -10.75 -18.97
N TYR B 392 31.17 -11.74 -18.55
CA TYR B 392 29.89 -12.01 -19.17
C TYR B 392 28.85 -10.93 -18.85
N TYR B 393 29.12 -10.06 -17.88
CA TYR B 393 28.19 -9.01 -17.49
C TYR B 393 28.77 -7.61 -17.60
N VAL B 394 30.07 -7.44 -17.43
CA VAL B 394 30.68 -6.12 -17.55
C VAL B 394 31.26 -5.95 -18.95
N GLY C 27 -27.78 46.55 4.19
CA GLY C 27 -28.01 47.94 3.90
C GLY C 27 -27.25 48.44 2.68
N ASP C 28 -26.40 49.43 2.88
CA ASP C 28 -25.59 49.97 1.80
C ASP C 28 -24.35 49.14 1.50
N VAL C 29 -24.00 48.18 2.36
CA VAL C 29 -22.84 47.35 2.13
C VAL C 29 -23.05 46.49 0.88
N THR C 30 -24.28 46.02 0.66
CA THR C 30 -24.58 45.26 -0.54
C THR C 30 -24.44 46.13 -1.79
N VAL C 31 -24.85 47.40 -1.70
CA VAL C 31 -24.74 48.30 -2.83
C VAL C 31 -23.27 48.51 -3.22
N ILE C 32 -22.39 48.61 -2.22
CA ILE C 32 -20.97 48.79 -2.48
C ILE C 32 -20.41 47.60 -3.26
N LEU C 33 -20.77 46.39 -2.82
CA LEU C 33 -20.26 45.18 -3.48
C LEU C 33 -20.77 45.07 -4.91
N ASN C 34 -22.05 45.38 -5.14
CA ASN C 34 -22.62 45.25 -6.48
C ASN C 34 -21.99 46.25 -7.45
N ASN C 35 -21.72 47.48 -6.99
CA ASN C 35 -21.15 48.48 -7.88
C ASN C 35 -19.68 48.20 -8.19
N LEU C 36 -18.96 47.59 -7.25
CA LEU C 36 -17.55 47.28 -7.49
C LEU C 36 -17.38 46.27 -8.63
N LEU C 37 -18.21 45.22 -8.63
CA LEU C 37 -18.10 44.18 -9.64
C LEU C 37 -18.68 44.58 -10.99
N GLU C 38 -19.38 45.71 -11.06
CA GLU C 38 -19.90 46.18 -12.33
C GLU C 38 -18.77 46.79 -13.16
N GLY C 39 -18.66 46.35 -14.41
CA GLY C 39 -17.59 46.81 -15.26
C GLY C 39 -16.22 46.29 -14.90
N TYR C 40 -16.14 45.14 -14.24
CA TYR C 40 -14.88 44.56 -13.80
C TYR C 40 -14.53 43.38 -14.70
N ASP C 41 -13.30 43.38 -15.20
CA ASP C 41 -12.77 42.29 -16.01
C ASP C 41 -11.64 41.63 -15.23
N ASN C 42 -11.87 40.40 -14.75
CA ASN C 42 -10.88 39.71 -13.94
C ASN C 42 -9.84 38.99 -14.77
N LYS C 43 -9.91 39.05 -16.09
CA LYS C 43 -8.88 38.49 -16.96
C LYS C 43 -7.68 39.40 -17.11
N LEU C 44 -7.75 40.63 -16.62
CA LEU C 44 -6.69 41.62 -16.76
C LEU C 44 -6.14 41.98 -15.39
N ARG C 45 -4.82 41.95 -15.26
CA ARG C 45 -4.19 42.35 -14.02
C ARG C 45 -4.26 43.87 -13.86
N PRO C 46 -4.22 44.38 -12.62
CA PRO C 46 -4.19 45.83 -12.43
C PRO C 46 -2.95 46.43 -13.07
N ASP C 47 -3.13 47.60 -13.69
CA ASP C 47 -2.06 48.32 -14.37
C ASP C 47 -1.39 47.44 -15.41
N ILE C 48 -2.20 46.84 -16.28
CA ILE C 48 -1.71 45.84 -17.21
C ILE C 48 -0.75 46.46 -18.22
N GLY C 49 -1.00 47.70 -18.64
CA GLY C 49 -0.15 48.35 -19.61
C GLY C 49 0.65 49.53 -19.09
N VAL C 50 0.79 49.63 -17.76
CA VAL C 50 1.44 50.81 -17.18
C VAL C 50 2.70 50.42 -16.42
N LYS C 51 2.55 49.63 -15.37
CA LYS C 51 3.66 49.32 -14.48
C LYS C 51 3.45 47.92 -13.91
N PRO C 52 4.52 47.27 -13.43
CA PRO C 52 4.35 45.94 -12.82
C PRO C 52 3.50 46.01 -11.56
N THR C 53 2.78 44.93 -11.31
CA THR C 53 1.97 44.81 -10.10
C THR C 53 2.86 44.34 -8.95
N LEU C 54 2.92 45.14 -7.89
CA LEU C 54 3.76 44.83 -6.74
C LEU C 54 2.95 44.07 -5.70
N ILE C 55 3.49 42.93 -5.26
CA ILE C 55 2.81 42.03 -4.33
C ILE C 55 3.71 41.85 -3.10
N HIS C 56 3.14 42.03 -1.92
CA HIS C 56 3.83 41.83 -0.66
C HIS C 56 3.34 40.54 -0.01
N THR C 57 4.29 39.67 0.35
CA THR C 57 3.96 38.34 0.83
C THR C 57 4.41 38.15 2.27
N ASP C 58 3.62 37.37 3.00
CA ASP C 58 3.93 36.97 4.37
C ASP C 58 3.71 35.47 4.49
N MET C 59 4.39 34.86 5.46
CA MET C 59 4.31 33.43 5.66
C MET C 59 4.39 33.11 7.14
N TYR C 60 3.41 32.36 7.65
CA TYR C 60 3.42 31.85 9.01
C TYR C 60 3.48 30.32 8.94
N VAL C 61 4.50 29.75 9.55
CA VAL C 61 4.73 28.31 9.49
C VAL C 61 4.05 27.66 10.69
N ASN C 62 3.01 26.87 10.43
CA ASN C 62 2.33 26.17 11.51
C ASN C 62 3.19 25.02 12.03
N SER C 63 3.78 24.24 11.13
CA SER C 63 4.60 23.10 11.52
C SER C 63 5.39 22.62 10.31
N ILE C 64 6.59 22.13 10.57
CA ILE C 64 7.43 21.48 9.57
C ILE C 64 7.42 19.99 9.87
N GLY C 65 6.83 19.21 8.96
CA GLY C 65 6.59 17.82 9.21
C GLY C 65 7.81 16.95 8.98
N PRO C 66 7.61 15.63 8.95
CA PRO C 66 8.75 14.72 8.86
C PRO C 66 9.53 14.88 7.57
N VAL C 67 10.83 14.66 7.65
CA VAL C 67 11.71 14.70 6.49
C VAL C 67 11.85 13.28 5.96
N ASN C 68 11.60 13.10 4.68
CA ASN C 68 11.63 11.78 4.04
C ASN C 68 12.92 11.67 3.24
N ALA C 69 13.94 11.05 3.83
CA ALA C 69 15.22 10.90 3.14
C ALA C 69 15.12 9.93 1.97
N ILE C 70 14.25 8.92 2.07
CA ILE C 70 14.12 7.93 1.00
C ILE C 70 13.62 8.59 -0.28
N ASN C 71 12.59 9.44 -0.16
CA ASN C 71 12.05 10.16 -1.30
C ASN C 71 12.65 11.55 -1.47
N MET C 72 13.46 12.01 -0.52
CA MET C 72 14.07 13.34 -0.55
C MET C 72 13.00 14.44 -0.65
N GLU C 73 12.16 14.50 0.38
CA GLU C 73 11.06 15.45 0.44
C GLU C 73 10.74 15.74 1.89
N TYR C 74 10.01 16.84 2.11
CA TYR C 74 9.55 17.19 3.44
C TYR C 74 8.19 17.85 3.34
N THR C 75 7.47 17.85 4.45
CA THR C 75 6.11 18.38 4.51
C THR C 75 6.09 19.62 5.39
N ILE C 76 5.33 20.63 4.96
CA ILE C 76 5.23 21.89 5.68
C ILE C 76 3.79 22.39 5.60
N ASP C 77 3.30 22.98 6.69
CA ASP C 77 1.98 23.57 6.75
C ASP C 77 2.13 25.05 7.08
N ILE C 78 1.55 25.92 6.25
CA ILE C 78 1.76 27.36 6.35
C ILE C 78 0.44 28.11 6.18
N PHE C 79 0.43 29.34 6.68
CA PHE C 79 -0.55 30.35 6.30
C PHE C 79 0.14 31.29 5.31
N PHE C 80 -0.46 31.45 4.13
CA PHE C 80 0.14 32.22 3.05
C PHE C 80 -0.70 33.47 2.80
N ALA C 81 -0.07 34.64 2.87
CA ALA C 81 -0.76 35.91 2.73
C ALA C 81 -0.12 36.73 1.62
N GLN C 82 -0.95 37.43 0.85
CA GLN C 82 -0.50 38.29 -0.23
C GLN C 82 -1.28 39.60 -0.22
N THR C 83 -0.59 40.70 -0.52
CA THR C 83 -1.19 42.03 -0.51
C THR C 83 -0.79 42.78 -1.77
N TRP C 84 -1.74 43.47 -2.38
CA TRP C 84 -1.47 44.29 -3.56
C TRP C 84 -2.55 45.36 -3.66
N TYR C 85 -2.35 46.28 -4.61
CA TYR C 85 -3.27 47.39 -4.84
C TYR C 85 -4.02 47.19 -6.16
N ASP C 86 -5.32 47.45 -6.13
CA ASP C 86 -6.16 47.41 -7.31
C ASP C 86 -7.01 48.68 -7.34
N ARG C 87 -6.70 49.58 -8.27
CA ARG C 87 -7.42 50.85 -8.37
C ARG C 87 -8.89 50.66 -8.71
N ARG C 88 -9.23 49.56 -9.38
CA ARG C 88 -10.61 49.29 -9.78
C ARG C 88 -11.52 48.96 -8.60
N LEU C 89 -10.97 48.76 -7.40
CA LEU C 89 -11.74 48.36 -6.23
C LEU C 89 -11.78 49.44 -5.17
N LYS C 90 -11.82 50.71 -5.60
CA LYS C 90 -11.95 51.83 -4.67
C LYS C 90 -13.42 52.11 -4.39
N PHE C 91 -13.69 52.58 -3.17
CA PHE C 91 -15.05 52.97 -2.80
C PHE C 91 -14.97 54.01 -1.70
N ASN C 92 -16.09 54.72 -1.50
CA ASN C 92 -16.20 55.77 -0.50
C ASN C 92 -17.35 55.46 0.44
N SER C 93 -17.06 55.40 1.73
CA SER C 93 -18.06 55.21 2.78
C SER C 93 -17.38 55.43 4.12
N THR C 94 -18.20 55.44 5.17
CA THR C 94 -17.66 55.47 6.53
C THR C 94 -17.02 54.14 6.93
N ILE C 95 -17.21 53.10 6.13
CA ILE C 95 -16.60 51.79 6.38
C ILE C 95 -15.19 51.81 5.79
N LYS C 96 -14.21 51.48 6.63
CA LYS C 96 -12.81 51.51 6.16
C LYS C 96 -12.44 50.24 5.39
N VAL C 97 -12.82 49.07 5.89
CA VAL C 97 -12.41 47.80 5.31
C VAL C 97 -13.62 46.88 5.19
N LEU C 98 -13.69 46.14 4.09
CA LEU C 98 -14.72 45.14 3.86
C LEU C 98 -14.13 43.76 4.16
N ARG C 99 -14.56 43.16 5.26
CA ARG C 99 -14.08 41.85 5.66
C ARG C 99 -14.97 40.76 5.06
N LEU C 100 -14.40 39.95 4.19
CA LEU C 100 -15.16 38.99 3.41
C LEU C 100 -14.56 37.59 3.53
N ASN C 101 -15.37 36.59 3.26
CA ASN C 101 -14.95 35.20 3.22
C ASN C 101 -14.55 34.83 1.79
N SER C 102 -14.40 33.53 1.53
CA SER C 102 -13.87 33.02 0.27
C SER C 102 -14.86 33.10 -0.88
N ASN C 103 -16.09 33.56 -0.66
CA ASN C 103 -17.09 33.59 -1.72
CA ASN C 103 -17.09 33.59 -1.72
C ASN C 103 -16.67 34.52 -2.86
N MET C 104 -16.09 35.67 -2.53
CA MET C 104 -15.73 36.68 -3.51
C MET C 104 -14.34 36.48 -4.12
N VAL C 105 -13.63 35.42 -3.75
CA VAL C 105 -12.27 35.23 -4.24
C VAL C 105 -12.26 35.01 -5.75
N GLY C 106 -13.26 34.28 -6.27
CA GLY C 106 -13.30 33.97 -7.68
C GLY C 106 -13.83 35.04 -8.59
N LYS C 107 -14.23 36.19 -8.05
CA LYS C 107 -14.80 37.26 -8.87
C LYS C 107 -13.82 38.38 -9.19
N ILE C 108 -12.70 38.46 -8.47
CA ILE C 108 -11.72 39.52 -8.71
C ILE C 108 -10.43 38.91 -9.23
N TRP C 109 -9.46 39.74 -9.56
CA TRP C 109 -8.18 39.26 -10.05
C TRP C 109 -7.31 38.78 -8.90
N ILE C 110 -6.70 37.61 -9.07
CA ILE C 110 -5.83 37.01 -8.06
C ILE C 110 -4.51 36.63 -8.74
N PRO C 111 -3.36 36.88 -8.11
CA PRO C 111 -2.10 36.44 -8.71
C PRO C 111 -2.00 34.92 -8.76
N ASP C 112 -1.32 34.42 -9.80
CA ASP C 112 -1.19 32.98 -10.02
C ASP C 112 0.10 32.44 -9.41
N THR C 113 0.24 32.65 -8.10
CA THR C 113 1.43 32.19 -7.39
C THR C 113 1.42 30.68 -7.25
N PHE C 114 2.57 30.07 -7.50
CA PHE C 114 2.75 28.63 -7.34
C PHE C 114 4.12 28.37 -6.74
N PHE C 115 4.30 27.15 -6.22
CA PHE C 115 5.54 26.76 -5.57
C PHE C 115 6.35 25.88 -6.53
N ARG C 116 7.59 26.31 -6.81
CA ARG C 116 8.34 25.73 -7.92
C ARG C 116 8.86 24.34 -7.60
N ASN C 117 9.25 24.09 -6.36
CA ASN C 117 9.82 22.80 -5.97
C ASN C 117 8.83 21.94 -5.21
N SER C 118 7.54 22.13 -5.45
CA SER C 118 6.48 21.41 -4.74
C SER C 118 6.15 20.13 -5.49
N LYS C 119 6.13 19.00 -4.78
CA LYS C 119 5.72 17.74 -5.39
C LYS C 119 4.22 17.55 -5.31
N LYS C 120 3.60 18.01 -4.23
CA LYS C 120 2.16 17.84 -4.04
C LYS C 120 1.71 18.84 -3.00
N ALA C 121 0.77 19.70 -3.37
CA ALA C 121 0.22 20.70 -2.45
C ALA C 121 -1.28 20.77 -2.62
N ASP C 122 -1.97 21.16 -1.55
CA ASP C 122 -3.42 21.28 -1.60
C ASP C 122 -3.89 22.31 -0.59
N ALA C 123 -5.08 22.85 -0.83
CA ALA C 123 -5.75 23.74 0.10
C ALA C 123 -6.72 22.93 0.97
N HIS C 124 -7.19 23.57 2.03
CA HIS C 124 -8.06 22.92 3.00
C HIS C 124 -9.50 23.40 2.83
N TRP C 125 -10.44 22.47 2.91
CA TRP C 125 -11.83 22.74 2.56
C TRP C 125 -12.82 22.37 3.66
N ILE C 126 -12.36 22.01 4.85
CA ILE C 126 -13.21 21.62 5.96
C ILE C 126 -13.18 22.74 7.00
N THR C 127 -14.35 23.22 7.41
CA THR C 127 -15.63 22.77 6.88
C THR C 127 -16.03 23.60 5.67
N THR C 128 -15.32 24.70 5.48
CA THR C 128 -15.45 25.60 4.34
C THR C 128 -14.05 25.86 3.81
N PRO C 129 -13.93 26.34 2.56
CA PRO C 129 -12.60 26.68 2.04
C PRO C 129 -11.89 27.66 2.96
N ASN C 130 -10.65 27.34 3.31
CA ASN C 130 -9.89 28.10 4.30
C ASN C 130 -9.23 29.29 3.61
N ARG C 131 -10.05 30.27 3.26
CA ARG C 131 -9.59 31.46 2.56
C ARG C 131 -10.27 32.69 3.15
N MET C 132 -9.61 33.83 3.00
CA MET C 132 -10.11 35.10 3.51
CA MET C 132 -10.16 35.10 3.47
C MET C 132 -9.70 36.20 2.54
N LEU C 133 -10.55 37.23 2.43
CA LEU C 133 -10.31 38.35 1.53
C LEU C 133 -10.82 39.63 2.18
N ARG C 134 -9.95 40.63 2.27
CA ARG C 134 -10.30 41.92 2.83
C ARG C 134 -9.93 43.02 1.85
N ILE C 135 -10.81 44.01 1.72
CA ILE C 135 -10.63 45.12 0.79
C ILE C 135 -10.75 46.43 1.58
N TRP C 136 -9.82 47.34 1.34
CA TRP C 136 -9.87 48.67 1.92
C TRP C 136 -10.31 49.68 0.87
N ASN C 137 -10.77 50.84 1.34
CA ASN C 137 -11.35 51.83 0.43
C ASN C 137 -10.32 52.44 -0.51
N ASP C 138 -9.03 52.33 -0.19
CA ASP C 138 -7.98 52.84 -1.07
C ASP C 138 -7.61 51.87 -2.18
N GLY C 139 -8.19 50.67 -2.19
CA GLY C 139 -7.91 49.68 -3.21
C GLY C 139 -6.97 48.58 -2.78
N ARG C 140 -6.55 48.55 -1.52
CA ARG C 140 -5.63 47.52 -1.05
C ARG C 140 -6.38 46.23 -0.74
N VAL C 141 -5.81 45.11 -1.19
CA VAL C 141 -6.43 43.79 -1.09
C VAL C 141 -5.51 42.90 -0.27
N LEU C 142 -6.08 42.21 0.71
CA LEU C 142 -5.38 41.20 1.50
C LEU C 142 -6.00 39.84 1.23
N TYR C 143 -5.18 38.89 0.78
CA TYR C 143 -5.64 37.56 0.41
C TYR C 143 -4.82 36.52 1.15
N THR C 144 -5.48 35.66 1.90
CA THR C 144 -4.81 34.66 2.73
C THR C 144 -5.47 33.30 2.54
N LEU C 145 -4.65 32.24 2.60
CA LEU C 145 -5.17 30.88 2.54
C LEU C 145 -4.19 29.95 3.23
N ARG C 146 -4.69 28.77 3.62
CA ARG C 146 -3.92 27.77 4.33
C ARG C 146 -3.50 26.66 3.37
N LEU C 147 -2.23 26.25 3.47
CA LEU C 147 -1.66 25.31 2.51
C LEU C 147 -0.85 24.24 3.23
N THR C 148 -0.89 23.03 2.69
CA THR C 148 -0.01 21.94 3.08
C THR C 148 0.78 21.50 1.84
N ILE C 149 2.11 21.46 1.96
CA ILE C 149 2.99 21.31 0.81
C ILE C 149 3.96 20.16 1.06
N ASP C 150 4.19 19.36 0.04
CA ASP C 150 5.27 18.38 0.00
C ASP C 150 6.31 18.87 -0.98
N ALA C 151 7.44 19.34 -0.49
CA ALA C 151 8.44 20.01 -1.30
C ALA C 151 9.68 19.14 -1.46
N GLU C 152 10.39 19.35 -2.56
CA GLU C 152 11.59 18.57 -2.87
C GLU C 152 12.81 19.17 -2.18
N CYS C 153 13.65 18.29 -1.65
CA CYS C 153 14.90 18.70 -1.01
C CYS C 153 15.95 17.64 -1.31
N GLN C 154 16.93 17.98 -2.14
CA GLN C 154 18.01 17.04 -2.47
C GLN C 154 19.03 17.03 -1.34
N LEU C 155 19.26 15.86 -0.77
CA LEU C 155 20.08 15.71 0.43
C LEU C 155 21.41 15.06 0.08
N GLN C 156 22.50 15.65 0.57
CA GLN C 156 23.84 15.08 0.46
C GLN C 156 24.12 14.30 1.73
N LEU C 157 24.26 12.99 1.62
CA LEU C 157 24.37 12.09 2.76
C LEU C 157 25.78 11.54 2.95
N HIS C 158 26.80 12.30 2.53
CA HIS C 158 28.16 11.82 2.67
C HIS C 158 28.58 11.73 4.12
N ASN C 159 28.13 12.66 4.95
CA ASN C 159 28.52 12.71 6.36
C ASN C 159 27.49 12.09 7.29
N PHE C 160 26.53 11.34 6.75
CA PHE C 160 25.52 10.71 7.58
C PHE C 160 26.17 9.77 8.58
N PRO C 161 25.75 9.78 9.85
CA PRO C 161 24.65 10.55 10.45
C PRO C 161 25.07 11.88 11.05
N MET C 162 26.10 12.52 10.52
CA MET C 162 26.55 13.83 10.99
C MET C 162 26.35 14.89 9.90
N ASP C 163 25.20 14.84 9.25
CA ASP C 163 24.92 15.66 8.07
C ASP C 163 24.03 16.85 8.44
N GLU C 164 24.21 17.93 7.71
CA GLU C 164 23.42 19.14 7.87
C GLU C 164 22.84 19.53 6.52
N HIS C 165 21.61 20.04 6.53
CA HIS C 165 20.90 20.35 5.29
C HIS C 165 20.18 21.67 5.42
N SER C 166 19.99 22.34 4.28
CA SER C 166 19.16 23.54 4.18
C SER C 166 18.13 23.29 3.08
N CYS C 167 16.90 22.98 3.46
CA CYS C 167 15.85 22.64 2.51
C CYS C 167 15.09 23.89 2.08
N PRO C 168 14.98 24.16 0.78
CA PRO C 168 14.35 25.40 0.32
C PRO C 168 12.86 25.26 0.07
N LEU C 169 12.22 26.43 -0.09
CA LEU C 169 10.82 26.50 -0.50
C LEU C 169 10.67 27.74 -1.37
N GLU C 170 10.48 27.54 -2.67
CA GLU C 170 10.50 28.61 -3.65
C GLU C 170 9.13 28.79 -4.28
N PHE C 171 8.72 30.04 -4.49
CA PHE C 171 7.47 30.34 -5.17
C PHE C 171 7.66 31.54 -6.09
N SER C 172 6.86 31.56 -7.16
CA SER C 172 6.89 32.64 -8.14
C SER C 172 5.55 32.69 -8.84
N SER C 173 5.48 33.44 -9.93
CA SER C 173 4.30 33.54 -10.76
C SER C 173 4.46 32.65 -11.98
N TYR C 174 3.38 31.93 -12.32
CA TYR C 174 3.48 30.96 -13.40
C TYR C 174 3.51 31.64 -14.77
N GLY C 175 2.75 32.72 -14.94
CA GLY C 175 2.60 33.31 -16.25
C GLY C 175 3.17 34.70 -16.46
N TYR C 176 3.25 35.49 -15.39
CA TYR C 176 3.65 36.89 -15.53
C TYR C 176 5.15 37.04 -15.29
N PRO C 177 5.91 37.56 -16.26
CA PRO C 177 7.35 37.78 -16.03
C PRO C 177 7.63 38.98 -15.13
N ARG C 178 8.91 39.33 -14.99
CA ARG C 178 9.30 40.42 -14.10
C ARG C 178 8.75 41.77 -14.52
N GLU C 179 8.44 41.94 -15.81
CA GLU C 179 7.87 43.19 -16.29
C GLU C 179 6.41 43.36 -15.92
N GLU C 180 5.77 42.35 -15.36
CA GLU C 180 4.35 42.39 -15.05
C GLU C 180 4.04 42.19 -13.58
N ILE C 181 4.74 41.27 -12.90
CA ILE C 181 4.52 41.00 -11.48
C ILE C 181 5.85 40.98 -10.76
N VAL C 182 5.93 41.69 -9.64
CA VAL C 182 7.11 41.70 -8.79
C VAL C 182 6.69 41.36 -7.37
N TYR C 183 7.39 40.44 -6.73
CA TYR C 183 7.15 40.06 -5.34
C TYR C 183 8.15 40.75 -4.43
N GLN C 184 7.76 40.89 -3.16
CA GLN C 184 8.62 41.55 -2.18
C GLN C 184 8.22 41.10 -0.78
N TRP C 185 9.22 40.82 0.05
CA TRP C 185 8.96 40.46 1.44
C TRP C 185 8.53 41.68 2.25
N LYS C 186 7.69 41.43 3.25
CA LYS C 186 7.25 42.48 4.16
C LYS C 186 8.24 42.62 5.32
N ARG C 187 7.84 43.34 6.37
CA ARG C 187 8.69 43.49 7.54
C ARG C 187 8.98 42.14 8.18
N SER C 188 7.94 41.48 8.68
CA SER C 188 8.06 40.14 9.26
C SER C 188 7.73 39.14 8.16
N SER C 189 8.77 38.55 7.56
CA SER C 189 8.57 37.69 6.40
C SER C 189 8.06 36.32 6.79
N VAL C 190 8.84 35.57 7.57
CA VAL C 190 8.50 34.21 7.95
C VAL C 190 8.43 34.13 9.46
N GLU C 191 7.30 33.67 9.98
CA GLU C 191 7.08 33.50 11.41
C GLU C 191 6.91 32.03 11.74
N VAL C 192 7.43 31.62 12.90
CA VAL C 192 7.29 30.27 13.40
C VAL C 192 6.79 30.34 14.83
N GLY C 193 5.85 29.46 15.18
CA GLY C 193 5.30 29.44 16.52
C GLY C 193 6.01 28.50 17.45
N ASP C 194 5.32 27.46 17.89
CA ASP C 194 5.92 26.45 18.77
C ASP C 194 6.82 25.54 17.93
N THR C 195 8.13 25.82 17.98
CA THR C 195 9.07 24.95 17.27
C THR C 195 9.18 23.59 17.94
N ARG C 196 8.79 23.49 19.21
CA ARG C 196 8.86 22.23 19.93
C ARG C 196 7.67 21.31 19.63
N SER C 197 6.62 21.83 19.01
CA SER C 197 5.43 21.05 18.70
C SER C 197 5.47 20.45 17.29
N TRP C 198 6.56 20.65 16.56
CA TRP C 198 6.65 20.18 15.18
C TRP C 198 6.78 18.66 15.15
N ARG C 199 6.84 18.12 13.94
CA ARG C 199 6.85 16.67 13.75
C ARG C 199 8.21 16.19 13.23
N LEU C 200 9.29 16.78 13.76
CA LEU C 200 10.65 16.40 13.40
C LEU C 200 11.21 15.48 14.49
N TYR C 201 11.39 14.21 14.16
CA TYR C 201 12.05 13.29 15.06
C TYR C 201 13.55 13.18 14.78
N GLN C 202 13.93 13.06 13.52
CA GLN C 202 15.33 12.83 13.18
C GLN C 202 16.16 14.11 13.27
N PHE C 203 15.54 15.25 12.97
CA PHE C 203 16.26 16.50 12.84
C PHE C 203 15.84 17.49 13.91
N SER C 204 16.68 18.51 14.11
CA SER C 204 16.38 19.64 14.96
C SER C 204 16.49 20.92 14.15
N PHE C 205 15.57 21.84 14.36
CA PHE C 205 15.50 23.06 13.58
C PHE C 205 16.50 24.09 14.11
N VAL C 206 17.29 24.67 13.21
CA VAL C 206 18.31 25.63 13.57
C VAL C 206 17.81 27.05 13.34
N GLY C 207 17.48 27.37 12.10
CA GLY C 207 17.05 28.71 11.74
C GLY C 207 16.64 28.76 10.29
N LEU C 208 16.28 29.96 9.84
CA LEU C 208 15.79 30.14 8.48
C LEU C 208 16.37 31.41 7.87
N ARG C 209 16.38 31.44 6.54
CA ARG C 209 16.75 32.61 5.75
C ARG C 209 15.76 32.76 4.62
N ASN C 210 15.61 33.99 4.12
CA ASN C 210 14.78 34.26 2.96
C ASN C 210 15.50 35.18 1.99
N THR C 211 15.41 34.85 0.69
CA THR C 211 16.15 35.58 -0.34
C THR C 211 15.23 36.01 -1.48
N THR C 212 15.83 36.55 -2.54
CA THR C 212 15.11 36.95 -3.75
C THR C 212 16.05 36.80 -4.93
N GLU C 213 15.54 36.26 -6.03
CA GLU C 213 16.36 36.07 -7.22
C GLU C 213 15.48 36.15 -8.46
N VAL C 214 16.14 36.33 -9.61
CA VAL C 214 15.49 36.34 -10.91
C VAL C 214 16.01 35.15 -11.70
N VAL C 215 15.10 34.30 -12.16
CA VAL C 215 15.44 33.07 -12.87
C VAL C 215 14.98 33.21 -14.32
N LYS C 216 15.88 32.92 -15.25
CA LYS C 216 15.58 33.03 -16.68
C LYS C 216 15.12 31.68 -17.20
N THR C 217 13.93 31.67 -17.82
CA THR C 217 13.36 30.47 -18.40
C THR C 217 13.14 30.70 -19.90
N THR C 218 12.52 29.72 -20.55
CA THR C 218 12.26 29.83 -21.98
C THR C 218 11.13 30.78 -22.33
N SER C 219 10.34 31.20 -21.34
CA SER C 219 9.22 32.10 -21.58
C SER C 219 9.43 33.49 -20.98
N GLY C 220 10.53 33.73 -20.30
CA GLY C 220 10.83 35.05 -19.78
C GLY C 220 11.63 34.96 -18.50
N ASP C 221 11.77 36.11 -17.85
CA ASP C 221 12.48 36.25 -16.58
C ASP C 221 11.47 36.46 -15.46
N TYR C 222 11.58 35.65 -14.40
CA TYR C 222 10.61 35.67 -13.31
C TYR C 222 11.29 35.95 -11.98
N VAL C 223 10.57 36.64 -11.12
CA VAL C 223 11.02 36.89 -9.75
C VAL C 223 10.71 35.67 -8.90
N VAL C 224 11.72 35.15 -8.21
CA VAL C 224 11.58 33.94 -7.40
C VAL C 224 11.92 34.29 -5.95
N MET C 225 11.03 33.93 -5.04
CA MET C 225 11.21 34.13 -3.61
C MET C 225 11.46 32.79 -2.95
N SER C 226 12.49 32.72 -2.10
CA SER C 226 12.89 31.46 -1.49
C SER C 226 12.99 31.60 0.02
N VAL C 227 12.74 30.49 0.72
CA VAL C 227 12.95 30.38 2.15
C VAL C 227 13.75 29.10 2.38
N TYR C 228 14.77 29.19 3.24
CA TYR C 228 15.63 28.06 3.54
C TYR C 228 15.52 27.69 5.01
N PHE C 229 15.36 26.41 5.29
CA PHE C 229 15.29 25.91 6.66
C PHE C 229 16.50 25.03 6.93
N ASP C 230 17.26 25.37 7.97
CA ASP C 230 18.48 24.65 8.30
C ASP C 230 18.18 23.53 9.30
N LEU C 231 18.64 22.32 8.97
CA LEU C 231 18.34 21.15 9.78
C LEU C 231 19.61 20.36 10.07
N SER C 232 19.80 19.99 11.33
CA SER C 232 20.91 19.15 11.77
C SER C 232 20.36 17.88 12.40
N ARG C 233 20.94 16.75 12.03
CA ARG C 233 20.44 15.46 12.48
C ARG C 233 20.92 15.15 13.89
N ARG C 234 20.06 14.49 14.66
CA ARG C 234 20.40 14.02 16.00
C ARG C 234 21.09 12.66 15.92
N MET C 235 22.01 12.43 16.85
CA MET C 235 22.85 11.24 16.84
C MET C 235 22.55 10.26 17.96
N GLY C 236 21.59 10.55 18.84
CA GLY C 236 21.36 9.69 19.98
C GLY C 236 20.94 8.28 19.60
N TYR C 237 20.21 8.15 18.49
CA TYR C 237 19.76 6.82 18.08
C TYR C 237 20.90 5.99 17.51
N PHE C 238 21.75 6.58 16.67
CA PHE C 238 22.80 5.83 16.00
C PHE C 238 23.97 5.48 16.90
N THR C 239 24.14 6.19 18.01
CA THR C 239 25.20 5.85 18.95
C THR C 239 24.89 4.55 19.69
N ILE C 240 23.67 4.44 20.20
CA ILE C 240 23.28 3.25 20.96
C ILE C 240 23.06 2.06 20.03
N GLN C 241 22.53 2.30 18.83
CA GLN C 241 22.13 1.19 17.97
CA GLN C 241 22.13 1.20 17.96
C GLN C 241 23.29 0.65 17.14
N THR C 242 24.18 1.52 16.67
CA THR C 242 25.23 1.09 15.75
C THR C 242 26.64 1.23 16.33
N TYR C 243 27.03 2.43 16.75
CA TYR C 243 28.44 2.67 17.04
C TYR C 243 28.91 1.86 18.25
N ILE C 244 28.18 1.92 19.36
CA ILE C 244 28.57 1.17 20.55
C ILE C 244 28.53 -0.34 20.31
N PRO C 245 27.46 -0.92 19.76
CA PRO C 245 27.48 -2.39 19.54
C PRO C 245 28.62 -2.84 18.63
N CYS C 246 28.93 -2.08 17.59
CA CYS C 246 30.01 -2.48 16.69
C CYS C 246 31.38 -2.40 17.38
N THR C 247 31.57 -1.39 18.23
CA THR C 247 32.83 -1.28 18.96
C THR C 247 33.02 -2.45 19.93
N LEU C 248 31.95 -2.85 20.61
CA LEU C 248 32.07 -3.92 21.59
C LEU C 248 32.33 -5.27 20.94
N ILE C 249 31.83 -5.49 19.72
CA ILE C 249 32.13 -6.73 19.02
C ILE C 249 33.60 -6.79 18.63
N VAL C 250 34.17 -5.66 18.23
CA VAL C 250 35.58 -5.61 17.88
C VAL C 250 36.45 -5.92 19.11
N VAL C 251 36.10 -5.33 20.25
CA VAL C 251 36.83 -5.61 21.48
C VAL C 251 36.70 -7.08 21.86
N LEU C 252 35.53 -7.67 21.61
CA LEU C 252 35.31 -9.07 21.95
C LEU C 252 36.18 -10.00 21.12
N SER C 253 36.49 -9.61 19.88
CA SER C 253 37.37 -10.44 19.05
C SER C 253 38.82 -10.40 19.54
N TRP C 254 39.18 -9.39 20.34
CA TRP C 254 40.51 -9.34 20.94
C TRP C 254 40.67 -10.31 22.10
N VAL C 255 39.57 -10.82 22.65
CA VAL C 255 39.63 -11.78 23.74
C VAL C 255 40.38 -13.04 23.31
N SER C 256 40.28 -13.39 22.03
CA SER C 256 40.96 -14.58 21.53
C SER C 256 42.48 -14.50 21.65
N PHE C 257 43.03 -13.28 21.72
CA PHE C 257 44.48 -13.13 21.83
C PHE C 257 45.01 -13.51 23.20
N TRP C 258 44.15 -13.55 24.22
CA TRP C 258 44.55 -13.95 25.56
C TRP C 258 44.17 -15.39 25.89
N ILE C 259 43.64 -16.13 24.93
CA ILE C 259 43.31 -17.54 25.14
C ILE C 259 44.49 -18.39 24.69
N ASN C 260 44.76 -19.46 25.43
CA ASN C 260 45.85 -20.36 25.09
C ASN C 260 45.69 -20.90 23.67
N LYS C 261 46.80 -20.94 22.93
CA LYS C 261 46.76 -21.36 21.53
C LYS C 261 46.37 -22.82 21.36
N ASP C 262 46.43 -23.63 22.42
CA ASP C 262 46.02 -25.02 22.32
C ASP C 262 44.50 -25.18 22.22
N ALA C 263 43.73 -24.21 22.72
CA ALA C 263 42.27 -24.27 22.69
C ALA C 263 41.78 -23.92 21.29
N VAL C 264 41.95 -24.88 20.38
CA VAL C 264 41.55 -24.67 18.99
C VAL C 264 40.05 -24.48 18.83
N PRO C 265 39.18 -25.33 19.40
CA PRO C 265 37.74 -25.08 19.24
C PRO C 265 37.27 -23.77 19.83
N ALA C 266 37.85 -23.35 20.95
CA ALA C 266 37.39 -22.12 21.61
C ALA C 266 37.73 -20.89 20.78
N ARG C 267 38.96 -20.83 20.25
CA ARG C 267 39.36 -19.66 19.50
C ARG C 267 38.74 -19.63 18.10
N THR C 268 38.49 -20.80 17.52
CA THR C 268 37.83 -20.84 16.21
C THR C 268 36.36 -20.46 16.33
N SER C 269 35.66 -20.97 17.35
CA SER C 269 34.25 -20.64 17.52
C SER C 269 34.07 -19.17 17.87
N LEU C 270 34.96 -18.62 18.71
CA LEU C 270 34.87 -17.21 19.06
C LEU C 270 35.06 -16.33 17.83
N GLY C 271 36.05 -16.65 16.99
CA GLY C 271 36.32 -15.83 15.83
C GLY C 271 35.19 -15.82 14.82
N ILE C 272 34.65 -17.01 14.51
CA ILE C 272 33.65 -17.08 13.44
C ILE C 272 32.29 -16.57 13.91
N THR C 273 32.00 -16.67 15.21
CA THR C 273 30.70 -16.18 15.70
C THR C 273 30.67 -14.66 15.74
N THR C 274 31.80 -14.01 16.04
CA THR C 274 31.85 -12.56 15.99
C THR C 274 31.68 -12.04 14.56
N VAL C 275 32.17 -12.78 13.57
CA VAL C 275 31.93 -12.42 12.18
C VAL C 275 30.44 -12.49 11.86
N LEU C 276 29.76 -13.52 12.36
CA LEU C 276 28.32 -13.63 12.14
C LEU C 276 27.57 -12.51 12.84
N THR C 277 28.02 -12.12 14.03
CA THR C 277 27.38 -11.02 14.75
C THR C 277 27.57 -9.69 14.03
N MET C 278 28.77 -9.45 13.49
CA MET C 278 29.02 -8.22 12.76
CA MET C 278 29.02 -8.23 12.75
C MET C 278 28.17 -8.15 11.49
N THR C 279 28.01 -9.29 10.81
CA THR C 279 27.18 -9.32 9.60
C THR C 279 25.73 -8.99 9.93
N THR C 280 25.22 -9.48 11.05
CA THR C 280 23.86 -9.16 11.47
C THR C 280 23.71 -7.67 11.75
N LEU C 281 24.68 -7.07 12.44
CA LEU C 281 24.64 -5.64 12.72
C LEU C 281 24.84 -4.81 11.45
N SER C 282 25.59 -5.33 10.48
CA SER C 282 25.92 -4.56 9.29
C SER C 282 24.69 -4.25 8.45
N THR C 283 23.68 -5.12 8.47
CA THR C 283 22.50 -4.93 7.63
C THR C 283 21.70 -3.70 8.06
N ILE C 284 21.55 -3.49 9.37
CA ILE C 284 20.65 -2.46 9.89
C ILE C 284 21.23 -1.06 9.79
N ALA C 285 22.43 -0.89 9.24
CA ALA C 285 23.05 0.43 9.20
C ALA C 285 22.42 1.32 8.14
N ARG C 286 22.02 0.75 7.01
CA ARG C 286 21.55 1.50 5.85
C ARG C 286 20.03 1.50 5.71
N LYS C 287 19.30 1.07 6.73
CA LYS C 287 17.85 0.96 6.59
CA LYS C 287 17.85 0.96 6.66
C LYS C 287 17.15 2.32 6.58
N SER C 288 17.84 3.39 6.95
CA SER C 288 17.23 4.72 7.01
C SER C 288 17.59 5.60 5.81
N LEU C 289 18.22 5.04 4.79
CA LEU C 289 18.74 5.85 3.69
C LEU C 289 18.29 5.31 2.35
N PRO C 290 18.23 6.15 1.33
CA PRO C 290 18.10 5.65 -0.05
C PRO C 290 19.39 4.97 -0.50
N LYS C 291 19.30 4.28 -1.63
CA LYS C 291 20.41 3.46 -2.11
C LYS C 291 21.40 4.31 -2.90
N VAL C 292 22.05 5.22 -2.18
CA VAL C 292 23.13 6.00 -2.77
C VAL C 292 24.37 5.13 -2.88
N SER C 293 25.20 5.42 -3.88
CA SER C 293 26.35 4.59 -4.20
C SER C 293 27.67 5.17 -3.72
N TYR C 294 27.64 6.26 -2.95
CA TYR C 294 28.84 6.76 -2.31
C TYR C 294 28.88 6.32 -0.86
N VAL C 295 30.07 6.33 -0.29
CA VAL C 295 30.28 5.82 1.07
C VAL C 295 29.94 6.93 2.07
N THR C 296 29.09 6.61 3.03
CA THR C 296 28.74 7.52 4.10
C THR C 296 29.69 7.30 5.28
N ALA C 297 29.61 8.21 6.26
CA ALA C 297 30.42 8.05 7.47
C ALA C 297 30.03 6.78 8.23
N MET C 298 28.78 6.34 8.11
CA MET C 298 28.36 5.12 8.77
C MET C 298 28.86 3.89 8.03
N ASP C 299 28.88 3.93 6.70
CA ASP C 299 29.36 2.79 5.92
C ASP C 299 30.85 2.56 6.12
N LEU C 300 31.62 3.64 6.29
CA LEU C 300 33.05 3.49 6.52
C LEU C 300 33.33 2.86 7.88
N PHE C 301 32.57 3.25 8.91
CA PHE C 301 32.82 2.73 10.25
C PHE C 301 32.47 1.25 10.34
N VAL C 302 31.31 0.86 9.80
CA VAL C 302 30.88 -0.54 9.89
C VAL C 302 31.81 -1.44 9.08
N SER C 303 32.28 -0.95 7.92
CA SER C 303 33.12 -1.78 7.08
C SER C 303 34.51 -1.97 7.67
N VAL C 304 35.04 -0.94 8.33
CA VAL C 304 36.34 -1.08 8.97
C VAL C 304 36.26 -2.03 10.16
N CYS C 305 35.15 -1.97 10.90
CA CYS C 305 34.95 -2.90 12.01
C CYS C 305 34.88 -4.34 11.51
N PHE C 306 34.24 -4.56 10.36
CA PHE C 306 34.19 -5.89 9.78
C PHE C 306 35.56 -6.39 9.38
N ILE C 307 36.43 -5.50 8.89
CA ILE C 307 37.79 -5.91 8.52
C ILE C 307 38.59 -6.31 9.77
N PHE C 308 38.37 -5.62 10.89
CA PHE C 308 39.10 -5.93 12.10
C PHE C 308 38.75 -7.30 12.64
N VAL C 309 37.46 -7.64 12.67
CA VAL C 309 37.09 -8.97 13.16
C VAL C 309 37.48 -10.04 12.16
N PHE C 310 37.46 -9.72 10.86
CA PHE C 310 37.92 -10.65 9.84
C PHE C 310 39.40 -10.96 10.02
N SER C 311 40.21 -9.94 10.33
CA SER C 311 41.65 -10.13 10.43
C SER C 311 42.03 -10.86 11.71
N ALA C 312 41.23 -10.74 12.76
CA ALA C 312 41.55 -11.42 14.02
C ALA C 312 41.44 -12.93 13.89
N LEU C 313 40.50 -13.40 13.06
CA LEU C 313 40.39 -14.84 12.83
C LEU C 313 41.48 -15.35 11.89
N VAL C 314 41.87 -14.53 10.91
CA VAL C 314 42.98 -14.89 10.04
C VAL C 314 44.28 -14.92 10.84
N GLU C 315 44.38 -14.12 11.90
CA GLU C 315 45.57 -14.12 12.73
C GLU C 315 45.77 -15.47 13.40
N TYR C 316 44.70 -16.09 13.90
CA TYR C 316 44.84 -17.38 14.55
C TYR C 316 45.17 -18.48 13.54
N GLY C 317 44.57 -18.42 12.35
CA GLY C 317 44.89 -19.40 11.32
C GLY C 317 46.36 -19.41 10.95
N THR C 318 46.97 -18.22 10.92
CA THR C 318 48.41 -18.14 10.71
C THR C 318 49.17 -18.64 11.94
N LEU C 319 48.70 -18.27 13.14
CA LEU C 319 49.35 -18.71 14.36
C LEU C 319 49.24 -20.22 14.56
N HIS C 320 48.05 -20.78 14.31
CA HIS C 320 47.86 -22.21 14.49
C HIS C 320 48.72 -23.01 13.52
N TYR C 321 48.85 -22.53 12.28
CA TYR C 321 49.62 -23.27 11.28
C TYR C 321 51.11 -23.24 11.61
N PHE C 322 51.61 -22.14 12.14
CA PHE C 322 53.04 -21.99 12.39
C PHE C 322 53.52 -22.80 13.58
N VAL C 323 52.63 -23.25 14.45
CA VAL C 323 53.06 -24.02 15.62
C VAL C 323 53.83 -25.27 15.18
N SER C 324 53.34 -25.95 14.15
CA SER C 324 54.05 -27.11 13.62
C SER C 324 55.26 -26.72 12.78
N SER C 325 55.16 -25.64 12.01
CA SER C 325 56.22 -25.26 11.07
C SER C 325 57.32 -24.44 11.75
N GLN C 326 56.96 -23.31 12.35
CA GLN C 326 57.92 -22.39 12.97
C GLN C 326 57.44 -22.09 14.38
N PRO C 327 57.64 -23.02 15.31
CA PRO C 327 57.06 -22.85 16.66
C PRO C 327 57.55 -21.61 17.40
N ALA C 328 58.80 -21.22 17.20
CA ALA C 328 59.30 -20.02 17.88
C ALA C 328 58.61 -18.77 17.35
N ARG C 329 58.38 -18.69 16.03
CA ARG C 329 57.72 -17.54 15.44
C ARG C 329 56.28 -17.42 15.93
N ALA C 330 55.60 -18.54 16.12
CA ALA C 330 54.21 -18.51 16.57
C ALA C 330 54.09 -18.00 18.00
N ALA C 331 55.12 -18.18 18.81
CA ALA C 331 55.08 -17.70 20.18
C ALA C 331 54.99 -16.19 20.24
N LYS C 332 55.75 -15.50 19.37
CA LYS C 332 55.78 -14.04 19.38
C LYS C 332 54.56 -13.42 18.73
N MET C 333 53.80 -14.20 17.95
CA MET C 333 52.70 -13.62 17.17
C MET C 333 51.58 -13.11 18.07
N ASP C 334 51.26 -13.84 19.14
CA ASP C 334 50.16 -13.43 20.00
C ASP C 334 50.52 -12.20 20.84
N SER C 335 51.78 -12.07 21.23
CA SER C 335 52.19 -10.89 22.00
C SER C 335 52.08 -9.62 21.18
N TYR C 336 52.44 -9.68 19.90
CA TYR C 336 52.32 -8.51 19.03
C TYR C 336 50.86 -8.16 18.78
N ALA C 337 50.01 -9.17 18.60
CA ALA C 337 48.59 -8.91 18.33
C ALA C 337 47.91 -8.25 19.51
N ARG C 338 48.33 -8.54 20.74
CA ARG C 338 47.76 -7.89 21.91
C ARG C 338 48.02 -6.40 21.93
N ILE C 339 49.00 -5.92 21.18
CA ILE C 339 49.38 -4.51 21.16
C ILE C 339 48.93 -3.84 19.87
N PHE C 340 49.18 -4.48 18.72
CA PHE C 340 48.90 -3.85 17.43
C PHE C 340 47.42 -3.65 17.21
N PHE C 341 46.60 -4.66 17.53
CA PHE C 341 45.17 -4.55 17.26
C PHE C 341 44.49 -3.45 18.06
N PRO C 342 44.66 -3.34 19.39
CA PRO C 342 44.07 -2.19 20.09
C PRO C 342 44.64 -0.85 19.65
N THR C 343 45.92 -0.81 19.26
CA THR C 343 46.53 0.45 18.84
C THR C 343 45.97 0.92 17.50
N ALA C 344 45.86 0.01 16.53
CA ALA C 344 45.38 0.39 15.21
C ALA C 344 43.92 0.82 15.25
N PHE C 345 43.13 0.23 16.14
CA PHE C 345 41.73 0.59 16.22
C PHE C 345 41.54 1.91 16.95
N CYS C 346 42.38 2.20 17.94
CA CYS C 346 42.36 3.51 18.58
C CYS C 346 42.80 4.60 17.62
N LEU C 347 43.81 4.31 16.79
CA LEU C 347 44.24 5.29 15.80
CA LEU C 347 44.26 5.28 15.79
C LEU C 347 43.15 5.59 14.79
N PHE C 348 42.43 4.56 14.34
CA PHE C 348 41.34 4.78 13.39
C PHE C 348 40.25 5.66 13.99
N ASN C 349 39.88 5.40 15.25
CA ASN C 349 38.85 6.20 15.91
C ASN C 349 39.28 7.64 16.08
N LEU C 350 40.57 7.86 16.35
CA LEU C 350 41.07 9.23 16.50
C LEU C 350 40.96 9.99 15.19
N VAL C 351 41.32 9.35 14.08
CA VAL C 351 41.22 9.99 12.77
C VAL C 351 39.75 10.14 12.36
N TYR C 352 38.94 9.12 12.63
CA TYR C 352 37.55 9.13 12.17
C TYR C 352 36.75 10.26 12.82
N TRP C 353 36.82 10.37 14.15
CA TRP C 353 35.99 11.33 14.85
C TRP C 353 36.50 12.77 14.69
N VAL C 354 37.81 12.95 14.52
CA VAL C 354 38.33 14.28 14.29
C VAL C 354 37.86 14.82 12.94
N SER C 355 37.93 14.00 11.89
CA SER C 355 37.56 14.46 10.56
C SER C 355 36.08 14.80 10.45
N TYR C 356 35.21 13.97 11.03
CA TYR C 356 33.78 14.12 10.83
C TYR C 356 33.11 15.05 11.85
N LEU C 357 33.82 15.48 12.90
CA LEU C 357 33.26 16.40 13.87
C LEU C 357 33.93 17.75 13.90
N TYR C 358 35.20 17.85 13.47
CA TYR C 358 35.93 19.11 13.52
C TYR C 358 36.49 19.55 12.18
N LEU C 359 36.45 18.69 11.15
CA LEU C 359 37.00 19.03 9.85
C LEU C 359 36.02 18.86 8.70
N GLY C 360 34.96 18.08 8.85
CA GLY C 360 34.00 17.88 7.78
C GLY C 360 34.55 17.06 6.63
N ASP D 63 -53.43 21.93 -1.01
CA ASP D 63 -53.92 22.92 -0.06
C ASP D 63 -52.82 23.34 0.90
N ASN D 64 -52.35 22.39 1.70
CA ASN D 64 -51.32 22.69 2.70
C ASN D 64 -49.96 22.85 2.05
N THR D 65 -49.68 22.07 1.00
CA THR D 65 -48.35 22.08 0.38
C THR D 65 -48.04 23.44 -0.24
N THR D 66 -49.06 24.10 -0.81
CA THR D 66 -48.83 25.41 -1.43
C THR D 66 -48.36 26.43 -0.40
N VAL D 67 -48.95 26.42 0.80
CA VAL D 67 -48.51 27.34 1.83
C VAL D 67 -47.09 27.00 2.28
N PHE D 68 -46.76 25.71 2.33
CA PHE D 68 -45.42 25.30 2.75
C PHE D 68 -44.40 25.66 1.68
N THR D 69 -44.78 25.56 0.40
CA THR D 69 -43.84 25.83 -0.68
C THR D 69 -43.61 27.33 -0.87
N ARG D 70 -44.66 28.13 -0.62
CA ARG D 70 -44.53 29.58 -0.82
C ARG D 70 -43.52 30.17 0.16
N ILE D 71 -43.39 29.58 1.34
CA ILE D 71 -42.38 30.05 2.30
C ILE D 71 -40.98 29.85 1.75
N LEU D 72 -40.73 28.69 1.14
CA LEU D 72 -39.38 28.37 0.67
C LEU D 72 -38.95 29.29 -0.46
N ASP D 73 -39.89 29.71 -1.30
CA ASP D 73 -39.60 30.64 -2.39
C ASP D 73 -39.58 32.09 -1.93
N ARG D 74 -39.83 32.34 -0.64
CA ARG D 74 -39.90 33.70 -0.11
C ARG D 74 -38.73 34.07 0.79
N LEU D 75 -38.05 33.08 1.39
CA LEU D 75 -37.03 33.38 2.38
C LEU D 75 -35.85 34.14 1.77
N LEU D 76 -35.41 33.72 0.57
CA LEU D 76 -34.22 34.28 -0.04
C LEU D 76 -34.50 35.50 -0.90
N ASP D 77 -35.60 36.20 -0.65
CA ASP D 77 -35.88 37.45 -1.35
C ASP D 77 -35.08 38.58 -0.71
N GLY D 78 -34.15 39.15 -1.46
CA GLY D 78 -33.29 40.19 -0.92
C GLY D 78 -32.37 39.70 0.17
N TYR D 79 -31.75 38.54 -0.01
CA TYR D 79 -30.84 37.97 0.97
C TYR D 79 -29.43 37.97 0.40
N ASP D 80 -28.46 38.39 1.22
CA ASP D 80 -27.06 38.44 0.82
C ASP D 80 -26.27 37.53 1.76
N ASN D 81 -25.78 36.42 1.22
CA ASN D 81 -25.01 35.47 2.02
C ASN D 81 -23.55 35.87 2.17
N ARG D 82 -23.11 36.92 1.48
CA ARG D 82 -21.78 37.48 1.66
C ARG D 82 -21.64 38.28 2.94
N LEU D 83 -22.75 38.57 3.62
CA LEU D 83 -22.75 39.35 4.85
C LEU D 83 -23.22 38.47 6.00
N ARG D 84 -22.53 38.57 7.14
CA ARG D 84 -22.90 37.78 8.29
C ARG D 84 -24.14 38.36 8.96
N PRO D 85 -24.88 37.55 9.72
CA PRO D 85 -26.03 38.09 10.47
C PRO D 85 -25.59 39.13 11.48
N GLY D 86 -26.42 40.17 11.63
CA GLY D 86 -26.09 41.26 12.54
C GLY D 86 -24.86 42.04 12.13
N LEU D 87 -24.64 42.20 10.84
CA LEU D 87 -23.48 42.93 10.34
C LEU D 87 -23.60 44.40 10.71
N GLY D 88 -22.73 44.87 11.60
CA GLY D 88 -22.74 46.26 12.02
C GLY D 88 -23.71 46.58 13.13
N GLU D 89 -24.31 45.58 13.77
CA GLU D 89 -25.26 45.83 14.84
C GLU D 89 -24.93 45.02 16.09
N ARG D 90 -24.34 43.85 15.91
CA ARG D 90 -24.06 42.95 17.02
C ARG D 90 -22.93 42.01 16.63
N VAL D 91 -22.57 41.13 17.56
CA VAL D 91 -21.53 40.12 17.36
C VAL D 91 -22.21 38.77 17.19
N THR D 92 -21.92 38.10 16.07
CA THR D 92 -22.53 36.80 15.80
C THR D 92 -22.02 35.77 16.80
N GLU D 93 -22.94 35.01 17.39
CA GLU D 93 -22.63 34.00 18.39
CA GLU D 93 -22.61 34.00 18.39
C GLU D 93 -23.04 32.63 17.87
N VAL D 94 -22.15 31.66 17.99
CA VAL D 94 -22.38 30.30 17.53
C VAL D 94 -22.28 29.36 18.71
N LYS D 95 -23.30 28.51 18.88
CA LYS D 95 -23.32 27.47 19.89
C LYS D 95 -22.89 26.16 19.25
N THR D 96 -21.94 25.47 19.88
CA THR D 96 -21.33 24.29 19.30
C THR D 96 -21.34 23.14 20.28
N ASP D 97 -21.59 21.93 19.78
CA ASP D 97 -21.45 20.70 20.53
C ASP D 97 -21.01 19.59 19.58
N ILE D 98 -20.34 18.58 20.15
CA ILE D 98 -19.75 17.50 19.36
C ILE D 98 -20.17 16.16 19.97
N PHE D 99 -20.52 15.21 19.12
CA PHE D 99 -20.76 13.83 19.52
C PHE D 99 -19.76 12.93 18.81
N VAL D 100 -18.87 12.31 19.57
CA VAL D 100 -17.81 11.46 19.02
C VAL D 100 -18.38 10.06 18.82
N THR D 101 -18.55 9.66 17.56
CA THR D 101 -19.06 8.31 17.28
C THR D 101 -17.99 7.25 17.51
N SER D 102 -16.74 7.55 17.16
CA SER D 102 -15.66 6.58 17.31
C SER D 102 -14.33 7.31 17.35
N PHE D 103 -13.57 7.11 18.42
CA PHE D 103 -12.22 7.65 18.53
C PHE D 103 -11.28 6.71 17.79
N GLY D 104 -10.94 7.06 16.56
CA GLY D 104 -10.26 6.17 15.66
C GLY D 104 -8.82 5.87 16.03
N PRO D 105 -8.07 5.31 15.08
CA PRO D 105 -6.70 4.87 15.38
C PRO D 105 -5.77 6.05 15.63
N VAL D 106 -4.70 5.76 16.37
CA VAL D 106 -3.63 6.71 16.64
C VAL D 106 -2.37 6.17 15.99
N SER D 107 -1.75 6.98 15.13
CA SER D 107 -0.55 6.59 14.39
C SER D 107 0.67 7.20 15.05
N ASP D 108 1.48 6.36 15.69
CA ASP D 108 2.69 6.83 16.35
C ASP D 108 3.75 7.30 15.35
N HIS D 109 3.81 6.66 14.17
CA HIS D 109 4.80 7.04 13.18
C HIS D 109 4.52 8.42 12.59
N ASP D 110 3.26 8.79 12.44
CA ASP D 110 2.88 10.06 11.83
C ASP D 110 2.45 11.11 12.83
N MET D 111 2.41 10.77 14.12
CA MET D 111 2.01 11.70 15.18
C MET D 111 0.64 12.32 14.89
N GLU D 112 -0.34 11.46 14.64
CA GLU D 112 -1.67 11.92 14.30
C GLU D 112 -2.68 10.84 14.63
N TYR D 113 -3.95 11.24 14.66
CA TYR D 113 -5.03 10.33 15.01
C TYR D 113 -6.27 10.69 14.18
N THR D 114 -7.23 9.77 14.19
CA THR D 114 -8.47 9.92 13.44
C THR D 114 -9.64 9.92 14.42
N ILE D 115 -10.70 10.66 14.06
CA ILE D 115 -11.90 10.73 14.89
C ILE D 115 -13.09 10.98 13.98
N ASP D 116 -14.20 10.29 14.27
CA ASP D 116 -15.47 10.47 13.56
C ASP D 116 -16.46 11.14 14.49
N VAL D 117 -17.00 12.28 14.06
CA VAL D 117 -17.83 13.10 14.93
C VAL D 117 -19.05 13.59 14.17
N PHE D 118 -20.08 13.97 14.93
CA PHE D 118 -21.18 14.78 14.44
C PHE D 118 -20.97 16.20 14.95
N PHE D 119 -20.93 17.16 14.03
CA PHE D 119 -20.61 18.55 14.35
C PHE D 119 -21.88 19.38 14.21
N ARG D 120 -22.28 20.03 15.31
CA ARG D 120 -23.51 20.81 15.36
C ARG D 120 -23.19 22.26 15.70
N GLN D 121 -23.81 23.19 14.97
CA GLN D 121 -23.64 24.61 15.19
C GLN D 121 -24.99 25.31 15.18
N SER D 122 -25.18 26.23 16.12
CA SER D 122 -26.43 26.96 16.25
C SER D 122 -26.17 28.45 16.31
N TRP D 123 -26.97 29.23 15.59
CA TRP D 123 -26.88 30.67 15.60
C TRP D 123 -28.21 31.25 15.15
N LYS D 124 -28.36 32.57 15.31
CA LYS D 124 -29.62 33.25 15.02
C LYS D 124 -29.42 34.22 13.86
N ASP D 125 -30.30 34.11 12.85
CA ASP D 125 -30.30 35.00 11.70
C ASP D 125 -31.70 35.56 11.53
N GLU D 126 -31.87 36.85 11.85
CA GLU D 126 -33.18 37.48 11.79
C GLU D 126 -33.65 37.74 10.37
N ARG D 127 -32.77 37.62 9.38
CA ARG D 127 -33.16 37.80 7.98
C ARG D 127 -33.95 36.62 7.43
N LEU D 128 -34.07 35.53 8.18
CA LEU D 128 -34.76 34.33 7.72
C LEU D 128 -35.97 34.00 8.58
N LYS D 129 -36.57 35.01 9.20
CA LYS D 129 -37.81 34.79 9.93
C LYS D 129 -38.95 34.50 8.97
N PHE D 130 -39.86 33.62 9.39
CA PHE D 130 -41.01 33.27 8.57
C PHE D 130 -42.20 33.01 9.48
N LYS D 131 -43.39 33.06 8.89
CA LYS D 131 -44.63 32.78 9.60
C LYS D 131 -45.41 31.71 8.85
N GLY D 132 -45.85 30.70 9.58
CA GLY D 132 -46.60 29.61 9.00
C GLY D 132 -46.89 28.52 10.03
N PRO D 133 -47.75 27.56 9.66
CA PRO D 133 -48.07 26.48 10.60
C PRO D 133 -46.86 25.63 10.98
N MET D 134 -45.92 25.43 10.06
CA MET D 134 -44.75 24.61 10.33
C MET D 134 -43.70 25.48 11.01
N THR D 135 -43.52 25.28 12.33
CA THR D 135 -42.59 26.13 13.08
C THR D 135 -41.14 25.83 12.77
N VAL D 136 -40.84 24.68 12.16
CA VAL D 136 -39.48 24.29 11.82
C VAL D 136 -39.45 23.84 10.36
N LEU D 137 -38.48 24.34 9.61
CA LEU D 137 -38.27 23.96 8.22
C LEU D 137 -36.86 23.40 8.05
N ARG D 138 -36.75 22.33 7.29
CA ARG D 138 -35.45 21.76 6.92
C ARG D 138 -35.19 22.06 5.45
N LEU D 139 -34.02 22.64 5.18
CA LEU D 139 -33.71 23.13 3.85
C LEU D 139 -32.96 22.09 3.03
N ASN D 140 -33.19 22.12 1.72
CA ASN D 140 -32.47 21.25 0.80
C ASN D 140 -31.02 21.71 0.69
N ASN D 141 -30.13 20.77 0.36
CA ASN D 141 -28.71 21.10 0.30
C ASN D 141 -28.40 22.09 -0.82
N LEU D 142 -29.23 22.13 -1.87
CA LEU D 142 -29.05 23.14 -2.90
C LEU D 142 -29.36 24.53 -2.37
N MET D 143 -30.44 24.66 -1.60
CA MET D 143 -30.81 25.95 -1.01
C MET D 143 -29.94 26.30 0.19
N ALA D 144 -29.51 25.28 0.96
CA ALA D 144 -28.70 25.53 2.15
C ALA D 144 -27.35 26.14 1.82
N SER D 145 -26.88 26.01 0.58
CA SER D 145 -25.61 26.61 0.16
C SER D 145 -25.76 28.06 -0.25
N LYS D 146 -26.98 28.62 -0.20
CA LYS D 146 -27.22 30.00 -0.59
C LYS D 146 -27.41 30.92 0.61
N ILE D 147 -27.09 30.45 1.82
CA ILE D 147 -27.17 31.30 3.01
C ILE D 147 -25.81 31.35 3.70
N TRP D 148 -25.73 32.10 4.79
CA TRP D 148 -24.48 32.29 5.51
C TRP D 148 -24.33 31.23 6.60
N THR D 149 -23.18 30.57 6.63
CA THR D 149 -22.85 29.61 7.66
C THR D 149 -21.46 29.91 8.21
N PRO D 150 -21.20 29.60 9.47
CA PRO D 150 -19.87 29.86 10.02
C PRO D 150 -18.78 29.08 9.30
N ASP D 151 -17.63 29.72 9.13
CA ASP D 151 -16.50 29.11 8.44
C ASP D 151 -15.54 28.46 9.43
N THR D 152 -16.07 27.52 10.21
CA THR D 152 -15.29 26.83 11.21
C THR D 152 -14.23 25.94 10.56
N PHE D 153 -13.05 25.90 11.15
CA PHE D 153 -11.97 25.04 10.68
C PHE D 153 -11.15 24.58 11.88
N PHE D 154 -10.47 23.45 11.71
CA PHE D 154 -9.65 22.89 12.78
C PHE D 154 -8.21 23.34 12.61
N HIS D 155 -7.64 23.94 13.66
CA HIS D 155 -6.33 24.55 13.56
C HIS D 155 -5.24 23.50 13.34
N ASN D 156 -5.27 22.42 14.13
CA ASN D 156 -4.31 21.34 14.00
C ASN D 156 -4.79 20.23 13.09
N GLY D 157 -5.91 20.44 12.39
CA GLY D 157 -6.47 19.40 11.56
C GLY D 157 -5.72 19.23 10.24
N LYS D 158 -5.44 17.99 9.90
CA LYS D 158 -4.86 17.62 8.62
C LYS D 158 -6.01 17.33 7.64
N LYS D 159 -5.71 16.67 6.52
CA LYS D 159 -6.73 16.29 5.55
C LYS D 159 -7.92 15.61 6.22
N SER D 160 -9.08 16.24 6.12
CA SER D 160 -10.32 15.72 6.70
C SER D 160 -11.33 15.43 5.60
N VAL D 161 -12.35 14.66 5.95
CA VAL D 161 -13.32 14.15 5.01
C VAL D 161 -14.72 14.56 5.44
N ALA D 162 -15.52 15.05 4.49
CA ALA D 162 -16.95 15.23 4.67
C ALA D 162 -17.67 14.15 3.85
N HIS D 163 -18.46 13.33 4.53
CA HIS D 163 -19.01 12.12 3.92
C HIS D 163 -20.10 12.47 2.92
N ASN D 164 -20.15 11.74 1.82
CA ASN D 164 -21.02 12.04 0.69
C ASN D 164 -21.80 10.83 0.19
N MET D 165 -22.07 9.85 1.06
CA MET D 165 -22.75 8.62 0.67
C MET D 165 -23.96 8.40 1.57
N THR D 166 -25.13 8.21 0.98
CA THR D 166 -25.31 8.26 -0.48
C THR D 166 -25.63 9.70 -0.90
N MET D 167 -25.70 10.58 0.10
CA MET D 167 -25.99 11.98 -0.07
C MET D 167 -25.08 12.76 0.86
N PRO D 168 -24.90 14.07 0.63
CA PRO D 168 -24.15 14.88 1.58
C PRO D 168 -24.75 14.79 2.97
N ASN D 169 -23.92 14.40 3.94
CA ASN D 169 -24.38 14.20 5.31
C ASN D 169 -24.43 15.53 6.05
N LYS D 170 -25.32 16.40 5.55
CA LYS D 170 -25.52 17.73 6.11
C LYS D 170 -27.01 17.99 6.26
N LEU D 171 -27.38 18.62 7.38
CA LEU D 171 -28.77 18.97 7.64
C LEU D 171 -28.84 20.37 8.23
N LEU D 172 -29.71 21.20 7.67
CA LEU D 172 -29.91 22.57 8.13
C LEU D 172 -31.38 22.78 8.44
N ARG D 173 -31.68 23.16 9.69
CA ARG D 173 -33.04 23.42 10.13
C ARG D 173 -33.19 24.89 10.50
N ILE D 174 -34.36 25.45 10.21
CA ILE D 174 -34.68 26.84 10.52
C ILE D 174 -35.98 26.88 11.31
N THR D 175 -36.02 27.69 12.35
CA THR D 175 -37.24 27.92 13.10
C THR D 175 -37.83 29.28 12.71
N GLU D 176 -39.05 29.54 13.19
CA GLU D 176 -39.78 30.73 12.76
C GLU D 176 -39.09 32.01 13.22
N ASP D 177 -38.49 31.99 14.42
CA ASP D 177 -37.81 33.17 14.93
C ASP D 177 -36.47 33.44 14.23
N GLY D 178 -35.98 32.51 13.43
CA GLY D 178 -34.72 32.68 12.73
C GLY D 178 -33.54 31.92 13.31
N THR D 179 -33.77 31.06 14.30
CA THR D 179 -32.69 30.24 14.84
C THR D 179 -32.38 29.11 13.88
N LEU D 180 -31.10 28.91 13.59
CA LEU D 180 -30.65 27.89 12.64
C LEU D 180 -29.87 26.81 13.38
N LEU D 181 -30.04 25.57 12.95
CA LEU D 181 -29.27 24.44 13.45
C LEU D 181 -28.60 23.74 12.27
N TYR D 182 -27.29 23.57 12.36
CA TYR D 182 -26.48 23.04 11.26
C TYR D 182 -25.72 21.81 11.78
N THR D 183 -25.91 20.67 11.12
CA THR D 183 -25.26 19.43 11.52
C THR D 183 -24.56 18.81 10.32
N MET D 184 -23.39 18.21 10.58
CA MET D 184 -22.63 17.53 9.54
C MET D 184 -21.87 16.37 10.16
N ARG D 185 -21.52 15.40 9.32
CA ARG D 185 -20.73 14.25 9.72
C ARG D 185 -19.35 14.34 9.08
N LEU D 186 -18.31 14.24 9.89
CA LEU D 186 -16.95 14.49 9.46
C LEU D 186 -16.03 13.40 9.97
N THR D 187 -14.91 13.22 9.27
CA THR D 187 -13.81 12.36 9.70
C THR D 187 -12.58 13.25 9.84
N VAL D 188 -12.27 13.65 11.06
CA VAL D 188 -11.20 14.60 11.32
C VAL D 188 -9.90 13.85 11.60
N ARG D 189 -8.83 14.26 10.92
CA ARG D 189 -7.49 13.73 11.16
C ARG D 189 -6.62 14.88 11.60
N ALA D 190 -6.12 14.82 12.84
CA ALA D 190 -5.44 15.95 13.46
C ALA D 190 -4.09 15.50 14.00
N GLU D 191 -3.19 16.48 14.14
CA GLU D 191 -1.85 16.21 14.64
C GLU D 191 -1.85 16.09 16.15
N CYS D 192 -1.07 15.14 16.66
CA CYS D 192 -0.86 14.95 18.09
C CYS D 192 0.63 14.81 18.36
N PRO D 193 1.33 15.92 18.61
CA PRO D 193 2.76 15.84 18.94
C PRO D 193 2.99 14.98 20.17
N MET D 194 4.03 14.15 20.11
CA MET D 194 4.33 13.19 21.16
C MET D 194 5.78 13.31 21.60
N HIS D 195 6.01 13.13 22.90
CA HIS D 195 7.35 13.04 23.46
C HIS D 195 7.56 11.60 23.92
N LEU D 196 8.28 10.82 23.12
CA LEU D 196 8.43 9.39 23.33
C LEU D 196 9.67 9.04 24.13
N GLU D 197 10.15 9.93 24.99
CA GLU D 197 11.31 9.62 25.80
C GLU D 197 11.04 8.51 26.81
N ASP D 198 9.80 8.41 27.29
CA ASP D 198 9.42 7.40 28.26
C ASP D 198 8.80 6.16 27.61
N PHE D 199 8.91 6.02 26.29
CA PHE D 199 8.35 4.88 25.60
C PHE D 199 8.94 3.59 26.16
N PRO D 200 8.12 2.54 26.39
CA PRO D 200 6.67 2.46 26.15
C PRO D 200 5.84 2.77 27.39
N MET D 201 6.32 3.61 28.29
CA MET D 201 5.61 3.97 29.52
C MET D 201 5.18 5.44 29.50
N ASP D 202 4.70 5.89 28.35
CA ASP D 202 4.38 7.29 28.12
C ASP D 202 2.88 7.54 28.19
N ALA D 203 2.52 8.80 28.43
CA ALA D 203 1.14 9.27 28.41
C ALA D 203 1.07 10.54 27.57
N HIS D 204 -0.02 10.68 26.83
CA HIS D 204 -0.17 11.79 25.90
C HIS D 204 -1.56 12.40 26.03
N ALA D 205 -1.67 13.65 25.58
CA ALA D 205 -2.93 14.40 25.58
C ALA D 205 -3.09 15.04 24.21
N CYS D 206 -3.90 14.45 23.36
CA CYS D 206 -4.06 14.92 21.99
C CYS D 206 -5.11 16.03 21.92
N PRO D 207 -4.79 17.19 21.36
CA PRO D 207 -5.75 18.30 21.32
C PRO D 207 -6.60 18.30 20.05
N LEU D 208 -7.72 19.00 20.15
CA LEU D 208 -8.60 19.26 19.00
C LEU D 208 -9.07 20.72 19.12
N LYS D 209 -8.52 21.59 18.28
CA LYS D 209 -8.77 23.02 18.36
C LYS D 209 -9.44 23.49 17.07
N PHE D 210 -10.49 24.29 17.21
CA PHE D 210 -11.19 24.81 16.05
C PHE D 210 -11.65 26.23 16.31
N GLY D 211 -11.90 26.95 15.24
CA GLY D 211 -12.37 28.33 15.33
C GLY D 211 -12.75 28.85 13.96
N SER D 212 -12.93 30.17 13.90
CA SER D 212 -13.30 30.82 12.65
C SER D 212 -12.04 31.27 11.91
N TYR D 213 -11.99 30.98 10.61
CA TYR D 213 -10.81 31.30 9.82
C TYR D 213 -10.71 32.79 9.52
N ALA D 214 -11.83 33.43 9.18
CA ALA D 214 -11.81 34.78 8.64
C ALA D 214 -12.38 35.85 9.56
N TYR D 215 -13.11 35.47 10.60
CA TYR D 215 -13.77 36.45 11.47
C TYR D 215 -13.06 36.53 12.81
N THR D 216 -12.69 37.74 13.21
CA THR D 216 -12.06 37.96 14.49
C THR D 216 -13.10 37.92 15.60
N ARG D 217 -12.62 37.98 16.85
CA ARG D 217 -13.50 37.83 18.00
C ARG D 217 -14.46 39.00 18.16
N ALA D 218 -14.25 40.10 17.45
CA ALA D 218 -15.20 41.21 17.46
C ALA D 218 -16.39 40.97 16.53
N GLU D 219 -16.32 39.95 15.68
CA GLU D 219 -17.38 39.64 14.73
C GLU D 219 -18.12 38.36 15.09
N VAL D 220 -17.39 37.26 15.30
CA VAL D 220 -17.97 35.96 15.60
C VAL D 220 -17.34 35.42 16.88
N VAL D 221 -18.17 34.93 17.79
CA VAL D 221 -17.71 34.29 19.03
C VAL D 221 -18.36 32.93 19.15
N TYR D 222 -17.62 31.96 19.66
CA TYR D 222 -18.09 30.59 19.82
C TYR D 222 -18.35 30.29 21.29
N GLU D 223 -19.39 29.49 21.55
CA GLU D 223 -19.69 29.02 22.89
C GLU D 223 -20.17 27.58 22.81
N TRP D 224 -20.02 26.87 23.93
CA TRP D 224 -20.56 25.53 24.06
C TRP D 224 -22.05 25.60 24.36
N THR D 225 -22.80 24.63 23.82
CA THR D 225 -24.25 24.63 23.98
C THR D 225 -24.63 24.45 25.45
N ARG D 226 -23.90 23.60 26.17
CA ARG D 226 -24.16 23.30 27.57
C ARG D 226 -22.91 23.56 28.38
N GLU D 227 -22.87 23.08 29.61
CA GLU D 227 -21.62 23.12 30.36
C GLU D 227 -20.52 22.46 29.53
N PRO D 228 -19.30 23.01 29.55
CA PRO D 228 -18.27 22.51 28.62
C PRO D 228 -18.02 21.02 28.73
N ALA D 229 -18.11 20.45 29.94
CA ALA D 229 -17.95 19.01 30.09
C ALA D 229 -19.04 18.24 29.34
N ARG D 230 -20.27 18.73 29.39
CA ARG D 230 -21.40 18.04 28.80
C ARG D 230 -21.59 18.33 27.31
N SER D 231 -20.75 19.18 26.72
CA SER D 231 -20.89 19.54 25.32
C SER D 231 -20.09 18.64 24.38
N VAL D 232 -19.24 17.77 24.92
CA VAL D 232 -18.52 16.79 24.12
C VAL D 232 -18.88 15.41 24.67
N VAL D 233 -19.44 14.56 23.82
CA VAL D 233 -19.97 13.26 24.23
C VAL D 233 -19.28 12.19 23.40
N VAL D 234 -18.85 11.11 24.06
CA VAL D 234 -18.18 9.99 23.42
C VAL D 234 -19.05 8.76 23.59
N ALA D 235 -19.27 8.04 22.50
CA ALA D 235 -20.03 6.79 22.56
C ALA D 235 -19.25 5.74 23.35
N GLU D 236 -19.99 4.89 24.04
CA GLU D 236 -19.36 3.83 24.85
C GLU D 236 -18.61 2.85 23.96
N ASP D 237 -19.18 2.51 22.80
CA ASP D 237 -18.54 1.64 21.83
C ASP D 237 -17.62 2.39 20.88
N GLY D 238 -17.43 3.69 21.10
CA GLY D 238 -16.66 4.51 20.17
C GLY D 238 -15.18 4.62 20.49
N SER D 239 -14.57 3.52 20.93
CA SER D 239 -13.13 3.47 21.15
C SER D 239 -12.53 2.44 20.19
N ARG D 240 -11.55 2.88 19.42
CA ARG D 240 -10.90 2.06 18.39
C ARG D 240 -9.40 2.10 18.56
N LEU D 241 -8.93 1.93 19.79
CA LEU D 241 -7.51 2.05 20.13
C LEU D 241 -6.94 0.67 20.45
N ASN D 242 -5.94 0.26 19.69
CA ASN D 242 -5.29 -1.02 19.94
C ASN D 242 -4.36 -0.95 21.16
N GLN D 243 -3.58 0.12 21.27
CA GLN D 243 -2.49 0.19 22.25
C GLN D 243 -2.65 1.33 23.25
N TYR D 244 -3.82 1.93 23.34
CA TYR D 244 -4.04 3.05 24.25
C TYR D 244 -5.31 2.85 25.05
N ASP D 245 -5.33 3.47 26.22
CA ASP D 245 -6.52 3.55 27.07
C ASP D 245 -6.96 5.01 27.15
N LEU D 246 -8.23 5.26 26.84
CA LEU D 246 -8.78 6.62 26.85
C LEU D 246 -9.25 6.92 28.27
N LEU D 247 -8.47 7.74 28.98
CA LEU D 247 -8.77 8.02 30.38
C LEU D 247 -9.92 9.01 30.52
N GLY D 248 -9.96 10.04 29.66
CA GLY D 248 -10.97 11.06 29.78
C GLY D 248 -10.66 12.21 28.84
N GLN D 249 -11.41 13.30 29.02
CA GLN D 249 -11.23 14.48 28.17
C GLN D 249 -11.46 15.74 28.99
N THR D 250 -10.87 16.84 28.50
CA THR D 250 -11.00 18.16 29.10
C THR D 250 -11.45 19.13 28.01
N VAL D 251 -12.40 20.00 28.36
CA VAL D 251 -13.00 20.93 27.42
C VAL D 251 -12.69 22.35 27.87
N ASP D 252 -12.18 23.17 26.95
CA ASP D 252 -11.69 24.50 27.28
C ASP D 252 -12.07 25.48 26.18
N SER D 253 -11.97 26.77 26.51
CA SER D 253 -12.16 27.86 25.56
C SER D 253 -11.11 28.92 25.83
N GLY D 254 -10.78 29.68 24.78
CA GLY D 254 -9.74 30.69 24.93
C GLY D 254 -9.64 31.58 23.71
N ILE D 255 -8.53 32.31 23.65
CA ILE D 255 -8.28 33.30 22.61
C ILE D 255 -6.88 33.07 22.05
N VAL D 256 -6.73 33.23 20.73
CA VAL D 256 -5.44 33.17 20.07
C VAL D 256 -5.22 34.51 19.37
N GLN D 257 -3.95 34.88 19.21
CA GLN D 257 -3.56 36.15 18.61
C GLN D 257 -2.65 35.92 17.43
N SER D 258 -2.96 36.57 16.31
CA SER D 258 -2.22 36.39 15.07
C SER D 258 -1.84 37.74 14.46
N SER D 259 -1.31 37.73 13.24
CA SER D 259 -1.03 38.96 12.54
C SER D 259 -2.27 39.57 11.89
N THR D 260 -3.36 38.83 11.82
CA THR D 260 -4.60 39.33 11.23
C THR D 260 -5.64 39.71 12.28
N GLY D 261 -5.37 39.46 13.56
CA GLY D 261 -6.27 39.85 14.63
C GLY D 261 -6.35 38.76 15.68
N GLU D 262 -7.33 38.90 16.56
CA GLU D 262 -7.58 37.94 17.63
C GLU D 262 -8.77 37.06 17.26
N TYR D 263 -8.64 35.76 17.53
CA TYR D 263 -9.66 34.78 17.17
C TYR D 263 -10.02 33.92 18.36
N VAL D 264 -11.27 33.51 18.42
CA VAL D 264 -11.75 32.61 19.46
C VAL D 264 -11.43 31.17 19.06
N VAL D 265 -10.89 30.41 20.00
CA VAL D 265 -10.52 29.01 19.75
C VAL D 265 -11.15 28.13 20.82
N MET D 266 -11.76 27.04 20.39
CA MET D 266 -12.36 26.05 21.28
C MET D 266 -11.47 24.81 21.30
N THR D 267 -11.17 24.30 22.49
CA THR D 267 -10.17 23.27 22.67
C THR D 267 -10.74 22.04 23.36
N THR D 268 -10.29 20.86 22.94
CA THR D 268 -10.60 19.60 23.60
C THR D 268 -9.33 18.76 23.66
N HIS D 269 -9.08 18.15 24.81
CA HIS D 269 -7.91 17.31 25.02
C HIS D 269 -8.33 15.92 25.42
N PHE D 270 -7.78 14.90 24.75
CA PHE D 270 -8.04 13.51 25.08
C PHE D 270 -6.79 12.90 25.68
N HIS D 271 -6.94 12.28 26.85
CA HIS D 271 -5.80 11.74 27.60
C HIS D 271 -5.66 10.26 27.34
N LEU D 272 -4.45 9.82 27.00
CA LEU D 272 -4.17 8.45 26.61
C LEU D 272 -3.02 7.89 27.44
N LYS D 273 -3.11 6.61 27.78
CA LYS D 273 -2.04 5.89 28.45
C LYS D 273 -1.74 4.62 27.69
N ARG D 274 -0.49 4.42 27.30
CA ARG D 274 -0.11 3.25 26.52
C ARG D 274 -0.11 2.00 27.40
N LYS D 275 -0.50 0.88 26.81
CA LYS D 275 -0.52 -0.40 27.51
C LYS D 275 0.83 -1.09 27.34
N ILE D 276 1.33 -1.67 28.43
CA ILE D 276 2.71 -2.14 28.48
C ILE D 276 2.83 -3.66 28.52
N GLY D 277 1.72 -4.39 28.72
CA GLY D 277 1.82 -5.83 28.85
C GLY D 277 2.38 -6.51 27.61
N TYR D 278 2.15 -5.92 26.44
CA TYR D 278 2.71 -6.47 25.21
C TYR D 278 4.24 -6.39 25.22
N PHE D 279 4.79 -5.26 25.66
CA PHE D 279 6.24 -5.08 25.62
C PHE D 279 6.93 -5.88 26.71
N VAL D 280 6.23 -6.18 27.80
CA VAL D 280 6.81 -7.00 28.86
C VAL D 280 7.08 -8.41 28.35
N ILE D 281 6.12 -8.99 27.63
CA ILE D 281 6.29 -10.37 27.18
C ILE D 281 7.16 -10.45 25.94
N GLN D 282 7.18 -9.40 25.12
CA GLN D 282 7.92 -9.44 23.85
C GLN D 282 9.37 -8.99 23.99
N THR D 283 9.65 -8.02 24.85
CA THR D 283 10.98 -7.44 24.94
C THR D 283 11.64 -7.63 26.29
N TYR D 284 10.97 -7.25 27.38
CA TYR D 284 11.65 -7.23 28.68
C TYR D 284 11.95 -8.62 29.19
N LEU D 285 10.97 -9.52 29.16
CA LEU D 285 11.20 -10.88 29.66
C LEU D 285 12.26 -11.64 28.86
N PRO D 286 12.24 -11.66 27.52
CA PRO D 286 13.34 -12.34 26.80
C PRO D 286 14.71 -11.75 27.09
N CYS D 287 14.80 -10.43 27.29
CA CYS D 287 16.10 -9.81 27.56
C CYS D 287 16.60 -10.16 28.95
N ILE D 288 15.69 -10.23 29.93
CA ILE D 288 16.09 -10.58 31.29
C ILE D 288 16.58 -12.03 31.36
N MET D 289 15.92 -12.92 30.61
CA MET D 289 16.31 -14.33 30.64
C MET D 289 17.67 -14.55 29.97
N THR D 290 17.97 -13.80 28.91
CA THR D 290 19.25 -13.95 28.24
C THR D 290 20.39 -13.46 29.14
N VAL D 291 20.15 -12.42 29.92
CA VAL D 291 21.15 -11.96 30.89
C VAL D 291 21.38 -13.03 31.95
N ILE D 292 20.31 -13.67 32.41
CA ILE D 292 20.43 -14.73 33.42
C ILE D 292 21.23 -15.90 32.87
N LEU D 293 21.02 -16.25 31.59
CA LEU D 293 21.78 -17.33 30.98
C LEU D 293 23.26 -17.02 30.93
N SER D 294 23.61 -15.75 30.69
CA SER D 294 25.03 -15.39 30.62
C SER D 294 25.72 -15.57 31.97
N GLN D 295 24.98 -15.41 33.07
CA GLN D 295 25.54 -15.60 34.40
C GLN D 295 25.56 -17.06 34.83
N VAL D 296 24.88 -17.94 34.10
CA VAL D 296 24.97 -19.37 34.35
C VAL D 296 26.39 -19.87 34.10
N SER D 297 27.12 -19.22 33.20
CA SER D 297 28.46 -19.66 32.84
C SER D 297 29.41 -19.65 34.03
N PHE D 298 29.13 -18.82 35.04
CA PHE D 298 30.02 -18.72 36.19
C PHE D 298 30.04 -19.99 37.03
N TRP D 299 29.09 -20.89 36.82
CA TRP D 299 29.00 -22.12 37.58
C TRP D 299 29.58 -23.34 36.86
N LEU D 300 30.13 -23.15 35.66
CA LEU D 300 30.77 -24.23 34.94
C LEU D 300 32.25 -24.28 35.28
N ASN D 301 32.82 -25.48 35.22
CA ASN D 301 34.21 -25.65 35.61
C ASN D 301 35.14 -24.94 34.64
N ARG D 302 36.26 -24.43 35.16
CA ARG D 302 37.14 -23.56 34.39
C ARG D 302 37.93 -24.31 33.33
N GLU D 303 37.98 -25.64 33.39
CA GLU D 303 38.68 -26.39 32.35
C GLU D 303 37.86 -26.48 31.06
N SER D 304 36.56 -26.22 31.13
CA SER D 304 35.68 -26.32 29.97
C SER D 304 35.77 -25.02 29.16
N VAL D 305 36.92 -24.83 28.51
CA VAL D 305 37.13 -23.63 27.71
C VAL D 305 36.18 -23.53 26.53
N PRO D 306 35.98 -24.58 25.71
CA PRO D 306 35.01 -24.45 24.61
C PRO D 306 33.59 -24.20 25.08
N ALA D 307 33.17 -24.87 26.16
CA ALA D 307 31.79 -24.72 26.62
C ALA D 307 31.51 -23.30 27.09
N ARG D 308 32.44 -22.71 27.84
CA ARG D 308 32.21 -21.38 28.39
C ARG D 308 32.37 -20.31 27.33
N THR D 309 33.28 -20.52 26.38
CA THR D 309 33.44 -19.57 25.28
C THR D 309 32.21 -19.55 24.38
N VAL D 310 31.70 -20.73 24.02
CA VAL D 310 30.51 -20.81 23.19
C VAL D 310 29.30 -20.24 23.94
N PHE D 311 29.22 -20.51 25.24
CA PHE D 311 28.14 -19.95 26.05
C PHE D 311 28.17 -18.43 26.02
N GLY D 312 29.36 -17.84 26.18
CA GLY D 312 29.46 -16.39 26.22
C GLY D 312 29.12 -15.72 24.91
N VAL D 313 29.64 -16.25 23.80
CA VAL D 313 29.55 -15.53 22.54
C VAL D 313 28.18 -15.75 21.89
N THR D 314 27.52 -16.87 22.18
CA THR D 314 26.21 -17.12 21.59
C THR D 314 25.14 -16.29 22.28
N THR D 315 25.30 -15.99 23.57
CA THR D 315 24.37 -15.11 24.24
C THR D 315 24.50 -13.68 23.73
N VAL D 316 25.71 -13.27 23.33
CA VAL D 316 25.89 -11.96 22.71
C VAL D 316 25.14 -11.90 21.39
N LEU D 317 25.21 -12.98 20.59
CA LEU D 317 24.48 -13.01 19.33
C LEU D 317 22.97 -13.01 19.56
N THR D 318 22.51 -13.69 20.62
CA THR D 318 21.09 -13.69 20.94
C THR D 318 20.60 -12.29 21.33
N MET D 319 21.39 -11.57 22.13
CA MET D 319 21.01 -10.21 22.52
C MET D 319 20.97 -9.29 21.30
N THR D 320 21.90 -9.47 20.37
CA THR D 320 21.90 -8.67 19.15
C THR D 320 20.62 -8.86 18.35
N THR D 321 20.17 -10.11 18.23
CA THR D 321 18.93 -10.40 17.52
C THR D 321 17.73 -9.74 18.21
N LEU D 322 17.68 -9.82 19.54
CA LEU D 322 16.58 -9.21 20.28
C LEU D 322 16.59 -7.69 20.14
N SER D 323 17.77 -7.08 20.18
CA SER D 323 17.86 -5.63 20.13
C SER D 323 17.37 -5.08 18.79
N ILE D 324 17.73 -5.76 17.69
CA ILE D 324 17.32 -5.31 16.37
C ILE D 324 15.80 -5.37 16.24
N SER D 325 15.19 -6.47 16.71
CA SER D 325 13.75 -6.64 16.60
C SER D 325 13.00 -5.56 17.38
N ALA D 326 13.46 -5.25 18.60
CA ALA D 326 12.73 -4.32 19.45
C ALA D 326 12.69 -2.92 18.84
N ARG D 327 13.79 -2.48 18.23
CA ARG D 327 13.83 -1.13 17.67
C ARG D 327 13.26 -1.05 16.26
N ASN D 328 12.93 -2.18 15.63
CA ASN D 328 12.32 -2.16 14.32
C ASN D 328 10.81 -1.97 14.38
N SER D 329 10.23 -1.88 15.58
CA SER D 329 8.81 -1.58 15.73
C SER D 329 8.56 -0.14 16.17
N LEU D 330 9.53 0.51 16.81
CA LEU D 330 9.36 1.89 17.25
C LEU D 330 9.29 2.83 16.05
N PRO D 331 8.64 3.97 16.20
CA PRO D 331 8.77 5.04 15.19
C PRO D 331 10.21 5.53 15.15
N LYS D 332 10.64 5.95 13.96
CA LYS D 332 12.04 6.34 13.77
C LYS D 332 12.32 7.68 14.43
N VAL D 333 12.64 7.66 15.71
CA VAL D 333 13.05 8.86 16.46
C VAL D 333 14.55 8.78 16.66
N ALA D 334 15.25 9.88 16.39
CA ALA D 334 16.70 9.86 16.42
C ALA D 334 17.22 9.99 17.85
N TYR D 335 16.33 10.08 18.82
CA TYR D 335 16.76 10.08 20.21
C TYR D 335 16.45 8.74 20.87
N ALA D 336 16.99 8.56 22.07
CA ALA D 336 16.82 7.31 22.80
C ALA D 336 15.57 7.35 23.66
N THR D 337 14.89 6.21 23.76
CA THR D 337 13.72 6.05 24.60
C THR D 337 14.08 5.21 25.83
N ALA D 338 13.08 4.96 26.67
CA ALA D 338 13.31 4.15 27.86
C ALA D 338 13.59 2.69 27.51
N MET D 339 13.06 2.20 26.40
CA MET D 339 13.36 0.84 25.98
C MET D 339 14.76 0.74 25.40
N ASP D 340 15.26 1.80 24.77
CA ASP D 340 16.62 1.79 24.25
C ASP D 340 17.65 1.67 25.37
N TRP D 341 17.42 2.35 26.48
CA TRP D 341 18.36 2.31 27.59
C TRP D 341 18.39 0.93 28.24
N PHE D 342 17.23 0.28 28.36
CA PHE D 342 17.18 -1.03 29.01
C PHE D 342 17.97 -2.07 28.22
N ILE D 343 17.86 -2.05 26.90
CA ILE D 343 18.57 -3.01 26.08
C ILE D 343 20.08 -2.74 26.10
N ALA D 344 20.47 -1.46 26.11
CA ALA D 344 21.88 -1.12 26.14
C ALA D 344 22.56 -1.64 27.40
N VAL D 345 21.89 -1.52 28.54
CA VAL D 345 22.44 -2.04 29.79
C VAL D 345 22.49 -3.56 29.77
N CYS D 346 21.44 -4.20 29.22
CA CYS D 346 21.46 -5.65 29.09
C CYS D 346 22.57 -6.10 28.16
N TYR D 347 22.83 -5.32 27.10
CA TYR D 347 23.92 -5.65 26.19
C TYR D 347 25.27 -5.55 26.89
N ALA D 348 25.44 -4.57 27.76
CA ALA D 348 26.72 -4.39 28.46
C ALA D 348 26.93 -5.45 29.53
N PHE D 349 25.85 -6.05 30.05
CA PHE D 349 26.00 -7.10 31.05
C PHE D 349 26.48 -8.40 30.43
N VAL D 350 25.95 -8.76 29.26
CA VAL D 350 26.41 -9.98 28.61
C VAL D 350 27.80 -9.79 28.02
N PHE D 351 28.16 -8.55 27.66
CA PHE D 351 29.52 -8.27 27.23
C PHE D 351 30.51 -8.46 28.37
N SER D 352 30.15 -8.03 29.58
CA SER D 352 31.05 -8.14 30.71
C SER D 352 31.19 -9.57 31.21
N ALA D 353 30.22 -10.45 30.91
CA ALA D 353 30.31 -11.82 31.37
C ALA D 353 31.37 -12.59 30.59
N LEU D 354 31.53 -12.28 29.30
CA LEU D 354 32.54 -12.95 28.49
C LEU D 354 33.94 -12.40 28.76
N ILE D 355 34.05 -11.13 29.15
CA ILE D 355 35.34 -10.58 29.55
C ILE D 355 35.80 -11.22 30.86
N GLU D 356 34.87 -11.52 31.76
CA GLU D 356 35.24 -12.11 33.04
C GLU D 356 35.88 -13.48 32.84
N PHE D 357 35.36 -14.29 31.91
CA PHE D 357 35.99 -15.57 31.63
C PHE D 357 37.36 -15.40 30.96
N ALA D 358 37.52 -14.37 30.13
CA ALA D 358 38.83 -14.11 29.54
C ALA D 358 39.87 -13.84 30.60
N THR D 359 39.48 -13.18 31.68
CA THR D 359 40.40 -12.93 32.79
C THR D 359 40.66 -14.21 33.58
N VAL D 360 39.60 -15.00 33.83
CA VAL D 360 39.74 -16.23 34.60
C VAL D 360 40.61 -17.23 33.84
N ASN D 361 40.36 -17.39 32.55
CA ASN D 361 41.15 -18.34 31.75
C ASN D 361 42.61 -17.92 31.68
N TYR D 362 42.90 -16.63 31.79
CA TYR D 362 44.28 -16.16 31.69
C TYR D 362 45.07 -16.54 32.94
N PHE D 363 44.48 -16.39 34.13
CA PHE D 363 45.19 -16.64 35.37
C PHE D 363 45.16 -18.12 35.79
N THR D 364 44.39 -18.96 35.12
CA THR D 364 44.45 -20.39 35.37
C THR D 364 45.82 -20.92 34.94
N LYS D 365 46.26 -21.98 35.63
CA LYS D 365 47.54 -22.65 35.45
C LYS D 365 48.72 -21.81 35.92
N SER D 366 48.49 -20.57 36.35
CA SER D 366 49.52 -19.73 36.94
C SER D 366 49.17 -19.31 38.35
N GLN D 367 47.96 -18.83 38.57
CA GLN D 367 47.45 -18.51 39.91
C GLN D 367 46.07 -19.13 40.04
N PRO D 368 45.99 -20.45 40.22
CA PRO D 368 44.66 -21.09 40.32
C PRO D 368 43.84 -20.60 41.49
N ALA D 369 44.48 -20.12 42.56
CA ALA D 369 43.73 -19.60 43.70
C ALA D 369 43.01 -18.31 43.34
N ARG D 370 43.68 -17.42 42.61
CA ARG D 370 43.06 -16.17 42.20
C ARG D 370 41.91 -16.40 41.22
N ALA D 371 42.09 -17.33 40.29
CA ALA D 371 41.05 -17.59 39.29
C ALA D 371 39.77 -18.10 39.94
N ALA D 372 39.90 -18.98 40.92
CA ALA D 372 38.72 -19.47 41.64
C ALA D 372 38.04 -18.34 42.40
N LYS D 373 38.82 -17.42 42.96
CA LYS D 373 38.23 -16.32 43.73
C LYS D 373 37.45 -15.37 42.84
N ILE D 374 37.90 -15.15 41.59
CA ILE D 374 37.18 -14.28 40.69
C ILE D 374 35.80 -14.86 40.35
N ASP D 375 35.74 -16.19 40.13
CA ASP D 375 34.48 -16.81 39.78
C ASP D 375 33.49 -16.76 40.95
N ARG D 376 33.97 -16.96 42.18
CA ARG D 376 33.08 -16.92 43.33
C ARG D 376 32.46 -15.55 43.52
N LEU D 377 33.24 -14.49 43.33
CA LEU D 377 32.72 -13.14 43.52
C LEU D 377 31.82 -12.72 42.37
N SER D 378 32.05 -13.25 41.16
CA SER D 378 31.19 -12.91 40.03
C SER D 378 29.81 -13.53 40.18
N ARG D 379 29.71 -14.65 40.90
CA ARG D 379 28.41 -15.26 41.17
C ARG D 379 27.55 -14.39 42.08
N ILE D 380 28.15 -13.43 42.77
CA ILE D 380 27.43 -12.54 43.66
C ILE D 380 27.26 -11.15 43.06
N ALA D 381 28.33 -10.59 42.49
CA ALA D 381 28.29 -9.22 42.02
C ALA D 381 27.37 -9.05 40.81
N PHE D 382 27.47 -9.97 39.84
CA PHE D 382 26.68 -9.83 38.63
C PHE D 382 25.18 -9.91 38.88
N PRO D 383 24.64 -10.91 39.60
CA PRO D 383 23.19 -10.88 39.89
C PRO D 383 22.77 -9.69 40.73
N LEU D 384 23.62 -9.25 41.67
CA LEU D 384 23.26 -8.14 42.53
C LEU D 384 23.19 -6.82 41.77
N LEU D 385 24.17 -6.58 40.89
CA LEU D 385 24.17 -5.34 40.11
C LEU D 385 22.99 -5.26 39.16
N PHE D 386 22.63 -6.38 38.54
CA PHE D 386 21.49 -6.39 37.63
C PHE D 386 20.18 -6.18 38.39
N GLY D 387 20.07 -6.76 39.58
CA GLY D 387 18.88 -6.53 40.40
C GLY D 387 18.74 -5.09 40.82
N ILE D 388 19.84 -4.45 41.18
CA ILE D 388 19.79 -3.04 41.57
C ILE D 388 19.45 -2.17 40.37
N PHE D 389 19.96 -2.52 39.19
CA PHE D 389 19.64 -1.76 37.98
C PHE D 389 18.16 -1.82 37.67
N ASN D 390 17.54 -2.99 37.81
CA ASN D 390 16.12 -3.12 37.53
C ASN D 390 15.28 -2.32 38.52
N LEU D 391 15.67 -2.33 39.80
CA LEU D 391 14.92 -1.59 40.81
C LEU D 391 14.94 -0.09 40.53
N VAL D 392 16.10 0.44 40.16
CA VAL D 392 16.18 1.85 39.79
C VAL D 392 15.37 2.13 38.53
N TYR D 393 15.46 1.25 37.54
CA TYR D 393 14.80 1.49 36.26
C TYR D 393 13.28 1.53 36.44
N TRP D 394 12.71 0.50 37.07
CA TRP D 394 11.26 0.39 37.14
C TRP D 394 10.67 1.41 38.10
N ALA D 395 11.36 1.68 39.22
CA ALA D 395 10.85 2.69 40.14
C ALA D 395 10.89 4.09 39.52
N THR D 396 11.91 4.37 38.70
CA THR D 396 12.01 5.68 38.06
C THR D 396 10.90 5.90 37.05
N TYR D 397 10.69 4.94 36.14
CA TYR D 397 9.84 5.16 34.99
C TYR D 397 8.36 4.89 35.27
N LEU D 398 8.04 3.90 36.09
CA LEU D 398 6.64 3.63 36.38
C LEU D 398 5.99 4.79 37.12
N ASN D 399 6.72 5.41 38.05
CA ASN D 399 6.18 6.56 38.78
C ASN D 399 5.92 7.73 37.85
N ARG D 400 6.84 8.00 36.93
CA ARG D 400 6.68 9.11 35.98
C ARG D 400 5.92 8.65 34.74
N ASN E 62 -44.59 5.29 -31.24
CA ASN E 62 -44.53 4.72 -29.90
C ASN E 62 -43.45 5.42 -29.08
N MET E 63 -42.37 5.81 -29.75
CA MET E 63 -41.30 6.54 -29.07
C MET E 63 -41.68 7.99 -28.83
N SER E 64 -42.49 8.58 -29.74
CA SER E 64 -42.94 9.95 -29.53
C SER E 64 -43.93 10.04 -28.38
N PHE E 65 -44.76 9.01 -28.20
CA PHE E 65 -45.70 9.00 -27.08
C PHE E 65 -44.96 8.89 -25.76
N VAL E 66 -43.88 8.11 -25.72
CA VAL E 66 -43.07 8.01 -24.51
C VAL E 66 -42.41 9.35 -24.20
N LYS E 67 -41.90 10.03 -25.23
CA LYS E 67 -41.24 11.32 -25.03
C LYS E 67 -42.21 12.34 -24.43
N GLU E 68 -43.46 12.34 -24.91
CA GLU E 68 -44.47 13.24 -24.36
C GLU E 68 -44.79 12.89 -22.91
N THR E 69 -44.93 11.59 -22.61
CA THR E 69 -45.35 11.17 -21.28
C THR E 69 -44.29 11.48 -20.22
N VAL E 70 -43.02 11.22 -20.54
CA VAL E 70 -41.96 11.44 -19.56
C VAL E 70 -41.83 12.93 -19.23
N ASP E 71 -41.89 13.78 -20.25
CA ASP E 71 -41.80 15.22 -20.00
C ASP E 71 -42.99 15.74 -19.20
N LYS E 72 -44.13 15.04 -19.28
CA LYS E 72 -45.30 15.42 -18.49
C LYS E 72 -45.03 15.23 -17.00
N LEU E 73 -44.40 14.12 -16.62
CA LEU E 73 -44.19 13.82 -15.21
C LEU E 73 -43.27 14.85 -14.56
N LEU E 74 -42.19 15.24 -15.23
CA LEU E 74 -41.21 16.13 -14.65
C LEU E 74 -41.63 17.59 -14.68
N LYS E 75 -42.71 17.91 -15.38
CA LYS E 75 -43.23 19.28 -15.39
C LYS E 75 -43.99 19.54 -14.10
N GLY E 76 -43.55 20.55 -13.35
CA GLY E 76 -44.15 20.86 -12.07
C GLY E 76 -43.70 20.00 -10.92
N TYR E 77 -42.78 19.05 -11.17
CA TYR E 77 -42.29 18.18 -10.11
C TYR E 77 -41.42 18.97 -9.15
N ASP E 78 -41.64 18.79 -7.85
CA ASP E 78 -40.89 19.47 -6.82
C ASP E 78 -39.98 18.46 -6.12
N ILE E 79 -38.67 18.72 -6.15
CA ILE E 79 -37.71 17.79 -5.55
C ILE E 79 -37.63 17.93 -4.04
N ARG E 80 -38.06 19.06 -3.49
CA ARG E 80 -37.89 19.34 -2.07
C ARG E 80 -38.97 18.72 -1.19
N LEU E 81 -39.99 18.09 -1.78
CA LEU E 81 -41.09 17.51 -1.03
C LEU E 81 -41.09 16.00 -1.21
N ARG E 82 -41.18 15.27 -0.09
CA ARG E 82 -41.21 13.83 -0.13
C ARG E 82 -42.57 13.33 -0.64
N PRO E 83 -42.62 12.11 -1.16
CA PRO E 83 -43.91 11.54 -1.57
C PRO E 83 -44.86 11.44 -0.38
N ASP E 84 -46.15 11.69 -0.64
CA ASP E 84 -47.18 11.76 0.41
C ASP E 84 -46.78 12.75 1.48
N PHE E 85 -46.27 13.90 1.05
CA PHE E 85 -45.82 14.94 1.98
C PHE E 85 -46.99 15.39 2.86
N GLY E 86 -46.75 15.44 4.17
CA GLY E 86 -47.77 15.82 5.12
C GLY E 86 -48.73 14.71 5.50
N GLY E 87 -48.58 13.51 4.94
CA GLY E 87 -49.46 12.41 5.23
C GLY E 87 -48.74 11.22 5.83
N PRO E 88 -49.11 10.02 5.39
CA PRO E 88 -48.48 8.82 5.93
C PRO E 88 -47.02 8.76 5.53
N PRO E 89 -46.17 8.12 6.34
CA PRO E 89 -44.75 8.03 5.98
C PRO E 89 -44.55 7.18 4.74
N VAL E 90 -43.48 7.49 3.99
CA VAL E 90 -43.14 6.72 2.81
C VAL E 90 -42.29 5.51 3.22
N CYS E 91 -42.66 4.34 2.71
CA CYS E 91 -42.00 3.10 3.04
C CYS E 91 -40.97 2.77 1.97
N VAL E 92 -39.74 2.47 2.38
CA VAL E 92 -38.65 2.18 1.47
C VAL E 92 -38.17 0.75 1.73
N GLY E 93 -38.14 -0.06 0.67
CA GLY E 93 -37.63 -1.42 0.75
C GLY E 93 -36.21 -1.50 0.20
N MET E 94 -35.39 -2.33 0.84
CA MET E 94 -33.97 -2.40 0.53
C MET E 94 -33.57 -3.81 0.10
N ASN E 95 -32.68 -3.88 -0.88
CA ASN E 95 -32.03 -5.10 -1.30
C ASN E 95 -30.53 -4.83 -1.40
N ILE E 96 -29.72 -5.81 -1.00
CA ILE E 96 -28.27 -5.73 -1.13
C ILE E 96 -27.80 -6.98 -1.87
N ASP E 97 -26.99 -6.77 -2.91
CA ASP E 97 -26.41 -7.86 -3.69
C ASP E 97 -24.90 -7.77 -3.53
N ILE E 98 -24.35 -8.57 -2.61
CA ILE E 98 -22.93 -8.49 -2.30
C ILE E 98 -22.12 -9.08 -3.44
N ALA E 99 -21.15 -8.32 -3.94
CA ALA E 99 -20.31 -8.74 -5.05
C ALA E 99 -18.98 -9.32 -4.60
N SER E 100 -18.38 -8.77 -3.54
CA SER E 100 -17.09 -9.24 -3.05
C SER E 100 -16.80 -8.62 -1.69
N ILE E 101 -16.16 -9.41 -0.83
CA ILE E 101 -15.64 -8.95 0.45
C ILE E 101 -14.15 -9.25 0.49
N ASP E 102 -13.35 -8.24 0.83
CA ASP E 102 -11.90 -8.42 0.83
C ASP E 102 -11.28 -7.42 1.80
N MET E 103 -10.00 -7.65 2.10
CA MET E 103 -9.20 -6.77 2.94
C MET E 103 -9.81 -6.60 4.33
N VAL E 104 -9.89 -7.72 5.05
CA VAL E 104 -10.28 -7.70 6.47
C VAL E 104 -9.03 -7.37 7.26
N SER E 105 -8.94 -6.13 7.74
CA SER E 105 -7.72 -5.61 8.35
C SER E 105 -7.85 -5.66 9.87
N GLU E 106 -6.91 -6.36 10.53
CA GLU E 106 -6.88 -6.38 11.98
C GLU E 106 -6.30 -5.10 12.55
N VAL E 107 -5.27 -4.55 11.90
CA VAL E 107 -4.63 -3.33 12.40
C VAL E 107 -5.58 -2.15 12.26
N ASN E 108 -6.20 -2.00 11.09
CA ASN E 108 -7.13 -0.90 10.87
C ASN E 108 -8.51 -1.18 11.45
N MET E 109 -8.81 -2.45 11.77
CA MET E 109 -10.11 -2.84 12.35
C MET E 109 -11.27 -2.43 11.43
N ASP E 110 -11.20 -2.88 10.18
CA ASP E 110 -12.26 -2.61 9.22
C ASP E 110 -12.19 -3.65 8.10
N TYR E 111 -13.16 -3.57 7.20
CA TYR E 111 -13.25 -4.44 6.04
C TYR E 111 -13.81 -3.65 4.87
N THR E 112 -13.49 -4.09 3.66
CA THR E 112 -13.91 -3.44 2.43
C THR E 112 -14.97 -4.29 1.76
N LEU E 113 -16.06 -3.66 1.32
CA LEU E 113 -17.22 -4.34 0.78
C LEU E 113 -17.67 -3.68 -0.51
N THR E 114 -17.95 -4.49 -1.52
CA THR E 114 -18.52 -4.03 -2.79
C THR E 114 -19.88 -4.69 -2.98
N MET E 115 -20.88 -3.91 -3.37
CA MET E 115 -22.25 -4.42 -3.40
C MET E 115 -23.09 -3.60 -4.38
N TYR E 116 -24.24 -4.18 -4.73
CA TYR E 116 -25.30 -3.47 -5.44
C TYR E 116 -26.38 -3.12 -4.43
N PHE E 117 -26.71 -1.83 -4.32
CA PHE E 117 -27.63 -1.34 -3.30
C PHE E 117 -28.88 -0.79 -4.00
N GLN E 118 -30.02 -1.43 -3.75
CA GLN E 118 -31.29 -1.06 -4.36
C GLN E 118 -32.25 -0.54 -3.31
N GLN E 119 -33.06 0.45 -3.70
CA GLN E 119 -34.09 1.01 -2.85
C GLN E 119 -35.39 1.11 -3.64
N TYR E 120 -36.49 0.72 -3.02
CA TYR E 120 -37.80 0.70 -3.65
C TYR E 120 -38.78 1.55 -2.85
N TRP E 121 -39.49 2.44 -3.53
CA TRP E 121 -40.55 3.21 -2.90
C TRP E 121 -41.54 3.64 -3.97
N ARG E 122 -42.72 4.05 -3.53
CA ARG E 122 -43.80 4.44 -4.42
C ARG E 122 -44.02 5.94 -4.34
N ASP E 123 -43.99 6.61 -5.48
CA ASP E 123 -44.26 8.03 -5.59
C ASP E 123 -45.39 8.23 -6.58
N LYS E 124 -46.54 8.70 -6.09
CA LYS E 124 -47.72 8.82 -6.94
C LYS E 124 -47.56 9.88 -8.02
N ARG E 125 -46.68 10.86 -7.83
CA ARG E 125 -46.45 11.89 -8.83
C ARG E 125 -45.78 11.36 -10.09
N LEU E 126 -45.27 10.13 -10.06
CA LEU E 126 -44.58 9.53 -11.20
C LEU E 126 -45.37 8.39 -11.83
N ALA E 127 -46.68 8.34 -11.59
CA ALA E 127 -47.50 7.28 -12.16
C ALA E 127 -47.95 7.65 -13.57
N TYR E 128 -47.89 6.68 -14.47
CA TYR E 128 -48.25 6.88 -15.86
C TYR E 128 -49.07 5.70 -16.36
N SER E 129 -49.85 5.95 -17.40
CA SER E 129 -50.70 4.91 -18.00
C SER E 129 -50.59 4.99 -19.51
N GLY E 130 -51.05 3.93 -20.17
CA GLY E 130 -51.00 3.84 -21.61
C GLY E 130 -49.77 3.18 -22.17
N ILE E 131 -48.75 2.93 -21.36
CA ILE E 131 -47.53 2.24 -21.80
C ILE E 131 -47.34 1.00 -20.96
N PRO E 132 -47.41 -0.19 -21.55
CA PRO E 132 -47.22 -1.44 -20.78
C PRO E 132 -45.75 -1.83 -20.67
N LEU E 133 -44.95 -0.93 -20.10
CA LEU E 133 -43.51 -1.15 -20.02
C LEU E 133 -42.97 -0.52 -18.74
N ASN E 134 -41.82 -1.03 -18.31
CA ASN E 134 -41.03 -0.41 -17.26
C ASN E 134 -40.00 0.49 -17.94
N LEU E 135 -39.97 1.76 -17.55
CA LEU E 135 -39.16 2.77 -18.24
C LEU E 135 -37.81 2.90 -17.53
N THR E 136 -36.77 2.37 -18.16
CA THR E 136 -35.40 2.59 -17.72
C THR E 136 -34.89 3.87 -18.35
N LEU E 137 -34.67 4.89 -17.54
CA LEU E 137 -34.25 6.20 -18.02
C LEU E 137 -32.75 6.37 -17.83
N ASP E 138 -32.19 7.36 -18.52
CA ASP E 138 -30.79 7.69 -18.36
C ASP E 138 -30.51 8.05 -16.90
N ASN E 139 -29.37 7.56 -16.38
CA ASN E 139 -29.11 7.66 -14.95
C ASN E 139 -28.95 9.10 -14.48
N ARG E 140 -28.78 10.05 -15.41
CA ARG E 140 -28.71 11.45 -15.03
C ARG E 140 -30.05 12.02 -14.61
N VAL E 141 -31.15 11.29 -14.81
CA VAL E 141 -32.47 11.73 -14.38
C VAL E 141 -32.66 11.61 -12.88
N ALA E 142 -31.74 10.94 -12.18
CA ALA E 142 -31.86 10.79 -10.73
C ALA E 142 -31.75 12.12 -10.01
N ASP E 143 -31.01 13.07 -10.57
CA ASP E 143 -30.88 14.40 -9.99
C ASP E 143 -32.16 15.21 -10.11
N GLN E 144 -33.12 14.77 -10.92
CA GLN E 144 -34.38 15.47 -11.10
C GLN E 144 -35.51 14.90 -10.27
N LEU E 145 -35.22 13.96 -9.39
CA LEU E 145 -36.24 13.29 -8.58
C LEU E 145 -35.87 13.37 -7.11
N TRP E 146 -36.80 12.94 -6.26
CA TRP E 146 -36.58 12.83 -4.83
C TRP E 146 -36.06 11.43 -4.52
N VAL E 147 -34.99 11.36 -3.74
CA VAL E 147 -34.42 10.07 -3.34
C VAL E 147 -34.20 10.10 -1.83
N PRO E 148 -34.23 8.95 -1.15
CA PRO E 148 -34.05 8.95 0.30
C PRO E 148 -32.64 9.37 0.70
N ASP E 149 -32.54 9.94 1.90
CA ASP E 149 -31.26 10.40 2.44
C ASP E 149 -30.59 9.29 3.26
N THR E 150 -30.41 8.14 2.60
CA THR E 150 -29.81 6.99 3.24
C THR E 150 -28.29 7.16 3.37
N TYR E 151 -27.74 6.71 4.49
CA TYR E 151 -26.30 6.73 4.71
C TYR E 151 -25.93 5.56 5.60
N PHE E 152 -24.62 5.26 5.62
CA PHE E 152 -24.09 4.15 6.41
C PHE E 152 -23.40 4.71 7.65
N LEU E 153 -23.82 4.24 8.82
CA LEU E 153 -23.38 4.85 10.07
C LEU E 153 -21.94 4.49 10.40
N ASN E 154 -21.48 3.31 10.02
CA ASN E 154 -20.13 2.85 10.35
C ASN E 154 -19.18 2.93 9.15
N ASP E 155 -19.52 3.72 8.14
CA ASP E 155 -18.70 3.82 6.93
C ASP E 155 -17.55 4.79 7.14
N LYS E 156 -16.33 4.32 6.87
CA LYS E 156 -15.16 5.17 6.94
C LYS E 156 -14.86 5.85 5.60
N LYS E 157 -14.97 5.11 4.50
CA LYS E 157 -14.71 5.64 3.18
C LYS E 157 -15.52 4.84 2.17
N SER E 158 -16.24 5.54 1.28
CA SER E 158 -17.06 4.89 0.29
C SER E 158 -17.15 5.77 -0.95
N PHE E 159 -17.41 5.12 -2.09
CA PHE E 159 -17.56 5.84 -3.35
C PHE E 159 -18.44 5.02 -4.28
N VAL E 160 -18.97 5.70 -5.29
CA VAL E 160 -19.75 5.07 -6.36
C VAL E 160 -18.87 4.96 -7.59
N HIS E 161 -18.85 3.77 -8.19
CA HIS E 161 -18.03 3.56 -9.37
C HIS E 161 -18.53 4.41 -10.53
N GLY E 162 -17.61 4.88 -11.36
CA GLY E 162 -17.95 5.82 -12.40
C GLY E 162 -17.31 5.57 -13.76
N VAL E 163 -17.03 4.31 -14.08
CA VAL E 163 -16.50 3.93 -15.38
C VAL E 163 -17.41 2.86 -15.98
N THR E 164 -17.83 3.04 -17.22
CA THR E 164 -17.46 4.21 -18.05
C THR E 164 -18.34 5.41 -17.74
N VAL E 165 -19.47 5.16 -17.10
CA VAL E 165 -20.34 6.20 -16.58
C VAL E 165 -20.65 5.85 -15.12
N LYS E 166 -21.31 6.77 -14.44
CA LYS E 166 -21.70 6.53 -13.06
C LYS E 166 -22.60 5.30 -12.97
N ASN E 167 -22.24 4.36 -12.09
CA ASN E 167 -22.93 3.09 -11.97
C ASN E 167 -24.21 3.30 -11.16
N ARG E 168 -25.21 3.88 -11.83
CA ARG E 168 -26.47 4.23 -11.20
C ARG E 168 -27.62 3.85 -12.13
N MET E 169 -28.76 3.53 -11.54
CA MET E 169 -29.93 3.11 -12.30
C MET E 169 -31.18 3.74 -11.73
N ILE E 170 -32.07 4.19 -12.61
CA ILE E 170 -33.41 4.64 -12.25
C ILE E 170 -34.39 3.93 -13.16
N ARG E 171 -35.40 3.29 -12.55
CA ARG E 171 -36.42 2.58 -13.30
C ARG E 171 -37.79 2.94 -12.74
N LEU E 172 -38.74 3.17 -13.63
CA LEU E 172 -40.08 3.59 -13.27
C LEU E 172 -41.08 2.51 -13.64
N HIS E 173 -42.17 2.46 -12.88
CA HIS E 173 -43.25 1.50 -13.08
C HIS E 173 -44.58 2.24 -13.15
N PRO E 174 -45.58 1.68 -13.84
CA PRO E 174 -46.84 2.41 -14.04
C PRO E 174 -47.54 2.79 -12.75
N ASP E 175 -47.46 1.96 -11.70
CA ASP E 175 -48.11 2.26 -10.44
C ASP E 175 -47.42 3.34 -9.63
N GLY E 176 -46.24 3.80 -10.06
CA GLY E 176 -45.50 4.81 -9.35
C GLY E 176 -44.33 4.30 -8.54
N THR E 177 -44.02 3.01 -8.62
CA THR E 177 -42.88 2.46 -7.90
C THR E 177 -41.59 2.90 -8.58
N VAL E 178 -40.62 3.32 -7.75
CA VAL E 178 -39.32 3.77 -8.23
C VAL E 178 -38.27 2.78 -7.76
N LEU E 179 -37.45 2.30 -8.69
CA LEU E 179 -36.30 1.48 -8.39
C LEU E 179 -35.04 2.32 -8.57
N TYR E 180 -34.19 2.35 -7.54
CA TYR E 180 -33.00 3.19 -7.51
C TYR E 180 -31.82 2.33 -7.08
N GLY E 181 -30.88 2.10 -7.99
CA GLY E 181 -29.77 1.21 -7.73
C GLY E 181 -28.44 1.93 -7.79
N LEU E 182 -27.48 1.45 -6.98
CA LEU E 182 -26.14 2.00 -6.95
C LEU E 182 -25.15 0.87 -6.74
N ARG E 183 -23.95 1.04 -7.31
CA ARG E 183 -22.85 0.11 -7.11
C ARG E 183 -21.80 0.81 -6.25
N ILE E 184 -21.62 0.33 -5.03
CA ILE E 184 -20.89 1.04 -3.99
C ILE E 184 -19.78 0.15 -3.46
N THR E 185 -18.59 0.73 -3.30
CA THR E 185 -17.50 0.11 -2.56
C THR E 185 -17.29 0.92 -1.28
N THR E 186 -17.38 0.25 -0.13
CA THR E 186 -17.31 0.94 1.16
C THR E 186 -16.37 0.21 2.10
N THR E 187 -15.67 0.99 2.91
CA THR E 187 -14.83 0.48 4.00
C THR E 187 -15.57 0.75 5.30
N ALA E 188 -15.99 -0.30 5.99
CA ALA E 188 -16.80 -0.19 7.19
C ALA E 188 -15.99 -0.63 8.40
N ALA E 189 -16.16 0.08 9.52
CA ALA E 189 -15.38 -0.16 10.72
C ALA E 189 -16.12 -1.11 11.65
N CYS E 190 -15.43 -2.16 12.09
CA CYS E 190 -15.93 -3.07 13.10
C CYS E 190 -14.82 -3.40 14.09
N MET E 191 -15.17 -3.40 15.38
CA MET E 191 -14.19 -3.73 16.41
C MET E 191 -13.89 -5.22 16.40
N MET E 192 -12.61 -5.55 16.55
CA MET E 192 -12.15 -6.93 16.60
C MET E 192 -11.49 -7.21 17.95
N ASP E 193 -11.94 -8.26 18.61
CA ASP E 193 -11.36 -8.69 19.88
C ASP E 193 -10.41 -9.85 19.60
N LEU E 194 -9.11 -9.57 19.66
CA LEU E 194 -8.08 -10.51 19.20
C LEU E 194 -7.33 -11.16 20.36
N ARG E 195 -7.95 -11.25 21.54
CA ARG E 195 -7.27 -11.89 22.66
C ARG E 195 -7.05 -13.37 22.43
N ARG E 196 -7.89 -14.00 21.61
CA ARG E 196 -7.79 -15.42 21.30
C ARG E 196 -7.17 -15.67 19.93
N TYR E 197 -6.55 -14.66 19.34
CA TYR E 197 -5.93 -14.81 18.03
C TYR E 197 -4.85 -15.88 18.08
N PRO E 198 -4.74 -16.73 17.05
CA PRO E 198 -5.54 -16.79 15.82
C PRO E 198 -6.80 -17.64 15.94
N LEU E 199 -7.15 -18.11 17.13
CA LEU E 199 -8.33 -18.95 17.33
C LEU E 199 -9.53 -18.10 17.74
N ASP E 200 -9.88 -17.14 16.88
CA ASP E 200 -10.88 -16.13 17.24
C ASP E 200 -11.98 -16.09 16.20
N GLU E 201 -13.15 -15.60 16.64
CA GLU E 201 -14.30 -15.33 15.80
C GLU E 201 -14.64 -13.86 15.85
N GLN E 202 -15.06 -13.32 14.71
CA GLN E 202 -15.38 -11.90 14.61
C GLN E 202 -16.79 -11.71 14.08
N ASN E 203 -17.39 -10.57 14.42
CA ASN E 203 -18.75 -10.23 14.02
C ASN E 203 -18.74 -8.78 13.53
N CYS E 204 -18.77 -8.60 12.21
CA CYS E 204 -18.71 -7.28 11.59
C CYS E 204 -20.05 -6.96 10.93
N THR E 205 -20.49 -5.71 11.05
CA THR E 205 -21.83 -5.30 10.68
C THR E 205 -21.81 -4.13 9.70
N LEU E 206 -22.99 -3.80 9.21
CA LEU E 206 -23.22 -2.62 8.39
C LEU E 206 -24.55 -2.00 8.79
N GLU E 207 -24.54 -0.71 9.11
CA GLU E 207 -25.69 -0.03 9.67
C GLU E 207 -26.25 0.96 8.66
N ILE E 208 -27.56 0.91 8.43
CA ILE E 208 -28.23 1.73 7.44
C ILE E 208 -29.26 2.60 8.17
N GLU E 209 -29.17 3.92 7.98
CA GLU E 209 -30.04 4.84 8.68
C GLU E 209 -30.33 6.05 7.80
N SER E 210 -31.37 6.79 8.17
CA SER E 210 -31.76 8.02 7.49
C SER E 210 -31.19 9.21 8.25
N TYR E 211 -30.60 10.16 7.52
CA TYR E 211 -29.89 11.25 8.18
C TYR E 211 -30.84 12.25 8.81
N GLY E 212 -31.92 12.61 8.13
CA GLY E 212 -32.74 13.72 8.58
C GLY E 212 -34.15 13.39 9.01
N TYR E 213 -34.74 12.35 8.44
CA TYR E 213 -36.14 12.05 8.70
C TYR E 213 -36.31 11.14 9.91
N THR E 214 -37.55 11.07 10.40
CA THR E 214 -37.94 10.20 11.50
C THR E 214 -39.00 9.22 11.01
N THR E 215 -39.55 8.44 11.94
CA THR E 215 -40.54 7.43 11.57
C THR E 215 -41.89 8.02 11.21
N ASP E 216 -42.11 9.31 11.43
CA ASP E 216 -43.31 9.97 10.94
C ASP E 216 -43.20 10.37 9.48
N ASP E 217 -42.04 10.22 8.88
CA ASP E 217 -41.81 10.61 7.50
C ASP E 217 -41.37 9.45 6.61
N ILE E 218 -40.48 8.59 7.11
CA ILE E 218 -39.91 7.50 6.31
C ILE E 218 -39.84 6.25 7.17
N GLU E 219 -39.96 5.09 6.52
CA GLU E 219 -39.84 3.80 7.18
C GLU E 219 -38.97 2.87 6.34
N PHE E 220 -38.18 2.04 7.02
CA PHE E 220 -37.29 1.09 6.36
C PHE E 220 -37.76 -0.33 6.62
N TYR E 221 -37.67 -1.17 5.59
CA TYR E 221 -37.88 -2.61 5.75
C TYR E 221 -37.03 -3.34 4.75
N TRP E 222 -36.72 -4.59 5.05
CA TRP E 222 -35.99 -5.45 4.13
C TRP E 222 -36.96 -6.02 3.11
N ARG E 223 -36.67 -5.84 1.83
CA ARG E 223 -37.57 -6.26 0.76
C ARG E 223 -37.27 -7.71 0.42
N GLY E 224 -38.17 -8.60 0.80
CA GLY E 224 -37.99 -10.04 0.62
C GLY E 224 -37.71 -10.82 1.87
N GLY E 225 -37.78 -10.19 3.04
CA GLY E 225 -37.51 -10.92 4.27
C GLY E 225 -36.03 -11.24 4.40
N ASP E 226 -35.74 -12.48 4.79
CA ASP E 226 -34.36 -12.92 4.93
C ASP E 226 -33.65 -13.12 3.60
N LYS E 227 -34.38 -13.05 2.49
CA LYS E 227 -33.79 -13.17 1.16
C LYS E 227 -33.39 -11.81 0.58
N ALA E 228 -33.46 -10.75 1.37
CA ALA E 228 -33.17 -9.41 0.87
C ALA E 228 -31.69 -9.22 0.55
N VAL E 229 -30.81 -10.04 1.12
CA VAL E 229 -29.37 -9.95 0.88
C VAL E 229 -28.91 -11.25 0.25
N THR E 230 -28.24 -11.15 -0.91
CA THR E 230 -27.79 -12.31 -1.65
C THR E 230 -26.31 -12.18 -1.95
N GLY E 231 -25.69 -13.32 -2.28
CA GLY E 231 -24.30 -13.36 -2.70
C GLY E 231 -23.30 -13.72 -1.62
N VAL E 232 -23.75 -13.93 -0.39
CA VAL E 232 -22.82 -14.32 0.68
C VAL E 232 -22.30 -15.73 0.44
N GLU E 233 -23.16 -16.63 -0.06
CA GLU E 233 -22.78 -18.01 -0.27
C GLU E 233 -21.70 -18.19 -1.32
N ARG E 234 -21.45 -17.17 -2.15
CA ARG E 234 -20.44 -17.25 -3.19
C ARG E 234 -19.13 -16.55 -2.81
N ILE E 235 -19.02 -16.11 -1.56
CA ILE E 235 -17.84 -15.36 -1.12
C ILE E 235 -16.77 -16.34 -0.65
N GLU E 236 -15.53 -16.07 -1.03
CA GLU E 236 -14.37 -16.85 -0.57
C GLU E 236 -13.38 -15.88 0.07
N LEU E 237 -13.04 -16.13 1.33
CA LEU E 237 -12.09 -15.31 2.06
C LEU E 237 -10.80 -16.08 2.29
N PRO E 238 -9.64 -15.50 1.98
CA PRO E 238 -8.39 -16.26 2.11
C PRO E 238 -8.08 -16.73 3.52
N GLN E 239 -8.48 -15.96 4.54
CA GLN E 239 -8.15 -16.29 5.92
CA GLN E 239 -8.15 -16.29 5.92
C GLN E 239 -9.37 -16.62 6.78
N PHE E 240 -10.56 -16.23 6.37
CA PHE E 240 -11.76 -16.46 7.16
C PHE E 240 -12.73 -17.37 6.40
N SER E 241 -13.81 -17.74 7.08
CA SER E 241 -14.93 -18.43 6.47
C SER E 241 -16.20 -17.89 7.09
N ILE E 242 -17.10 -17.37 6.25
CA ILE E 242 -18.34 -16.80 6.76
C ILE E 242 -19.23 -17.93 7.28
N VAL E 243 -19.65 -17.80 8.53
CA VAL E 243 -20.46 -18.81 9.19
C VAL E 243 -21.95 -18.52 9.07
N GLU E 244 -22.34 -17.26 9.23
CA GLU E 244 -23.73 -16.89 9.17
C GLU E 244 -23.84 -15.41 8.84
N HIS E 245 -25.00 -15.01 8.34
CA HIS E 245 -25.36 -13.62 8.15
C HIS E 245 -26.78 -13.40 8.66
N ARG E 246 -27.07 -12.17 9.07
CA ARG E 246 -28.30 -11.89 9.78
C ARG E 246 -28.81 -10.50 9.41
N LEU E 247 -30.13 -10.37 9.34
CA LEU E 247 -30.80 -9.11 9.02
C LEU E 247 -31.68 -8.68 10.18
N VAL E 248 -31.47 -7.45 10.64
CA VAL E 248 -32.23 -6.90 11.76
C VAL E 248 -32.87 -5.59 11.33
N SER E 249 -34.15 -5.42 11.64
CA SER E 249 -34.87 -4.18 11.41
C SER E 249 -35.40 -3.67 12.73
N ARG E 250 -35.20 -2.38 13.01
CA ARG E 250 -35.60 -1.81 14.28
C ARG E 250 -35.67 -0.30 14.16
N ASN E 251 -36.23 0.33 15.19
CA ASN E 251 -36.26 1.78 15.31
C ASN E 251 -35.48 2.20 16.55
N VAL E 252 -34.89 3.40 16.49
CA VAL E 252 -34.08 3.93 17.57
C VAL E 252 -34.85 5.11 18.18
N VAL E 253 -35.15 5.01 19.47
CA VAL E 253 -35.97 6.00 20.16
C VAL E 253 -35.04 7.07 20.73
N PHE E 254 -34.91 8.18 20.01
CA PHE E 254 -34.17 9.34 20.50
C PHE E 254 -35.12 10.25 21.26
N ALA E 255 -34.62 11.43 21.65
CA ALA E 255 -35.47 12.41 22.32
C ALA E 255 -36.40 13.11 21.34
N THR E 256 -36.05 13.16 20.05
CA THR E 256 -36.86 13.82 19.03
C THR E 256 -37.82 12.88 18.33
N GLY E 257 -37.85 11.61 18.72
CA GLY E 257 -38.71 10.61 18.12
C GLY E 257 -37.92 9.40 17.69
N ALA E 258 -38.59 8.49 17.00
CA ALA E 258 -37.95 7.26 16.54
C ALA E 258 -37.22 7.49 15.22
N TYR E 259 -36.29 6.58 14.92
CA TYR E 259 -35.47 6.65 13.71
C TYR E 259 -35.32 5.24 13.14
N PRO E 260 -35.63 5.05 11.87
CA PRO E 260 -35.51 3.71 11.28
C PRO E 260 -34.06 3.30 11.07
N ARG E 261 -33.78 2.02 11.29
CA ARG E 261 -32.45 1.49 11.04
C ARG E 261 -32.55 0.05 10.56
N LEU E 262 -31.68 -0.30 9.61
CA LEU E 262 -31.49 -1.68 9.17
C LEU E 262 -30.05 -2.08 9.43
N SER E 263 -29.84 -3.35 9.78
CA SER E 263 -28.52 -3.84 10.12
C SER E 263 -28.26 -5.18 9.43
N LEU E 264 -27.05 -5.34 8.91
CA LEU E 264 -26.60 -6.57 8.28
C LEU E 264 -25.28 -6.98 8.93
N SER E 265 -25.23 -8.20 9.47
CA SER E 265 -24.07 -8.67 10.21
C SER E 265 -23.57 -9.99 9.65
N PHE E 266 -22.25 -10.18 9.73
CA PHE E 266 -21.61 -11.44 9.34
C PHE E 266 -20.77 -11.94 10.50
N ARG E 267 -20.65 -13.26 10.60
CA ARG E 267 -19.80 -13.89 11.60
C ARG E 267 -18.68 -14.64 10.90
N LEU E 268 -17.44 -14.33 11.26
CA LEU E 268 -16.27 -14.88 10.60
C LEU E 268 -15.52 -15.82 11.53
N LYS E 269 -15.00 -16.91 10.98
CA LYS E 269 -14.21 -17.88 11.70
C LYS E 269 -12.87 -18.04 10.99
N ARG E 270 -11.78 -17.74 11.71
CA ARG E 270 -10.47 -17.71 11.08
C ARG E 270 -9.96 -19.12 10.80
N ASN E 271 -9.21 -19.25 9.71
CA ASN E 271 -8.58 -20.52 9.36
C ASN E 271 -7.28 -20.70 10.11
N ILE E 272 -6.92 -21.96 10.34
CA ILE E 272 -5.79 -22.30 11.20
C ILE E 272 -4.65 -22.96 10.44
N GLY E 273 -4.85 -23.41 9.20
CA GLY E 273 -3.84 -24.21 8.53
C GLY E 273 -2.52 -23.48 8.35
N TYR E 274 -2.57 -22.18 8.09
CA TYR E 274 -1.35 -21.41 7.90
C TYR E 274 -0.52 -21.35 9.18
N PHE E 275 -1.18 -21.21 10.33
CA PHE E 275 -0.46 -21.05 11.59
C PHE E 275 0.12 -22.36 12.10
N ILE E 276 -0.51 -23.49 11.77
CA ILE E 276 -0.03 -24.77 12.25
C ILE E 276 1.35 -25.09 11.67
N LEU E 277 1.52 -24.90 10.37
CA LEU E 277 2.78 -25.24 9.71
C LEU E 277 3.84 -24.14 9.85
N GLN E 278 3.46 -22.94 10.24
CA GLN E 278 4.39 -21.82 10.31
C GLN E 278 4.72 -21.37 11.72
N THR E 279 3.82 -21.56 12.68
CA THR E 279 4.02 -21.05 14.02
C THR E 279 4.14 -22.17 15.05
N TYR E 280 3.15 -23.06 15.15
CA TYR E 280 3.11 -24.01 16.25
C TYR E 280 4.10 -25.16 16.06
N MET E 281 4.06 -25.80 14.90
CA MET E 281 4.94 -26.94 14.68
CA MET E 281 4.94 -26.95 14.66
C MET E 281 6.41 -26.60 14.77
N PRO E 282 6.92 -25.50 14.19
CA PRO E 282 8.35 -25.18 14.39
C PRO E 282 8.73 -25.01 15.85
N SER E 283 7.85 -24.42 16.66
CA SER E 283 8.17 -24.22 18.07
C SER E 283 8.16 -25.53 18.84
N ILE E 284 7.26 -26.44 18.47
CA ILE E 284 7.19 -27.73 19.16
C ILE E 284 8.45 -28.55 18.89
N LEU E 285 8.93 -28.56 17.65
CA LEU E 285 10.09 -29.38 17.31
C LEU E 285 11.35 -28.88 18.00
N ILE E 286 11.50 -27.56 18.12
CA ILE E 286 12.69 -27.02 18.79
C ILE E 286 12.69 -27.39 20.27
N THR E 287 11.50 -27.42 20.89
CA THR E 287 11.42 -27.84 22.28
C THR E 287 11.83 -29.30 22.45
N ILE E 288 11.41 -30.16 21.53
CA ILE E 288 11.76 -31.57 21.61
C ILE E 288 13.26 -31.78 21.43
N LEU E 289 13.87 -31.02 20.51
CA LEU E 289 15.31 -31.15 20.30
C LEU E 289 16.10 -30.75 21.53
N SER E 290 15.55 -29.88 22.39
CA SER E 290 16.25 -29.49 23.59
C SER E 290 16.30 -30.62 24.62
N TRP E 291 15.47 -31.65 24.47
CA TRP E 291 15.50 -32.79 25.37
C TRP E 291 16.57 -33.81 25.00
N VAL E 292 17.19 -33.66 23.82
CA VAL E 292 18.28 -34.55 23.43
C VAL E 292 19.45 -34.44 24.39
N SER E 293 19.61 -33.28 25.03
CA SER E 293 20.70 -33.07 25.97
C SER E 293 20.64 -34.06 27.14
N PHE E 294 19.44 -34.42 27.57
CA PHE E 294 19.29 -35.31 28.73
C PHE E 294 19.82 -36.71 28.47
N TRP E 295 19.94 -37.12 27.21
CA TRP E 295 20.46 -38.45 26.87
C TRP E 295 21.93 -38.44 26.53
N ILE E 296 22.61 -37.29 26.67
CA ILE E 296 24.06 -37.19 26.45
C ILE E 296 24.74 -37.24 27.81
N ASN E 297 25.92 -37.85 27.85
CA ASN E 297 26.67 -37.96 29.10
C ASN E 297 27.02 -36.57 29.62
N TYR E 298 26.98 -36.41 30.95
CA TYR E 298 27.13 -35.09 31.54
C TYR E 298 28.56 -34.55 31.44
N ASP E 299 29.55 -35.41 31.20
CA ASP E 299 30.91 -34.95 31.02
C ASP E 299 31.16 -34.37 29.63
N ALA E 300 30.22 -34.52 28.70
CA ALA E 300 30.33 -33.91 27.38
C ALA E 300 29.82 -32.47 27.45
N SER E 301 30.62 -31.63 28.11
CA SER E 301 30.19 -30.27 28.39
C SER E 301 30.06 -29.44 27.11
N ALA E 302 30.99 -29.62 26.17
CA ALA E 302 30.94 -28.81 24.95
C ALA E 302 29.76 -29.20 24.08
N ALA E 303 29.40 -30.49 24.05
CA ALA E 303 28.29 -30.92 23.22
C ALA E 303 26.95 -30.45 23.81
N ARG E 304 26.78 -30.56 25.12
CA ARG E 304 25.50 -30.21 25.73
C ARG E 304 25.30 -28.71 25.83
N VAL E 305 26.37 -27.95 26.09
CA VAL E 305 26.25 -26.49 26.12
C VAL E 305 25.91 -25.96 24.74
N ALA E 306 26.61 -26.45 23.71
CA ALA E 306 26.35 -26.00 22.35
C ALA E 306 24.94 -26.34 21.91
N LEU E 307 24.48 -27.56 22.22
CA LEU E 307 23.12 -27.95 21.90
C LEU E 307 22.11 -27.08 22.66
N GLY E 308 22.37 -26.82 23.94
CA GLY E 308 21.43 -26.06 24.74
C GLY E 308 21.32 -24.60 24.31
N ILE E 309 22.45 -23.96 24.04
CA ILE E 309 22.41 -22.52 23.76
C ILE E 309 21.99 -22.24 22.33
N THR E 310 22.22 -23.18 21.41
CA THR E 310 21.79 -22.96 20.03
C THR E 310 20.28 -23.11 19.89
N THR E 311 19.65 -23.96 20.70
CA THR E 311 18.20 -24.05 20.69
C THR E 311 17.56 -22.79 21.23
N VAL E 312 18.21 -22.11 22.17
CA VAL E 312 17.70 -20.82 22.65
C VAL E 312 17.74 -19.79 21.53
N LEU E 313 18.83 -19.76 20.76
CA LEU E 313 18.94 -18.81 19.65
C LEU E 313 17.92 -19.13 18.56
N THR E 314 17.69 -20.42 18.28
CA THR E 314 16.70 -20.78 17.27
C THR E 314 15.29 -20.36 17.69
N MET E 315 14.96 -20.54 18.97
CA MET E 315 13.65 -20.11 19.45
C MET E 315 13.51 -18.60 19.39
N THR E 316 14.58 -17.86 19.70
CA THR E 316 14.55 -16.41 19.57
C THR E 316 14.35 -15.98 18.13
N THR E 317 15.02 -16.66 17.19
CA THR E 317 14.86 -16.34 15.78
C THR E 317 13.42 -16.56 15.31
N ILE E 318 12.79 -17.63 15.80
CA ILE E 318 11.40 -17.90 15.44
C ILE E 318 10.48 -16.78 15.94
N ASN E 319 10.64 -16.39 17.21
CA ASN E 319 9.73 -15.41 17.80
C ASN E 319 9.89 -14.04 17.16
N THR E 320 11.13 -13.61 16.89
CA THR E 320 11.34 -12.28 16.35
C THR E 320 10.76 -12.15 14.94
N HIS E 321 10.94 -13.17 14.11
CA HIS E 321 10.46 -13.08 12.73
C HIS E 321 8.95 -13.23 12.63
N LEU E 322 8.34 -13.99 13.54
CA LEU E 322 6.88 -14.05 13.59
C LEU E 322 6.29 -12.68 13.91
N ARG E 323 6.92 -11.95 14.83
CA ARG E 323 6.49 -10.59 15.13
C ARG E 323 6.61 -9.69 13.91
N GLU E 324 7.56 -9.96 13.02
CA GLU E 324 7.74 -9.13 11.84
C GLU E 324 6.65 -9.39 10.79
N THR E 325 6.17 -10.63 10.70
CA THR E 325 5.22 -10.98 9.64
C THR E 325 3.76 -10.86 10.09
N LEU E 326 3.46 -11.18 11.35
CA LEU E 326 2.09 -11.10 11.82
C LEU E 326 1.64 -9.65 11.95
N PRO E 327 0.33 -9.39 11.88
CA PRO E 327 -0.15 -8.01 12.05
C PRO E 327 0.19 -7.45 13.42
N LYS E 328 0.52 -6.17 13.44
CA LYS E 328 0.98 -5.49 14.67
C LYS E 328 -0.22 -5.21 15.55
N ILE E 329 -0.45 -6.06 16.54
CA ILE E 329 -1.52 -5.90 17.50
C ILE E 329 -0.91 -5.82 18.90
N PRO E 330 -0.65 -4.61 19.40
CA PRO E 330 0.17 -4.45 20.62
C PRO E 330 -0.60 -4.74 21.91
N TYR E 331 -1.06 -5.98 22.06
CA TYR E 331 -1.47 -6.48 23.36
C TYR E 331 -1.41 -8.00 23.32
N VAL E 332 -1.47 -8.61 24.50
CA VAL E 332 -1.19 -10.04 24.64
C VAL E 332 -2.31 -10.84 24.00
N LYS E 333 -1.96 -11.68 23.04
CA LYS E 333 -2.86 -12.59 22.36
C LYS E 333 -2.58 -14.02 22.80
N ALA E 334 -3.39 -14.96 22.29
CA ALA E 334 -3.18 -16.36 22.61
C ALA E 334 -1.90 -16.90 21.97
N ILE E 335 -1.51 -16.34 20.83
CA ILE E 335 -0.31 -16.81 20.14
C ILE E 335 0.94 -16.42 20.90
N ASP E 336 0.92 -15.27 21.59
CA ASP E 336 2.08 -14.83 22.34
C ASP E 336 2.32 -15.70 23.56
N MET E 337 1.27 -16.27 24.14
CA MET E 337 1.42 -17.11 25.32
C MET E 337 2.08 -18.43 24.97
N TYR E 338 1.79 -18.98 23.79
CA TYR E 338 2.37 -20.27 23.43
C TYR E 338 3.86 -20.13 23.11
N LEU E 339 4.23 -19.11 22.35
CA LEU E 339 5.64 -18.90 22.02
C LEU E 339 6.46 -18.60 23.27
N MET E 340 5.91 -17.82 24.19
CA MET E 340 6.62 -17.52 25.43
C MET E 340 6.73 -18.77 26.30
N GLY E 341 5.70 -19.61 26.30
CA GLY E 341 5.76 -20.84 27.08
C GLY E 341 6.82 -21.79 26.58
N CYS E 342 6.95 -21.91 25.25
CA CYS E 342 8.01 -22.74 24.68
C CYS E 342 9.38 -22.19 25.00
N PHE E 343 9.52 -20.86 25.01
CA PHE E 343 10.81 -20.24 25.32
C PHE E 343 11.24 -20.54 26.75
N VAL E 344 10.29 -20.63 27.67
CA VAL E 344 10.62 -20.96 29.06
C VAL E 344 11.13 -22.39 29.16
N PHE E 345 10.55 -23.30 28.39
CA PHE E 345 10.96 -24.71 28.48
C PHE E 345 12.39 -24.91 28.00
N VAL E 346 12.80 -24.24 26.92
CA VAL E 346 14.16 -24.41 26.45
C VAL E 346 15.13 -23.65 27.36
N PHE E 347 14.65 -22.60 28.04
CA PHE E 347 15.47 -21.91 29.03
C PHE E 347 15.79 -22.82 30.20
N LEU E 348 14.82 -23.61 30.65
CA LEU E 348 15.02 -24.49 31.79
C LEU E 348 15.84 -25.73 31.45
N ALA E 349 15.79 -26.18 30.19
CA ALA E 349 16.56 -27.35 29.80
C ALA E 349 18.06 -27.07 29.85
N LEU E 350 18.47 -25.86 29.44
CA LEU E 350 19.86 -25.47 29.56
C LEU E 350 20.22 -25.14 31.00
N LEU E 351 19.24 -24.68 31.79
CA LEU E 351 19.47 -24.43 33.20
C LEU E 351 19.63 -25.73 33.98
N GLU E 352 19.02 -26.81 33.50
CA GLU E 352 19.15 -28.10 34.17
C GLU E 352 20.58 -28.62 34.12
N TYR E 353 21.26 -28.45 32.98
CA TYR E 353 22.63 -28.91 32.87
C TYR E 353 23.60 -28.09 33.73
N ALA E 354 23.23 -26.86 34.08
CA ALA E 354 24.08 -26.07 34.97
C ALA E 354 24.21 -26.72 36.34
N PHE E 355 23.10 -27.25 36.87
CA PHE E 355 23.14 -27.95 38.15
C PHE E 355 23.94 -29.24 38.04
N VAL E 356 23.69 -30.02 37.00
CA VAL E 356 24.37 -31.31 36.85
C VAL E 356 25.86 -31.11 36.67
N ASN E 357 26.25 -30.15 35.82
CA ASN E 357 27.67 -29.90 35.60
C ASN E 357 28.37 -29.41 36.87
N TYR E 358 27.63 -28.75 37.75
CA TYR E 358 28.24 -28.21 38.96
C TYR E 358 28.48 -29.26 40.04
N ILE E 359 27.82 -30.41 39.97
CA ILE E 359 27.90 -31.38 41.07
C ILE E 359 28.30 -32.77 40.58
N PHE E 360 28.53 -32.93 39.27
CA PHE E 360 28.81 -34.27 38.77
C PHE E 360 30.17 -34.79 39.19
N PHE E 361 31.04 -33.95 39.75
CA PHE E 361 32.33 -34.41 40.23
C PHE E 361 32.28 -34.79 41.71
N SER E 362 31.65 -33.96 42.54
CA SER E 362 31.54 -34.28 43.96
C SER E 362 30.50 -35.37 44.20
N GLN E 363 29.37 -35.30 43.50
CA GLN E 363 28.26 -36.24 43.69
C GLN E 363 27.86 -36.81 42.33
N PRO E 364 28.65 -37.72 41.78
CA PRO E 364 28.34 -38.25 40.44
C PRO E 364 27.07 -39.08 40.39
N ALA E 365 26.67 -39.69 41.52
CA ALA E 365 25.45 -40.51 41.50
C ALA E 365 24.20 -39.64 41.52
N ARG E 366 24.24 -38.52 42.24
CA ARG E 366 23.09 -37.63 42.27
C ARG E 366 22.90 -36.92 40.93
N ALA E 367 24.01 -36.59 40.26
CA ALA E 367 23.92 -35.95 38.96
C ALA E 367 23.33 -36.89 37.91
N ALA E 368 23.58 -38.19 38.06
CA ALA E 368 22.98 -39.16 37.15
C ALA E 368 21.48 -39.31 37.38
N ALA E 369 21.04 -39.14 38.62
CA ALA E 369 19.62 -39.27 38.92
C ALA E 369 18.82 -38.07 38.43
N ILE E 370 19.45 -36.89 38.38
CA ILE E 370 18.76 -35.71 37.89
C ILE E 370 18.53 -35.81 36.38
N ASP E 371 19.50 -36.35 35.64
CA ASP E 371 19.34 -36.50 34.20
C ASP E 371 18.24 -37.50 33.87
N ARG E 372 18.17 -38.60 34.62
CA ARG E 372 17.14 -39.62 34.34
C ARG E 372 15.75 -39.07 34.60
N TRP E 373 15.57 -38.30 35.67
CA TRP E 373 14.25 -37.73 35.95
C TRP E 373 13.89 -36.62 34.98
N SER E 374 14.89 -35.91 34.44
CA SER E 374 14.60 -34.89 33.44
C SER E 374 14.05 -35.49 32.16
N ARG E 375 14.41 -36.74 31.87
CA ARG E 375 13.88 -37.41 30.69
C ARG E 375 12.39 -37.68 30.78
N ILE E 376 11.82 -37.64 31.98
CA ILE E 376 10.42 -37.92 32.20
C ILE E 376 9.63 -36.65 32.52
N VAL E 377 10.18 -35.79 33.37
CA VAL E 377 9.44 -34.62 33.83
C VAL E 377 9.22 -33.63 32.69
N PHE E 378 10.25 -33.37 31.89
CA PHE E 378 10.12 -32.39 30.82
C PHE E 378 9.11 -32.80 29.76
N PRO E 379 9.15 -34.01 29.18
CA PRO E 379 8.10 -34.38 28.23
C PRO E 379 6.71 -34.43 28.85
N PHE E 380 6.60 -34.81 30.12
CA PHE E 380 5.29 -34.88 30.77
C PHE E 380 4.74 -33.50 31.06
N THR E 381 5.61 -32.57 31.49
CA THR E 381 5.14 -31.23 31.81
C THR E 381 4.84 -30.42 30.55
N PHE E 382 5.50 -30.73 29.44
CA PHE E 382 5.22 -30.00 28.21
C PHE E 382 3.88 -30.42 27.61
N SER E 383 3.54 -31.70 27.71
CA SER E 383 2.21 -32.13 27.29
C SER E 383 1.14 -31.60 28.22
N LEU E 384 1.46 -31.44 29.50
CA LEU E 384 0.53 -30.83 30.44
C LEU E 384 0.28 -29.37 30.11
N PHE E 385 1.31 -28.67 29.64
CA PHE E 385 1.16 -27.28 29.20
C PHE E 385 0.26 -27.20 27.97
N ASN E 386 0.46 -28.12 27.01
CA ASN E 386 -0.37 -28.13 25.81
C ASN E 386 -1.84 -28.44 26.14
N LEU E 387 -2.07 -29.39 27.04
CA LEU E 387 -3.43 -29.77 27.37
C LEU E 387 -4.22 -28.60 27.96
N VAL E 388 -3.60 -27.87 28.87
CA VAL E 388 -4.27 -26.71 29.47
C VAL E 388 -4.43 -25.60 28.43
N TYR E 389 -3.44 -25.42 27.57
CA TYR E 389 -3.49 -24.35 26.58
C TYR E 389 -4.60 -24.59 25.56
N TRP E 390 -4.71 -25.83 25.06
CA TRP E 390 -5.67 -26.11 24.00
C TRP E 390 -7.10 -26.21 24.53
N LEU E 391 -7.29 -26.67 25.77
CA LEU E 391 -8.63 -26.67 26.35
C LEU E 391 -9.14 -25.25 26.55
N TYR E 392 -8.27 -24.34 26.98
CA TYR E 392 -8.66 -22.97 27.27
C TYR E 392 -8.84 -22.12 26.00
N TYR E 393 -8.47 -22.63 24.83
CA TYR E 393 -8.52 -21.86 23.60
C TYR E 393 -9.23 -22.55 22.45
N VAL E 394 -9.67 -23.80 22.62
CA VAL E 394 -10.41 -24.49 21.57
C VAL E 394 -11.73 -24.98 22.12
N GLN F 1 -11.90 -37.81 -0.34
CA GLN F 1 -11.69 -37.72 -1.78
C GLN F 1 -12.80 -36.89 -2.42
N VAL F 2 -12.63 -36.55 -3.69
CA VAL F 2 -13.58 -35.73 -4.43
C VAL F 2 -14.29 -36.61 -5.45
N GLN F 3 -15.62 -36.66 -5.35
CA GLN F 3 -16.44 -37.40 -6.28
C GLN F 3 -17.61 -36.54 -6.74
N LEU F 4 -17.87 -36.56 -8.04
CA LEU F 4 -19.01 -35.89 -8.64
C LEU F 4 -20.04 -36.96 -8.98
N GLN F 5 -21.06 -37.09 -8.13
CA GLN F 5 -22.12 -38.07 -8.34
C GLN F 5 -23.29 -37.40 -9.05
N GLU F 6 -23.82 -38.08 -10.07
CA GLU F 6 -24.86 -37.54 -10.91
C GLU F 6 -26.16 -38.32 -10.70
N SER F 7 -27.28 -37.60 -10.76
CA SER F 7 -28.60 -38.22 -10.61
C SER F 7 -29.48 -37.84 -11.80
N GLY F 8 -30.76 -38.17 -11.73
CA GLY F 8 -31.67 -37.89 -12.81
C GLY F 8 -31.46 -38.82 -13.99
N GLY F 9 -32.03 -38.41 -15.12
CA GLY F 9 -31.91 -39.20 -16.34
C GLY F 9 -33.16 -40.01 -16.62
N GLY F 10 -32.97 -41.20 -17.18
CA GLY F 10 -34.10 -42.08 -17.47
C GLY F 10 -34.58 -41.95 -18.91
N LEU F 11 -35.90 -42.00 -19.10
CA LEU F 11 -36.50 -41.91 -20.42
C LEU F 11 -37.68 -40.95 -20.38
N VAL F 12 -37.86 -40.21 -21.47
CA VAL F 12 -38.98 -39.31 -21.65
C VAL F 12 -39.55 -39.51 -23.06
N GLN F 13 -40.81 -39.14 -23.22
CA GLN F 13 -41.53 -39.38 -24.48
C GLN F 13 -41.40 -38.17 -25.40
N ALA F 14 -40.17 -37.97 -25.89
CA ALA F 14 -39.86 -36.94 -26.89
C ALA F 14 -40.32 -35.57 -26.43
N GLY F 15 -40.13 -35.27 -25.16
CA GLY F 15 -40.51 -33.98 -24.62
C GLY F 15 -40.59 -34.03 -23.11
N GLY F 16 -41.05 -32.93 -22.54
CA GLY F 16 -41.19 -32.81 -21.11
C GLY F 16 -39.90 -32.42 -20.42
N SER F 17 -40.02 -32.03 -19.16
CA SER F 17 -38.89 -31.63 -18.37
C SER F 17 -38.06 -32.83 -17.92
N LEU F 18 -36.76 -32.61 -17.74
CA LEU F 18 -35.87 -33.64 -17.22
C LEU F 18 -34.70 -32.91 -16.57
N ARG F 19 -34.71 -32.83 -15.23
CA ARG F 19 -33.71 -32.09 -14.49
C ARG F 19 -32.62 -33.05 -14.00
N VAL F 20 -31.45 -32.94 -14.61
CA VAL F 20 -30.29 -33.76 -14.24
C VAL F 20 -29.47 -32.97 -13.22
N SER F 21 -29.14 -33.62 -12.11
CA SER F 21 -28.39 -32.98 -11.03
C SER F 21 -26.97 -33.51 -10.98
N CYS F 22 -26.19 -32.92 -10.07
CA CYS F 22 -24.81 -33.33 -9.86
C CYS F 22 -24.37 -32.83 -8.50
N ALA F 23 -24.04 -33.75 -7.60
CA ALA F 23 -23.67 -33.42 -6.22
C ALA F 23 -22.18 -33.66 -6.02
N ALA F 24 -21.51 -32.69 -5.41
CA ALA F 24 -20.08 -32.77 -5.13
C ALA F 24 -19.85 -33.06 -3.66
N SER F 25 -18.72 -33.71 -3.38
CA SER F 25 -18.34 -34.04 -2.01
C SER F 25 -16.83 -34.10 -1.90
N GLY F 26 -16.32 -33.75 -0.72
CA GLY F 26 -14.90 -33.77 -0.46
C GLY F 26 -14.16 -32.49 -0.77
N ARG F 27 -14.82 -31.51 -1.40
CA ARG F 27 -14.20 -30.24 -1.72
C ARG F 27 -15.30 -29.28 -2.15
N THR F 28 -15.23 -28.04 -1.67
CA THR F 28 -16.18 -27.01 -2.03
C THR F 28 -15.74 -26.34 -3.33
N PHE F 29 -16.62 -26.33 -4.32
CA PHE F 29 -16.33 -25.81 -5.66
C PHE F 29 -16.95 -24.44 -5.88
N THR F 30 -17.04 -23.61 -4.83
CA THR F 30 -17.62 -22.29 -4.98
C THR F 30 -16.81 -21.44 -5.95
N THR F 31 -15.49 -21.50 -5.87
CA THR F 31 -14.60 -20.70 -6.71
C THR F 31 -14.25 -21.39 -8.01
N TYR F 32 -14.87 -22.52 -8.32
CA TYR F 32 -14.58 -23.27 -9.54
C TYR F 32 -15.70 -23.08 -10.56
N ILE F 33 -15.41 -23.51 -11.79
CA ILE F 33 -16.38 -23.54 -12.87
C ILE F 33 -16.99 -24.93 -12.93
N MET F 34 -18.31 -25.01 -12.84
CA MET F 34 -19.04 -26.26 -12.94
C MET F 34 -19.79 -26.28 -14.27
N ALA F 35 -19.60 -27.32 -15.06
CA ALA F 35 -20.11 -27.38 -16.42
C ALA F 35 -20.83 -28.71 -16.65
N TRP F 36 -21.43 -28.82 -17.84
CA TRP F 36 -22.07 -30.03 -18.30
C TRP F 36 -21.59 -30.36 -19.70
N PHE F 37 -21.38 -31.65 -19.97
CA PHE F 37 -20.92 -32.11 -21.27
C PHE F 37 -21.83 -33.24 -21.75
N ARG F 38 -21.74 -33.52 -23.04
CA ARG F 38 -22.58 -34.53 -23.68
C ARG F 38 -21.76 -35.33 -24.67
N GLN F 39 -21.95 -36.65 -24.67
CA GLN F 39 -21.24 -37.54 -25.59
C GLN F 39 -22.25 -38.48 -26.24
N ALA F 40 -22.60 -38.21 -27.49
CA ALA F 40 -23.44 -39.10 -28.27
C ALA F 40 -22.68 -40.39 -28.57
N PRO F 41 -23.39 -41.49 -28.88
CA PRO F 41 -22.69 -42.77 -29.05
C PRO F 41 -21.66 -42.75 -30.16
N GLY F 42 -20.39 -42.77 -29.78
CA GLY F 42 -19.28 -42.87 -30.71
C GLY F 42 -18.95 -41.60 -31.46
N LYS F 43 -19.70 -40.52 -31.29
CA LYS F 43 -19.48 -39.33 -32.12
C LYS F 43 -18.36 -38.45 -31.56
N GLU F 44 -18.59 -37.85 -30.39
CA GLU F 44 -17.67 -36.89 -29.78
C GLU F 44 -18.28 -36.44 -28.46
N ARG F 45 -17.43 -35.86 -27.61
CA ARG F 45 -17.87 -35.23 -26.38
C ARG F 45 -18.11 -33.74 -26.65
N GLU F 46 -19.29 -33.25 -26.27
CA GLU F 46 -19.76 -31.93 -26.66
C GLU F 46 -20.01 -31.06 -25.43
N PHE F 47 -19.61 -29.80 -25.51
CA PHE F 47 -19.89 -28.83 -24.46
C PHE F 47 -21.35 -28.40 -24.51
N LEU F 48 -21.97 -28.31 -23.33
CA LEU F 48 -23.37 -27.89 -23.23
C LEU F 48 -23.53 -26.57 -22.50
N ALA F 49 -23.06 -26.46 -21.26
CA ALA F 49 -23.32 -25.27 -20.45
C ALA F 49 -22.28 -25.20 -19.33
N ALA F 50 -22.16 -24.00 -18.75
CA ALA F 50 -21.22 -23.77 -17.66
C ALA F 50 -21.64 -22.52 -16.90
N MET F 51 -21.38 -22.52 -15.60
CA MET F 51 -21.65 -21.36 -14.75
C MET F 51 -20.47 -21.14 -13.82
N ASP F 52 -19.92 -19.93 -13.81
CA ASP F 52 -18.73 -19.63 -13.03
C ASP F 52 -19.12 -19.10 -11.65
N GLN F 53 -18.14 -18.57 -10.91
CA GLN F 53 -18.40 -18.06 -9.57
C GLN F 53 -19.32 -16.83 -9.60
N GLY F 54 -19.19 -15.99 -10.62
CA GLY F 54 -20.01 -14.80 -10.76
C GLY F 54 -21.40 -15.04 -11.33
N ARG F 55 -21.80 -16.31 -11.47
CA ARG F 55 -23.10 -16.72 -11.97
C ARG F 55 -23.30 -16.39 -13.44
N ILE F 56 -22.22 -16.22 -14.19
CA ILE F 56 -22.31 -16.00 -15.64
C ILE F 56 -22.60 -17.35 -16.30
N GLN F 57 -23.58 -17.36 -17.20
CA GLN F 57 -24.03 -18.58 -17.84
C GLN F 57 -23.53 -18.63 -19.28
N TYR F 58 -22.85 -19.71 -19.63
CA TYR F 58 -22.39 -19.96 -20.99
C TYR F 58 -23.11 -21.18 -21.54
N TYR F 59 -23.46 -21.13 -22.83
CA TYR F 59 -24.18 -22.23 -23.46
C TYR F 59 -23.57 -22.54 -24.81
N GLY F 60 -23.73 -23.78 -25.24
CA GLY F 60 -23.37 -24.16 -26.60
C GLY F 60 -24.35 -23.59 -27.61
N ASP F 61 -23.88 -23.45 -28.84
CA ASP F 61 -24.67 -22.83 -29.89
C ASP F 61 -25.84 -23.71 -30.35
N SER F 62 -25.89 -24.97 -29.93
CA SER F 62 -26.96 -25.88 -30.32
C SER F 62 -28.07 -26.00 -29.28
N VAL F 63 -27.76 -25.75 -28.00
CA VAL F 63 -28.71 -25.94 -26.92
C VAL F 63 -29.12 -24.62 -26.28
N ARG F 64 -28.77 -23.49 -26.90
CA ARG F 64 -29.13 -22.20 -26.34
C ARG F 64 -30.63 -21.97 -26.47
N GLY F 65 -31.26 -21.60 -25.36
CA GLY F 65 -32.69 -21.39 -25.32
C GLY F 65 -33.51 -22.62 -24.97
N ARG F 66 -32.88 -23.77 -24.80
CA ARG F 66 -33.58 -25.01 -24.44
C ARG F 66 -33.14 -25.59 -23.10
N PHE F 67 -31.84 -25.58 -22.81
CA PHE F 67 -31.31 -26.12 -21.56
C PHE F 67 -30.89 -24.98 -20.67
N THR F 68 -31.26 -25.05 -19.39
CA THR F 68 -30.97 -24.01 -18.41
C THR F 68 -30.11 -24.60 -17.30
N ILE F 69 -29.00 -23.93 -17.00
CA ILE F 69 -28.08 -24.35 -15.96
C ILE F 69 -28.27 -23.49 -14.73
N SER F 70 -27.98 -24.05 -13.57
CA SER F 70 -28.08 -23.33 -12.31
C SER F 70 -27.15 -23.99 -11.29
N ARG F 71 -26.86 -23.26 -10.22
CA ARG F 71 -26.02 -23.76 -9.15
C ARG F 71 -26.60 -23.38 -7.80
N ASP F 72 -26.61 -24.33 -6.88
CA ASP F 72 -27.00 -24.11 -5.49
C ASP F 72 -25.69 -24.09 -4.69
N TYR F 73 -25.15 -22.89 -4.49
CA TYR F 73 -23.82 -22.76 -3.90
C TYR F 73 -23.77 -23.26 -2.45
N ALA F 74 -24.89 -23.19 -1.73
CA ALA F 74 -24.90 -23.66 -0.34
C ALA F 74 -24.68 -25.17 -0.27
N LYS F 75 -25.35 -25.92 -1.14
CA LYS F 75 -25.24 -27.38 -1.13
C LYS F 75 -24.14 -27.91 -2.02
N ASN F 76 -23.43 -27.04 -2.75
CA ASN F 76 -22.31 -27.42 -3.60
C ASN F 76 -22.75 -28.43 -4.67
N SER F 77 -23.70 -27.99 -5.49
CA SER F 77 -24.28 -28.83 -6.53
C SER F 77 -24.48 -27.99 -7.79
N VAL F 78 -24.97 -28.65 -8.84
CA VAL F 78 -25.25 -28.00 -10.12
C VAL F 78 -26.34 -28.80 -10.82
N ASP F 79 -27.27 -28.08 -11.47
CA ASP F 79 -28.40 -28.71 -12.13
C ASP F 79 -28.47 -28.24 -13.59
N LEU F 80 -29.13 -29.06 -14.40
CA LEU F 80 -29.35 -28.74 -15.81
C LEU F 80 -30.78 -29.11 -16.16
N GLN F 81 -31.58 -28.12 -16.53
CA GLN F 81 -32.98 -28.33 -16.89
C GLN F 81 -33.08 -28.62 -18.38
N LEU F 82 -33.49 -29.83 -18.72
CA LEU F 82 -33.64 -30.25 -20.11
C LEU F 82 -35.11 -30.16 -20.51
N ASP F 83 -35.40 -29.30 -21.48
CA ASP F 83 -36.76 -29.11 -21.97
C ASP F 83 -36.78 -29.23 -23.48
N GLY F 84 -37.90 -29.74 -24.00
CA GLY F 84 -38.04 -29.93 -25.43
C GLY F 84 -37.04 -30.93 -25.99
N LEU F 85 -36.89 -32.07 -25.31
CA LEU F 85 -35.90 -33.05 -25.72
C LEU F 85 -36.27 -33.68 -27.06
N ARG F 86 -35.25 -34.10 -27.79
CA ARG F 86 -35.36 -34.67 -29.13
C ARG F 86 -34.55 -35.96 -29.19
N PRO F 87 -34.82 -36.83 -30.17
CA PRO F 87 -34.04 -38.07 -30.26
C PRO F 87 -32.54 -37.86 -30.37
N GLU F 88 -32.12 -36.75 -30.99
CA GLU F 88 -30.70 -36.43 -31.09
C GLU F 88 -30.07 -36.10 -29.74
N ASP F 89 -30.87 -35.91 -28.70
CA ASP F 89 -30.37 -35.60 -27.37
C ASP F 89 -30.10 -36.86 -26.53
N THR F 90 -30.20 -38.04 -27.13
CA THR F 90 -29.91 -39.29 -26.43
C THR F 90 -28.39 -39.48 -26.39
N ALA F 91 -27.83 -39.39 -25.20
CA ALA F 91 -26.38 -39.49 -25.01
C ALA F 91 -26.11 -39.68 -23.52
N VAL F 92 -24.84 -39.60 -23.14
CA VAL F 92 -24.42 -39.68 -21.74
C VAL F 92 -24.01 -38.29 -21.30
N TYR F 93 -24.73 -37.74 -20.33
CA TYR F 93 -24.47 -36.39 -19.83
C TYR F 93 -23.48 -36.46 -18.67
N TYR F 94 -22.45 -35.61 -18.74
CA TYR F 94 -21.36 -35.62 -17.78
C TYR F 94 -21.33 -34.33 -16.98
N CYS F 95 -20.81 -34.42 -15.76
CA CYS F 95 -20.64 -33.28 -14.87
C CYS F 95 -19.15 -33.08 -14.64
N ALA F 96 -18.69 -31.84 -14.75
CA ALA F 96 -17.27 -31.54 -14.63
C ALA F 96 -17.07 -30.28 -13.80
N ALA F 97 -15.89 -30.19 -13.18
CA ALA F 97 -15.48 -29.02 -12.43
C ALA F 97 -14.04 -28.68 -12.78
N GLY F 98 -13.74 -27.39 -12.92
CA GLY F 98 -12.40 -26.99 -13.28
C GLY F 98 -12.22 -25.50 -13.12
N ALA F 99 -11.00 -25.05 -13.38
CA ALA F 99 -10.66 -23.63 -13.31
C ALA F 99 -10.77 -22.93 -14.66
N GLY F 100 -11.07 -23.66 -15.72
CA GLY F 100 -11.20 -23.06 -17.04
C GLY F 100 -9.93 -22.48 -17.61
N PHE F 101 -8.79 -23.12 -17.35
CA PHE F 101 -7.53 -22.65 -17.91
C PHE F 101 -7.45 -23.00 -19.39
N TRP F 102 -7.11 -22.02 -20.22
CA TRP F 102 -7.04 -22.15 -21.68
C TRP F 102 -8.41 -22.45 -22.29
N GLY F 103 -9.49 -22.08 -21.60
CA GLY F 103 -10.80 -22.22 -22.23
C GLY F 103 -11.74 -23.10 -21.42
N LEU F 104 -12.90 -22.52 -21.09
CA LEU F 104 -13.92 -23.24 -20.35
C LEU F 104 -14.81 -24.12 -21.23
N ARG F 105 -14.73 -23.96 -22.55
CA ARG F 105 -15.51 -24.77 -23.48
C ARG F 105 -14.77 -26.03 -23.91
N THR F 106 -13.52 -26.21 -23.52
CA THR F 106 -12.75 -27.40 -23.87
C THR F 106 -12.77 -28.37 -22.70
N ALA F 107 -13.01 -29.65 -23.00
CA ALA F 107 -13.10 -30.66 -21.96
C ALA F 107 -11.75 -30.94 -21.30
N SER F 108 -10.64 -30.65 -21.98
CA SER F 108 -9.32 -30.97 -21.47
C SER F 108 -8.82 -29.98 -20.41
N SER F 109 -9.69 -29.14 -19.87
CA SER F 109 -9.30 -28.17 -18.84
C SER F 109 -10.03 -28.38 -17.53
N TYR F 110 -10.68 -29.52 -17.34
CA TYR F 110 -11.46 -29.80 -16.13
C TYR F 110 -10.78 -30.90 -15.32
N HIS F 111 -10.54 -30.62 -14.04
CA HIS F 111 -9.81 -31.56 -13.20
C HIS F 111 -10.68 -32.76 -12.82
N TYR F 112 -11.94 -32.51 -12.48
CA TYR F 112 -12.84 -33.55 -11.99
C TYR F 112 -13.94 -33.83 -13.00
N TRP F 113 -14.28 -35.10 -13.17
CA TRP F 113 -15.33 -35.52 -14.07
C TRP F 113 -16.27 -36.48 -13.34
N GLY F 114 -17.53 -36.45 -13.74
CA GLY F 114 -18.51 -37.37 -13.19
C GLY F 114 -18.46 -38.73 -13.85
N GLN F 115 -19.25 -39.65 -13.31
CA GLN F 115 -19.32 -41.00 -13.84
C GLN F 115 -20.34 -41.15 -14.95
N GLY F 116 -21.11 -40.10 -15.25
CA GLY F 116 -22.05 -40.13 -16.35
C GLY F 116 -23.44 -40.60 -15.92
N THR F 117 -24.42 -40.30 -16.77
CA THR F 117 -25.80 -40.71 -16.55
C THR F 117 -26.51 -40.75 -17.89
N GLN F 118 -26.95 -41.94 -18.29
CA GLN F 118 -27.58 -42.10 -19.59
C GLN F 118 -28.94 -41.41 -19.61
N VAL F 119 -29.16 -40.59 -20.63
CA VAL F 119 -30.46 -39.97 -20.89
C VAL F 119 -30.94 -40.47 -22.24
N THR F 120 -32.11 -41.12 -22.25
CA THR F 120 -32.66 -41.72 -23.46
C THR F 120 -33.93 -40.99 -23.85
N VAL F 121 -34.04 -40.61 -25.12
CA VAL F 121 -35.22 -39.97 -25.67
C VAL F 121 -35.82 -40.91 -26.71
N SER F 122 -37.11 -41.19 -26.56
CA SER F 122 -37.82 -42.12 -27.43
C SER F 122 -38.84 -41.37 -28.27
N SER F 123 -38.83 -41.62 -29.57
CA SER F 123 -39.79 -40.98 -30.48
C SER F 123 -40.54 -42.03 -31.29
C1 NAG G . -9.77 15.57 -15.16
C2 NAG G . -9.45 17.07 -15.05
C3 NAG G . -9.46 17.51 -13.60
C4 NAG G . -10.77 17.13 -12.93
C5 NAG G . -11.01 15.63 -13.10
C6 NAG G . -12.34 15.16 -12.56
C7 NAG G . -8.04 17.90 -16.89
C8 NAG G . -6.64 18.15 -17.36
N2 NAG G . -8.17 17.36 -15.67
O3 NAG G . -9.28 18.93 -13.54
O4 NAG G . -10.69 17.44 -11.54
O5 NAG G . -11.01 15.30 -14.50
O6 NAG G . -12.53 13.77 -12.78
O7 NAG G . -9.02 18.18 -17.58
C1 NAG G . -11.80 18.25 -11.07
C2 NAG G . -11.85 18.13 -9.55
C3 NAG G . -12.98 18.97 -8.99
C4 NAG G . -12.87 20.41 -9.48
C5 NAG G . -12.77 20.44 -11.00
C6 NAG G . -12.53 21.83 -11.56
C7 NAG G . -10.95 15.91 -8.97
C8 NAG G . -11.28 14.51 -8.56
N2 NAG G . -12.00 16.74 -9.15
O3 NAG G . -12.94 18.94 -7.57
O4 NAG G . -14.05 21.12 -9.10
O5 NAG G . -11.67 19.62 -11.44
O6 NAG G . -12.51 21.82 -12.98
O7 NAG G . -9.79 16.28 -9.14
C1 BMA G . -13.78 22.26 -8.25
C2 BMA G . -15.03 23.12 -8.29
C3 BMA G . -14.90 24.33 -7.36
C4 BMA G . -14.49 23.89 -5.97
C5 BMA G . -13.25 23.00 -6.04
C6 BMA G . -12.86 22.45 -4.68
O2 BMA G . -16.17 22.35 -7.92
O3 BMA G . -16.16 24.99 -7.30
O4 BMA G . -14.22 25.02 -5.15
O5 BMA G . -13.50 21.88 -6.90
O6 BMA G . -11.93 21.38 -4.81
C1 MAN G . -16.07 26.42 -7.39
C2 MAN G . -17.45 26.97 -7.05
C3 MAN G . -18.44 26.51 -8.11
C4 MAN G . -17.96 26.95 -9.49
C5 MAN G . -16.55 26.45 -9.74
C6 MAN G . -15.96 26.97 -11.03
O2 MAN G . -17.44 28.38 -7.01
O3 MAN G . -19.73 27.04 -7.84
O4 MAN G . -18.83 26.44 -10.50
O5 MAN G . -15.68 26.88 -8.69
O6 MAN G . -15.87 28.39 -11.00
C1 MAN G . -16.35 28.95 -6.25
C2 MAN G . -16.45 30.46 -6.26
C3 MAN G . -15.22 31.05 -5.59
C4 MAN G . -15.11 30.50 -4.17
C5 MAN G . -15.12 28.97 -4.20
C6 MAN G . -15.16 28.37 -2.81
O2 MAN G . -17.60 30.87 -5.55
O3 MAN G . -15.32 32.47 -5.55
O4 MAN G . -13.91 30.95 -3.56
O5 MAN G . -16.29 28.49 -4.89
O6 MAN G . -14.14 28.91 -1.99
C1 MAN G . -18.72 31.13 -6.42
C2 MAN G . -19.84 31.77 -5.62
C3 MAN G . -21.04 32.01 -6.51
C4 MAN G . -20.64 32.83 -7.74
C5 MAN G . -19.48 32.14 -8.45
C6 MAN G . -18.94 32.95 -9.62
O2 MAN G . -19.39 32.99 -5.07
O3 MAN G . -22.06 32.70 -5.78
O4 MAN G . -21.74 32.93 -8.63
O5 MAN G . -18.39 31.96 -7.54
O6 MAN G . -18.44 34.20 -9.19
C1 MAN G . -11.77 20.76 -3.51
C2 MAN G . -10.65 19.74 -3.59
C3 MAN G . -11.03 18.59 -4.52
C4 MAN G . -12.35 17.99 -4.09
C5 MAN G . -13.42 19.08 -4.00
C6 MAN G . -14.75 18.60 -3.48
O2 MAN G . -10.37 19.23 -2.28
O3 MAN G . -10.00 17.61 -4.54
O4 MAN G . -12.78 17.00 -5.03
O5 MAN G . -12.98 20.11 -3.11
O6 MAN G . -15.71 19.65 -3.51
C1 MAN G . -16.57 19.55 -2.35
C2 MAN G . -18.00 19.65 -2.84
C3 MAN G . -18.24 21.01 -3.46
C4 MAN G . -17.91 22.11 -2.46
C5 MAN G . -16.48 21.93 -1.96
C6 MAN G . -16.13 22.89 -0.85
O2 MAN G . -18.88 19.46 -1.74
O3 MAN G . -19.60 21.13 -3.88
O4 MAN G . -18.04 23.39 -3.07
O5 MAN G . -16.31 20.60 -1.42
O6 MAN G . -14.82 22.67 -0.36
C1 MAN G . -19.84 18.43 -2.05
C2 MAN G . -21.24 19.03 -1.87
C3 MAN G . -21.47 19.40 -0.41
C4 MAN G . -21.19 18.21 0.50
C5 MAN G . -19.80 17.64 0.22
C6 MAN G . -19.50 16.38 0.99
O2 MAN G . -22.21 18.08 -2.30
O3 MAN G . -22.81 19.85 -0.23
O4 MAN G . -21.27 18.60 1.86
O5 MAN G . -19.68 17.31 -1.18
O6 MAN G . -18.19 15.90 0.72
C1 MAN G . -9.47 17.56 -5.89
C2 MAN G . -8.66 16.27 -6.04
C3 MAN G . -7.41 16.32 -5.17
C4 MAN G . -6.61 17.57 -5.49
C5 MAN G . -7.50 18.80 -5.32
C6 MAN G . -6.80 20.09 -5.71
O2 MAN G . -8.30 16.09 -7.40
O3 MAN G . -6.62 15.17 -5.39
O4 MAN G . -5.50 17.68 -4.60
O5 MAN G . -8.65 18.69 -6.18
O6 MAN G . -7.65 21.21 -5.51
C1 NAG H . 6.52 39.41 -27.57
C2 NAG H . 7.75 40.27 -27.31
C3 NAG H . 8.70 40.22 -28.52
C4 NAG H . 9.03 38.77 -28.86
C5 NAG H . 7.75 37.98 -29.06
C6 NAG H . 7.99 36.51 -29.30
C7 NAG H . 7.47 42.19 -25.82
C8 NAG H . 7.02 43.62 -25.70
N2 NAG H . 7.36 41.64 -27.03
O3 NAG H . 9.88 40.95 -28.22
O4 NAG H . 9.81 38.73 -30.05
O5 NAG H . 6.94 38.07 -27.88
O6 NAG H . 8.67 35.91 -28.20
O7 NAG H . 7.89 41.56 -24.85
C1 NAG H . 11.12 38.18 -29.77
C2 NAG H . 11.55 37.35 -30.97
C3 NAG H . 12.94 36.77 -30.73
C4 NAG H . 13.92 37.89 -30.40
C5 NAG H . 13.40 38.70 -29.22
C6 NAG H . 14.26 39.90 -28.91
C7 NAG H . 10.11 36.03 -32.46
C8 NAG H . 9.13 34.89 -32.55
N2 NAG H . 10.59 36.28 -31.24
O3 NAG H . 13.37 36.07 -31.90
O4 NAG H . 15.19 37.34 -30.07
O5 NAG H . 12.09 39.21 -29.53
O6 NAG H . 14.38 40.77 -30.03
O7 NAG H . 10.45 36.68 -33.44
C1 NAG I . 15.08 3.85 -26.72
C2 NAG I . 16.15 4.71 -27.38
C3 NAG I . 15.56 5.47 -28.56
C4 NAG I . 14.85 4.51 -29.51
C5 NAG I . 13.86 3.64 -28.77
C6 NAG I . 13.26 2.56 -29.63
C7 NAG I . 18.00 6.02 -26.46
C8 NAG I . 18.44 6.99 -25.40
N2 NAG I . 16.73 5.64 -26.42
O3 NAG I . 16.61 6.15 -29.26
O4 NAG I . 14.10 5.28 -30.46
O5 NAG I . 14.52 2.96 -27.68
O6 NAG I . 14.26 1.69 -30.13
O7 NAG I . 18.78 5.59 -27.30
C1 NAG I . 14.60 5.15 -31.81
C2 NAG I . 13.41 5.37 -32.76
C3 NAG I . 13.87 5.31 -34.20
C4 NAG I . 15.01 6.30 -34.43
C5 NAG I . 16.12 6.02 -33.43
C6 NAG I . 17.27 7.01 -33.52
C7 NAG I . 11.14 4.69 -32.07
C8 NAG I . 10.20 3.54 -31.88
N2 NAG I . 12.37 4.38 -32.51
O3 NAG I . 12.77 5.64 -35.06
O4 NAG I . 15.51 6.16 -35.75
O5 NAG I . 15.62 6.11 -32.09
O6 NAG I . 16.81 8.34 -33.25
O7 NAG I . 10.81 5.85 -31.85
C1 BMA I . 15.38 7.41 -36.47
C2 BMA I . 16.30 7.34 -37.68
C3 BMA I . 16.19 8.62 -38.50
C4 BMA I . 14.74 8.89 -38.88
C5 BMA I . 13.86 8.87 -37.63
C6 BMA I . 12.39 8.98 -37.95
O2 BMA I . 15.96 6.22 -38.49
O3 BMA I . 16.97 8.50 -39.70
O4 BMA I . 14.62 10.16 -39.52
O5 BMA I . 14.04 7.64 -36.92
O6 BMA I . 12.06 8.03 -38.95
C1 MAN I . 10.72 8.23 -39.46
C2 MAN I . 10.44 7.03 -40.36
C3 MAN I . 11.39 7.04 -41.54
C4 MAN I . 11.28 8.36 -42.30
C5 MAN I . 11.49 9.52 -41.35
C6 MAN I . 11.23 10.87 -42.00
O2 MAN I . 9.10 7.08 -40.81
O3 MAN I . 11.14 5.93 -42.41
O4 MAN I . 12.25 8.41 -43.34
O5 MAN I . 10.60 9.43 -40.23
O6 MAN I . 12.07 11.06 -43.14
C1 MAN I . 11.49 4.73 -41.70
C2 MAN I . 12.62 4.02 -42.45
C3 MAN I . 12.13 3.56 -43.82
C4 MAN I . 10.86 2.72 -43.68
C5 MAN I . 9.82 3.50 -42.88
C6 MAN I . 8.56 2.70 -42.61
O2 MAN I . 13.07 2.91 -41.68
O3 MAN I . 13.15 2.81 -44.46
O4 MAN I . 10.35 2.41 -44.96
O5 MAN I . 10.36 3.86 -41.60
O6 MAN I . 7.62 3.47 -41.87
C1 MAN I . 18.27 9.09 -39.48
C2 MAN I . 18.42 10.29 -40.41
C3 MAN I . 18.42 9.82 -41.86
C4 MAN I . 19.48 8.76 -42.08
C5 MAN I . 19.29 7.62 -41.08
C6 MAN I . 20.39 6.58 -41.16
O2 MAN I . 19.64 10.97 -40.12
O3 MAN I . 18.65 10.93 -42.73
O4 MAN I . 19.40 8.24 -43.40
O5 MAN I . 19.31 8.15 -39.74
O6 MAN I . 20.43 5.97 -42.43
C1 NAG J . 13.88 38.44 4.45
C2 NAG J . 15.20 38.64 5.21
C3 NAG J . 15.20 40.01 5.89
C4 NAG J . 14.87 41.12 4.91
C5 NAG J . 13.56 40.79 4.18
C6 NAG J . 13.19 41.78 3.10
C7 NAG J . 16.52 36.86 6.27
C8 NAG J . 17.60 37.20 5.28
N2 NAG J . 15.40 37.58 6.18
O3 NAG J . 16.48 40.24 6.48
O4 NAG J . 14.73 42.34 5.62
O5 NAG J . 13.68 39.52 3.54
O6 NAG J . 14.21 41.87 2.12
O7 NAG J . 16.66 36.00 7.13
C1 NAG J . 15.41 43.45 4.95
C2 NAG J . 15.19 44.71 5.79
C3 NAG J . 15.87 45.90 5.12
C4 NAG J . 17.34 45.58 4.90
C5 NAG J . 17.49 44.28 4.12
C6 NAG J . 18.92 43.85 3.95
C7 NAG J . 13.12 44.80 7.13
C8 NAG J . 13.96 44.31 8.28
N2 NAG J . 13.76 44.96 5.96
O3 NAG J . 15.73 47.05 5.94
O4 NAG J . 17.96 46.63 4.16
O5 NAG J . 16.81 43.22 4.82
O6 NAG J . 19.03 42.65 3.19
O7 NAG J . 11.93 45.02 7.25
C1 NAG K . -21.33 14.77 -3.37
C2 NAG K . -20.41 15.21 -4.50
C3 NAG K . -21.10 16.28 -5.34
C4 NAG K . -22.46 15.80 -5.82
C5 NAG K . -23.29 15.33 -4.63
C6 NAG K . -24.62 14.73 -5.03
C7 NAG K . -18.06 14.89 -3.88
C8 NAG K . -16.82 15.54 -3.32
N2 NAG K . -19.14 15.68 -3.98
O3 NAG K . -20.26 16.60 -6.46
O4 NAG K . -23.14 16.87 -6.45
O5 NAG K . -22.58 14.31 -3.90
O6 NAG K . -25.37 14.31 -3.90
O7 NAG K . -18.07 13.72 -4.21
C1 NAG K . -23.30 16.65 -7.86
C2 NAG K . -24.61 17.31 -8.30
C3 NAG K . -24.80 17.18 -9.81
C4 NAG K . -23.58 17.72 -10.54
C5 NAG K . -22.33 17.01 -10.03
C6 NAG K . -21.05 17.54 -10.64
C7 NAG K . -26.88 17.39 -7.37
C8 NAG K . -27.93 16.64 -6.61
N2 NAG K . -25.74 16.73 -7.58
O3 NAG K . -25.96 17.88 -10.21
O4 NAG K . -23.72 17.52 -11.94
O5 NAG K . -22.21 17.21 -8.61
O6 NAG K . -19.91 16.83 -10.16
O7 NAG K . -27.05 18.54 -7.76
C1 BMA K . -23.66 18.80 -12.61
C2 BMA K . -22.97 18.58 -13.96
C3 BMA K . -22.89 19.90 -14.72
C4 BMA K . -24.26 20.55 -14.83
C5 BMA K . -24.90 20.66 -13.45
C6 BMA K . -26.32 21.18 -13.51
O2 BMA K . -23.70 17.63 -14.72
O3 BMA K . -22.34 19.68 -16.02
O4 BMA K . -24.14 21.84 -15.42
O5 BMA K . -24.95 19.37 -12.83
O6 BMA K . -27.06 20.54 -14.54
C1 MAN K . -20.90 19.76 -15.96
C2 MAN K . -20.43 20.80 -16.96
C3 MAN K . -20.75 20.36 -18.38
C4 MAN K . -20.16 18.97 -18.65
C5 MAN K . -20.65 18.00 -17.58
C6 MAN K . -20.02 16.63 -17.69
O2 MAN K . -19.04 21.02 -16.81
O3 MAN K . -20.23 21.30 -19.32
O4 MAN K . -20.57 18.50 -19.92
O5 MAN K . -20.30 18.49 -16.27
O6 MAN K . -20.49 15.74 -16.69
C1 MAN K . -28.45 20.44 -14.14
C2 MAN K . -29.07 19.27 -14.90
C3 MAN K . -29.09 19.57 -16.38
C4 MAN K . -29.79 20.90 -16.65
C5 MAN K . -29.14 22.00 -15.82
C6 MAN K . -29.86 23.33 -15.94
O2 MAN K . -30.38 19.02 -14.41
O3 MAN K . -29.77 18.52 -17.09
O4 MAN K . -29.70 21.24 -18.03
O5 MAN K . -29.17 21.64 -14.43
O6 MAN K . -31.23 23.22 -15.56
C1 NAG L . -41.95 -4.52 -14.88
C2 NAG L . -42.39 -5.69 -15.76
C3 NAG L . -43.32 -6.61 -14.99
C4 NAG L . -42.65 -7.06 -13.68
C5 NAG L . -42.20 -5.82 -12.89
C6 NAG L . -41.43 -6.19 -11.64
C7 NAG L . -42.69 -5.63 -18.20
C8 NAG L . -43.46 -5.06 -19.34
N2 NAG L . -43.04 -5.22 -16.97
O3 NAG L . -43.64 -7.76 -15.78
O4 NAG L . -43.58 -7.80 -12.90
O5 NAG L . -41.33 -5.02 -13.70
O6 NAG L . -40.24 -6.90 -11.98
O7 NAG L . -41.77 -6.44 -18.37
C1 NAG L . -43.17 -9.18 -12.86
C2 NAG L . -43.76 -9.82 -11.60
C3 NAG L . -43.40 -11.30 -11.56
C4 NAG L . -43.83 -11.99 -12.83
C5 NAG L . -43.25 -11.26 -14.04
C6 NAG L . -43.73 -11.82 -15.37
C7 NAG L . -44.13 -8.62 -9.49
C8 NAG L . -43.48 -7.94 -8.33
N2 NAG L . -43.30 -9.14 -10.41
O3 NAG L . -44.03 -11.90 -10.43
O4 NAG L . -43.39 -13.34 -12.85
O5 NAG L . -43.64 -9.88 -14.01
O6 NAG L . -45.14 -11.69 -15.50
O7 NAG L . -45.35 -8.69 -9.62
C1 NAG M . -23.27 -9.22 15.80
C2 NAG M . -24.31 -10.31 15.60
C3 NAG M . -25.71 -9.71 15.50
C4 NAG M . -25.99 -8.81 16.71
C5 NAG M . -24.87 -7.79 16.86
C6 NAG M . -25.02 -6.95 18.11
C7 NAG M . -24.26 -12.40 14.31
C8 NAG M . -23.91 -13.05 13.00
N2 NAG M . -24.02 -11.10 14.41
O3 NAG M . -26.67 -10.75 15.44
O4 NAG M . -27.21 -8.10 16.49
O5 NAG M . -23.61 -8.46 16.96
O6 NAG M . -24.99 -7.76 19.28
O7 NAG M . -24.74 -13.04 15.24
C1 NAG M . -28.28 -8.56 17.34
C2 NAG M . -29.28 -7.40 17.47
C3 NAG M . -30.47 -7.84 18.31
C4 NAG M . -31.09 -9.09 17.73
C5 NAG M . -30.03 -10.17 17.61
C6 NAG M . -30.53 -11.44 16.94
C7 NAG M . -28.67 -5.03 17.49
C8 NAG M . -27.97 -3.93 18.23
N2 NAG M . -28.64 -6.24 18.05
O3 NAG M . -31.43 -6.78 18.34
O4 NAG M . -32.13 -9.55 18.59
O5 NAG M . -28.94 -9.70 16.79
O6 NAG M . -31.04 -11.16 15.65
O7 NAG M . -29.24 -4.83 16.41
C1 BMA M . -33.40 -9.54 17.89
C2 BMA M . -34.40 -10.30 18.77
C3 BMA M . -35.77 -10.32 18.12
C4 BMA M . -36.22 -8.90 17.77
C5 BMA M . -35.14 -8.19 16.95
C6 BMA M . -35.47 -6.74 16.70
O2 BMA M . -34.47 -9.68 20.05
O3 BMA M . -36.72 -10.92 18.99
O4 BMA M . -37.43 -8.93 17.01
O5 BMA M . -33.89 -8.21 17.66
O6 BMA M . -36.02 -6.14 17.87
C1 MAN M . -36.01 -4.71 17.75
C2 MAN M . -35.71 -4.14 19.13
C3 MAN M . -36.84 -4.48 20.10
C4 MAN M . -38.17 -4.00 19.53
C5 MAN M . -38.38 -4.58 18.13
C6 MAN M . -39.63 -4.07 17.46
O2 MAN M . -35.55 -2.73 19.04
O3 MAN M . -36.58 -3.91 21.37
O4 MAN M . -39.25 -4.43 20.35
O5 MAN M . -37.27 -4.22 17.28
O6 MAN M . -39.81 -4.68 16.18
C1 MAN M . -36.98 -4.86 22.39
C2 MAN M . -37.88 -4.12 23.38
C3 MAN M . -37.07 -3.08 24.13
C4 MAN M . -35.86 -3.71 24.80
C5 MAN M . -35.04 -4.45 23.76
C6 MAN M . -33.89 -5.22 24.37
O2 MAN M . -38.44 -5.06 24.29
O3 MAN M . -37.89 -2.44 25.11
O4 MAN M . -35.06 -2.71 25.41
O5 MAN M . -35.86 -5.43 23.07
O6 MAN M . -33.03 -4.38 25.13
C1 MAN M . -36.62 -12.35 18.86
C2 MAN M . -38.02 -12.93 18.69
C3 MAN M . -38.84 -12.69 19.95
C4 MAN M . -38.11 -13.24 21.17
C5 MAN M . -36.70 -12.65 21.25
C6 MAN M . -35.87 -13.24 22.36
O2 MAN M . -37.92 -14.32 18.42
O3 MAN M . -40.12 -13.30 19.82
O4 MAN M . -38.83 -12.90 22.36
O5 MAN M . -36.00 -12.93 20.03
O6 MAN M . -34.57 -12.69 22.39
C1 D10 N . 25.69 -37.68 0.68
C2 D10 N . 26.82 -37.36 1.64
C3 D10 N . 28.16 -37.93 1.19
C4 D10 N . 29.30 -37.70 2.16
C5 D10 N . 30.60 -38.36 1.74
C6 D10 N . 31.72 -38.23 2.76
C7 D10 N . 33.01 -38.91 2.34
C8 D10 N . 32.85 -40.37 1.98
C9 D10 N . 34.13 -41.05 1.53
C10 D10 N . 33.92 -42.47 1.11
C1 D10 O . 43.14 -18.16 1.83
C2 D10 O . 43.07 -17.55 3.22
C3 D10 O . 43.87 -18.32 4.25
C4 D10 O . 43.95 -17.66 5.60
C5 D10 O . 44.87 -18.37 6.58
C6 D10 O . 46.24 -18.66 6.00
C7 D10 O . 47.23 -19.26 6.99
C8 D10 O . 48.53 -19.69 6.35
C9 D10 O . 49.20 -18.61 5.52
C10 D10 O . 50.45 -19.11 4.83
CL CL P . 12.03 14.20 10.95
C1 D10 Q . 40.70 -6.24 25.62
C2 D10 Q . 40.47 -7.71 25.88
C3 D10 Q . 40.89 -8.14 27.26
C4 D10 Q . 40.68 -9.63 27.53
C5 D10 Q . 41.08 -10.07 28.94
C6 D10 Q . 42.54 -9.81 29.25
C7 D10 Q . 42.95 -10.23 30.65
C8 D10 Q . 44.37 -9.87 31.02
C9 D10 Q . 44.76 -10.23 32.44
C10 D10 Q . 46.17 -9.80 32.79
C1 D10 R . 21.49 -16.74 38.24
C2 D10 R . 22.15 -17.97 37.65
C3 D10 R . 22.03 -19.20 38.54
C4 D10 R . 22.71 -20.44 37.98
C5 D10 R . 22.62 -21.65 38.88
C6 D10 R . 23.42 -22.84 38.39
C7 D10 R . 23.35 -24.05 39.31
C8 D10 R . 23.84 -23.77 40.72
C9 D10 R . 23.81 -24.99 41.63
C10 D10 R . 24.25 -24.69 43.04
C1 D10 S . 13.44 -37.20 22.75
C2 D10 S . 14.93 -37.42 22.59
C3 D10 S . 15.31 -38.86 22.29
C4 D10 S . 16.80 -39.06 22.12
C5 D10 S . 17.20 -40.49 21.77
C6 D10 S . 16.86 -41.51 22.84
C7 D10 S . 17.30 -42.92 22.49
C8 D10 S . 16.95 -43.95 23.56
C9 D10 S . 17.32 -45.38 23.18
C10 D10 S . 16.93 -46.38 24.25
#